data_5GZZ
#
_entry.id   5GZZ
#
_cell.length_a   57.274
_cell.length_b   91.802
_cell.length_c   91.728
_cell.angle_alpha   89.990
_cell.angle_beta   89.990
_cell.angle_gamma   89.930
#
_symmetry.space_group_name_H-M   'P 1'
#
loop_
_entity.id
_entity.type
_entity.pdbx_description
1 polymer 'Jasmonic acid-amido synthetase JAR1'
2 polymer 'Glutathione S-transferase class-mu 26 kDa isozyme'
3 non-polymer '{(1R,2R)-3-oxo-2-[(2Z)-pent-2-en-1-yl]cyclopentyl}acetic acid'
4 non-polymer GLUTATHIONE
5 water water
#
loop_
_entity_poly.entity_id
_entity_poly.type
_entity_poly.pdbx_seq_one_letter_code
_entity_poly.pdbx_strand_id
1 'polypeptide(L)'
;MLEKVETFDMNRVIDEFDEMTRNAHQVQKQTLKEILLKNQSAIYLQNCGLNGNATDPEEAFKSMVPLVTDVELEPYIKRM
VDGDTSPILTGHPVPAISLSSGTSQGRPKFIPFTDELMENTLQLFRTAFAFRNRDFPIDDNGKALQFIFSSKQYISTGGV
PVGTATTNVYRNPNFKAGMKSITSPSCSPDEVIFSPDVHQALYCHLLSGILFRDQVQYVFAVFAHGLVHAFRTFEQVWEE
IVTDIKDGVLSNRITVPSVRTAMSKLLTPNPELAETIRTKCMSLSNWYGLIPALFPNAKYVYGIMTGSMEPYVPKLRHYA
GDLPLVSHDYGSSEGWIAANVTPRLSPEEATFAVIPNLGYFEFLPVSETGEGEEKPVGLTQVKIGEEYEVVITNYAGLYR
YRLGDVVKVIGFYNNTPQLKFICRRNLILSINIDKNTERDLQLSVESAAKRLSEEKIEVIDFSSYIDVSTDPGHYAIFWE
ISGETNEDVLQDCCNCLDRAFIDAGYVSSRKCKTIGALELRVVAKGTFRKIQEHFLGLGSSAGQFKMPRCVKPSNAKVLQ
ILCENVVSSYFSTAF
;
A
2 'polypeptide(L)'
;MSPILGYWKIKGLVQPTRLLLEYLEEKYEEHLYERDEGDKWRNKKFELGLEFPNLPYYIDGDVKLTQSMAIIRYIADKHN
MLGGCPKERAEISMLEGAVLDIRYGVSRIAYSKDFETLKVDFLSKLPEMLKMFEDRLCHKTYLNGDHVTHPDFMLYDALD
VVLYMDPMCLDAFPKLVCFKKRIEAIPQIDKYLKSSKYIAWPLQGWQATFGGGDHPPK
;
B,C,D,E,F,G
#
loop_
_chem_comp.id
_chem_comp.type
_chem_comp.name
_chem_comp.formula
GSH non-polymer GLUTATHIONE 'C10 H17 N3 O6 S'
JAA non-polymer '{(1R,2R)-3-oxo-2-[(2Z)-pent-2-en-1-yl]cyclopentyl}acetic acid' 'C12 H18 O3'
#
# COMPACT_ATOMS: atom_id res chain seq x y z
N THR A 7 24.95 -12.22 -5.65
CA THR A 7 25.89 -12.16 -4.54
C THR A 7 26.93 -11.07 -4.76
N PHE A 8 26.72 -9.94 -4.11
CA PHE A 8 27.52 -8.75 -4.33
C PHE A 8 28.94 -8.78 -3.77
N ASP A 9 29.89 -8.46 -4.64
CA ASP A 9 31.28 -8.22 -4.29
C ASP A 9 31.56 -6.80 -4.73
N MET A 10 32.08 -5.97 -3.83
CA MET A 10 32.22 -4.55 -4.14
C MET A 10 33.08 -4.28 -5.35
N ASN A 11 34.31 -4.78 -5.34
CA ASN A 11 35.17 -4.58 -6.50
C ASN A 11 34.77 -5.43 -7.71
N ARG A 12 34.06 -6.54 -7.49
CA ARG A 12 33.67 -7.37 -8.63
C ARG A 12 32.57 -6.72 -9.46
N VAL A 13 31.64 -6.04 -8.80
CA VAL A 13 30.58 -5.36 -9.54
C VAL A 13 31.16 -4.17 -10.32
N ILE A 14 32.12 -3.46 -9.72
CA ILE A 14 32.77 -2.36 -10.42
C ILE A 14 33.61 -2.92 -11.56
N ASP A 15 34.09 -4.15 -11.38
CA ASP A 15 34.88 -4.82 -12.41
C ASP A 15 34.05 -5.08 -13.65
N GLU A 16 32.85 -5.58 -13.44
CA GLU A 16 31.93 -5.86 -14.54
C GLU A 16 31.67 -4.56 -15.28
N PHE A 17 31.54 -3.47 -14.53
CA PHE A 17 31.35 -2.13 -15.11
C PHE A 17 32.60 -1.63 -15.83
N ASP A 18 33.77 -1.87 -15.23
CA ASP A 18 35.03 -1.34 -15.75
C ASP A 18 35.43 -2.02 -17.06
N GLU A 19 35.43 -3.35 -17.06
CA GLU A 19 35.68 -4.14 -18.26
C GLU A 19 34.65 -3.76 -19.34
N MET A 20 33.42 -3.58 -18.90
CA MET A 20 32.29 -3.19 -19.77
C MET A 20 32.49 -1.86 -20.47
N THR A 21 32.98 -0.86 -19.73
CA THR A 21 33.22 0.45 -20.30
C THR A 21 34.30 0.36 -21.37
N ARG A 22 35.26 -0.53 -21.16
CA ARG A 22 36.34 -0.74 -22.12
C ARG A 22 35.82 -1.45 -23.37
N ASN A 23 34.91 -2.39 -23.18
CA ASN A 23 34.34 -3.14 -24.29
C ASN A 23 32.96 -2.63 -24.67
N ALA A 24 32.76 -1.32 -24.58
CA ALA A 24 31.45 -0.71 -24.76
C ALA A 24 30.90 -0.89 -26.17
N HIS A 25 31.71 -0.62 -27.19
CA HIS A 25 31.26 -0.75 -28.57
C HIS A 25 30.77 -2.16 -28.89
N GLN A 26 31.58 -3.17 -28.58
CA GLN A 26 31.20 -4.55 -28.84
C GLN A 26 29.96 -4.91 -28.03
N VAL A 27 29.98 -4.60 -26.75
CA VAL A 27 28.87 -4.95 -25.86
C VAL A 27 27.57 -4.29 -26.31
N GLN A 28 27.66 -3.08 -26.85
CA GLN A 28 26.47 -2.31 -27.21
C GLN A 28 25.80 -2.85 -28.47
N LYS A 29 26.60 -3.18 -29.48
CA LYS A 29 26.02 -3.72 -30.71
C LYS A 29 25.39 -5.07 -30.39
N GLN A 30 25.97 -5.79 -29.44
CA GLN A 30 25.38 -7.03 -28.94
C GLN A 30 24.06 -6.78 -28.25
N THR A 31 23.98 -5.69 -27.48
CA THR A 31 22.74 -5.34 -26.81
C THR A 31 21.74 -4.73 -27.79
N LEU A 32 22.26 -4.04 -28.79
CA LEU A 32 21.43 -3.63 -29.91
C LEU A 32 20.86 -4.92 -30.50
N LYS A 33 21.73 -5.90 -30.73
CA LYS A 33 21.29 -7.20 -31.23
C LYS A 33 20.29 -7.84 -30.29
N GLU A 34 20.50 -7.65 -28.99
CA GLU A 34 19.65 -8.24 -27.96
C GLU A 34 18.21 -7.73 -28.03
N ILE A 35 18.04 -6.41 -28.00
CA ILE A 35 16.71 -5.83 -28.10
C ILE A 35 16.10 -6.20 -29.45
N LEU A 36 16.93 -6.25 -30.48
CA LEU A 36 16.49 -6.59 -31.82
C LEU A 36 16.03 -8.03 -31.87
N LEU A 37 16.77 -8.91 -31.21
CA LEU A 37 16.39 -10.31 -31.07
C LEU A 37 15.21 -10.46 -30.12
N LYS A 38 15.12 -9.58 -29.16
CA LYS A 38 14.02 -9.67 -28.22
C LYS A 38 12.80 -8.89 -28.71
N ASN A 39 12.92 -7.58 -28.90
CA ASN A 39 11.79 -6.80 -29.41
C ASN A 39 11.71 -7.01 -30.90
N GLN A 40 10.84 -7.92 -31.33
CA GLN A 40 10.77 -8.21 -32.75
C GLN A 40 9.38 -8.25 -33.35
N SER A 41 8.56 -9.13 -32.79
CA SER A 41 7.45 -9.70 -33.52
C SER A 41 6.15 -8.93 -33.44
N ALA A 42 6.14 -7.87 -32.63
CA ALA A 42 5.07 -6.89 -32.70
C ALA A 42 4.97 -6.44 -34.14
N ILE A 43 3.75 -6.38 -34.68
CA ILE A 43 3.58 -6.11 -36.11
C ILE A 43 4.08 -4.71 -36.42
N TYR A 44 4.15 -3.87 -35.39
CA TYR A 44 4.71 -2.53 -35.53
C TYR A 44 6.15 -2.58 -36.05
N LEU A 45 6.95 -3.48 -35.51
CA LEU A 45 8.36 -3.47 -35.86
C LEU A 45 8.56 -4.02 -37.27
N GLN A 46 7.75 -5.01 -37.63
CA GLN A 46 7.90 -5.63 -38.94
C GLN A 46 7.32 -4.78 -40.06
N ASN A 47 6.22 -4.08 -39.83
CA ASN A 47 5.69 -3.23 -40.90
C ASN A 47 6.55 -1.98 -41.02
N CYS A 48 7.34 -1.71 -39.98
CA CYS A 48 8.41 -0.71 -40.05
C CYS A 48 9.58 -1.35 -40.76
N GLY A 49 9.52 -2.67 -40.93
CA GLY A 49 10.47 -3.37 -41.75
C GLY A 49 11.39 -4.37 -41.08
N LEU A 50 11.28 -4.57 -39.78
CA LEU A 50 12.25 -5.44 -39.13
C LEU A 50 11.97 -6.92 -39.36
N ASN A 51 13.03 -7.73 -39.53
CA ASN A 51 12.86 -9.17 -39.70
C ASN A 51 13.89 -10.00 -38.93
N GLY A 52 15.00 -9.37 -38.54
CA GLY A 52 15.96 -10.04 -37.67
C GLY A 52 17.39 -10.29 -38.14
N ASN A 53 18.32 -10.17 -37.18
CA ASN A 53 19.72 -10.58 -37.31
C ASN A 53 20.50 -9.96 -38.47
N ALA A 54 21.06 -10.84 -39.31
CA ALA A 54 22.01 -10.52 -40.39
C ALA A 54 23.37 -10.05 -39.86
N THR A 55 24.23 -9.62 -40.78
CA THR A 55 25.51 -9.02 -40.45
C THR A 55 25.35 -7.52 -40.65
N ASP A 56 24.08 -7.12 -40.70
CA ASP A 56 23.66 -5.75 -41.00
C ASP A 56 22.64 -5.34 -39.91
N PRO A 57 23.15 -4.93 -38.74
CA PRO A 57 22.19 -4.60 -37.68
C PRO A 57 22.17 -3.14 -37.17
N GLU A 58 23.11 -2.29 -37.58
CA GLU A 58 23.16 -0.96 -36.97
C GLU A 58 22.79 0.23 -37.87
N GLU A 59 23.63 0.50 -38.87
CA GLU A 59 23.47 1.66 -39.74
C GLU A 59 22.16 1.65 -40.52
N ALA A 60 21.88 0.54 -41.20
CA ALA A 60 20.67 0.43 -41.98
C ALA A 60 19.45 0.63 -41.10
N PHE A 61 19.53 0.13 -39.88
CA PHE A 61 18.45 0.28 -38.90
C PHE A 61 18.05 1.72 -38.65
N LYS A 62 19.03 2.59 -38.43
CA LYS A 62 18.72 3.96 -38.03
C LYS A 62 17.99 4.72 -39.13
N SER A 63 18.43 4.63 -40.38
CA SER A 63 17.76 5.33 -41.46
C SER A 63 16.45 4.63 -41.82
N MET A 64 16.49 3.30 -41.83
CA MET A 64 15.33 2.50 -42.22
C MET A 64 14.22 2.44 -41.17
N VAL A 65 14.55 1.93 -39.99
CA VAL A 65 13.58 1.79 -38.91
C VAL A 65 13.30 3.19 -38.35
N PRO A 66 12.01 3.51 -38.12
CA PRO A 66 11.55 4.87 -37.79
C PRO A 66 11.62 5.30 -36.31
N LEU A 67 11.77 6.61 -36.11
CA LEU A 67 11.73 7.25 -34.78
C LEU A 67 10.31 7.34 -34.25
N VAL A 68 10.16 7.61 -32.95
CA VAL A 68 8.83 7.80 -32.37
C VAL A 68 8.64 8.98 -31.42
N THR A 69 7.43 9.51 -31.42
CA THR A 69 7.01 10.54 -30.48
C THR A 69 5.85 10.05 -29.63
N ASP A 70 5.48 10.86 -28.66
CA ASP A 70 4.45 10.51 -27.70
C ASP A 70 3.05 10.39 -28.28
N VAL A 71 2.76 11.18 -29.32
CA VAL A 71 1.45 11.17 -29.96
C VAL A 71 1.20 9.87 -30.73
N GLU A 72 2.22 9.41 -31.43
CA GLU A 72 2.15 8.17 -32.20
C GLU A 72 2.24 6.96 -31.28
N LEU A 73 2.94 7.13 -30.16
CA LEU A 73 3.10 6.09 -29.16
C LEU A 73 1.89 5.92 -28.31
N GLU A 74 1.01 6.89 -28.38
CA GLU A 74 -0.19 6.91 -27.56
C GLU A 74 -1.24 5.83 -27.88
N PRO A 75 -1.53 5.56 -29.18
CA PRO A 75 -2.59 4.60 -29.47
C PRO A 75 -2.35 3.15 -29.04
N TYR A 76 -1.11 2.66 -29.05
CA TYR A 76 -0.91 1.21 -28.91
C TYR A 76 -0.99 0.65 -27.49
N ILE A 77 -0.55 1.41 -26.48
CA ILE A 77 -0.73 0.96 -25.10
C ILE A 77 -2.11 1.40 -24.62
N LYS A 78 -2.65 2.41 -25.30
CA LYS A 78 -4.03 2.81 -25.10
C LYS A 78 -4.92 1.60 -25.32
N ARG A 79 -4.57 0.80 -26.31
CA ARG A 79 -5.24 -0.47 -26.54
C ARG A 79 -5.14 -1.33 -25.29
N MET A 80 -3.92 -1.53 -24.82
CA MET A 80 -3.65 -2.40 -23.69
C MET A 80 -4.34 -1.98 -22.37
N VAL A 81 -4.36 -0.69 -22.09
CA VAL A 81 -4.92 -0.21 -20.83
C VAL A 81 -6.45 -0.26 -20.82
N ASP A 82 -7.06 -0.13 -22.00
CA ASP A 82 -8.51 -0.03 -22.09
C ASP A 82 -9.20 -1.37 -22.37
N GLY A 83 -9.80 -1.95 -21.34
CA GLY A 83 -10.66 -3.11 -21.46
C GLY A 83 -9.99 -4.38 -21.98
N ASP A 84 -9.26 -4.25 -23.08
CA ASP A 84 -8.62 -5.40 -23.71
C ASP A 84 -7.13 -5.16 -23.87
N THR A 85 -6.31 -5.95 -23.20
CA THR A 85 -4.87 -5.82 -23.34
C THR A 85 -4.45 -6.25 -24.75
N SER A 86 -4.07 -5.28 -25.57
CA SER A 86 -3.77 -5.52 -26.98
C SER A 86 -2.49 -4.82 -27.45
N PRO A 87 -1.31 -5.36 -27.07
CA PRO A 87 -0.01 -4.80 -27.44
C PRO A 87 0.34 -4.99 -28.92
N ILE A 88 0.80 -3.93 -29.58
CA ILE A 88 1.24 -4.06 -30.96
C ILE A 88 2.56 -3.35 -31.28
N LEU A 89 3.11 -2.60 -30.33
CA LEU A 89 4.39 -1.92 -30.59
C LEU A 89 5.47 -2.32 -29.60
N THR A 90 5.09 -2.71 -28.38
CA THR A 90 6.08 -3.17 -27.40
C THR A 90 6.34 -4.64 -27.65
N GLY A 91 6.75 -5.34 -26.59
CA GLY A 91 6.87 -6.76 -26.62
C GLY A 91 5.69 -7.38 -25.90
N HIS A 92 5.98 -7.99 -24.75
CA HIS A 92 4.96 -8.64 -23.94
C HIS A 92 3.94 -7.63 -23.41
N PRO A 93 2.69 -8.07 -23.16
CA PRO A 93 1.73 -7.21 -22.47
C PRO A 93 2.34 -6.85 -21.13
N VAL A 94 2.45 -5.55 -20.92
CA VAL A 94 3.25 -5.02 -19.84
C VAL A 94 2.63 -5.30 -18.46
N PRO A 95 3.47 -5.58 -17.46
CA PRO A 95 2.96 -5.73 -16.10
C PRO A 95 2.39 -4.41 -15.58
N ALA A 96 3.05 -3.32 -15.93
CA ALA A 96 2.62 -1.97 -15.57
C ALA A 96 3.08 -0.94 -16.61
N ILE A 97 2.34 0.16 -16.75
CA ILE A 97 2.69 1.18 -17.74
C ILE A 97 3.27 2.43 -17.07
N SER A 98 4.12 3.14 -17.79
CA SER A 98 4.75 4.33 -17.25
C SER A 98 4.46 5.58 -18.06
N LEU A 99 4.02 6.61 -17.35
CA LEU A 99 3.83 7.92 -17.91
C LEU A 99 5.18 8.61 -18.09
N SER A 100 5.40 9.20 -19.26
CA SER A 100 6.65 9.86 -19.57
C SER A 100 6.50 11.36 -19.42
N SER A 101 7.58 12.03 -19.06
CA SER A 101 7.55 13.47 -18.84
C SER A 101 7.57 14.24 -20.14
N GLY A 102 7.15 15.50 -20.07
CA GLY A 102 6.90 16.28 -21.27
C GLY A 102 5.51 15.90 -21.71
N THR A 103 5.07 16.31 -22.89
CA THR A 103 3.73 15.95 -23.28
C THR A 103 3.54 15.65 -24.77
N SER A 104 2.38 15.07 -25.07
CA SER A 104 2.01 14.65 -26.40
C SER A 104 0.95 15.56 -26.97
N GLN A 105 1.38 16.66 -27.59
CA GLN A 105 0.45 17.66 -28.08
C GLN A 105 -0.44 18.15 -26.95
N GLY A 106 0.14 18.26 -25.77
CA GLY A 106 -0.60 18.66 -24.59
C GLY A 106 -1.24 17.48 -23.88
N ARG A 107 -0.91 16.27 -24.32
CA ARG A 107 -1.51 15.07 -23.76
C ARG A 107 -0.48 14.07 -23.19
N PRO A 108 -0.93 13.20 -22.26
CA PRO A 108 -0.19 12.10 -21.64
C PRO A 108 0.69 11.23 -22.55
N LYS A 109 1.83 10.83 -22.01
CA LYS A 109 2.88 10.10 -22.73
C LYS A 109 3.05 8.62 -22.36
N PHE A 110 3.33 7.77 -23.36
CA PHE A 110 3.30 6.33 -23.07
C PHE A 110 4.41 5.44 -23.34
N ILE A 111 4.88 4.84 -22.26
CA ILE A 111 6.00 3.96 -22.32
C ILE A 111 5.79 2.77 -21.37
N PRO A 112 6.01 1.54 -21.87
CA PRO A 112 5.93 0.26 -21.18
C PRO A 112 7.12 -0.02 -20.25
N PHE A 113 6.88 -0.75 -19.17
CA PHE A 113 7.89 -1.05 -18.15
C PHE A 113 8.13 -2.56 -18.02
N THR A 114 9.36 -2.99 -18.17
CA THR A 114 9.68 -4.42 -18.22
C THR A 114 10.45 -4.94 -17.00
N ASP A 115 10.61 -6.25 -16.95
CA ASP A 115 11.32 -6.93 -15.86
C ASP A 115 12.80 -6.54 -15.79
N GLU A 116 13.38 -6.24 -16.94
CA GLU A 116 14.82 -6.05 -16.99
C GLU A 116 15.22 -4.83 -16.18
N LEU A 117 14.39 -3.80 -16.21
CA LEU A 117 14.67 -2.59 -15.44
C LEU A 117 14.84 -2.89 -13.96
N MET A 118 13.94 -3.67 -13.37
CA MET A 118 14.08 -4.05 -11.96
C MET A 118 15.38 -4.83 -11.78
N GLU A 119 15.72 -5.66 -12.77
CA GLU A 119 16.99 -6.37 -12.74
C GLU A 119 18.10 -5.35 -13.00
N ASN A 120 17.83 -4.41 -13.88
CA ASN A 120 18.76 -3.33 -14.18
C ASN A 120 18.89 -2.37 -13.00
N THR A 121 17.80 -2.18 -12.25
CA THR A 121 17.84 -1.35 -11.05
C THR A 121 18.90 -1.88 -10.10
N LEU A 122 18.80 -3.17 -9.80
CA LEU A 122 19.71 -3.77 -8.83
C LEU A 122 21.15 -3.62 -9.31
N GLN A 123 21.39 -3.82 -10.61
CA GLN A 123 22.75 -3.80 -11.14
C GLN A 123 23.35 -2.41 -11.23
N LEU A 124 22.58 -1.42 -11.70
CA LEU A 124 23.10 -0.07 -11.80
C LEU A 124 23.42 0.49 -10.43
N PHE A 125 22.48 0.35 -9.51
CA PHE A 125 22.67 0.79 -8.14
C PHE A 125 23.87 0.04 -7.57
N ARG A 126 23.94 -1.26 -7.87
CA ARG A 126 25.02 -2.10 -7.38
C ARG A 126 26.36 -1.53 -7.82
N THR A 127 26.38 -1.00 -9.04
CA THR A 127 27.59 -0.35 -9.53
C THR A 127 27.75 0.98 -8.82
N ALA A 128 26.65 1.72 -8.70
CA ALA A 128 26.67 3.03 -8.05
C ALA A 128 27.31 2.99 -6.66
N PHE A 129 26.64 2.36 -5.70
CA PHE A 129 27.06 2.44 -4.30
C PHE A 129 28.45 1.83 -4.08
N ALA A 130 28.83 0.89 -4.95
CA ALA A 130 30.12 0.23 -4.82
C ALA A 130 31.23 1.21 -5.18
N PHE A 131 31.02 1.98 -6.25
CA PHE A 131 31.96 3.03 -6.63
C PHE A 131 31.96 4.12 -5.57
N ARG A 132 30.78 4.40 -5.02
CA ARG A 132 30.64 5.35 -3.94
C ARG A 132 31.39 4.84 -2.71
N ASN A 133 31.33 3.54 -2.47
CA ASN A 133 31.94 2.94 -1.28
C ASN A 133 33.47 2.99 -1.29
N ARG A 134 34.07 3.13 -2.46
CA ARG A 134 35.52 3.23 -2.54
C ARG A 134 35.95 4.59 -2.01
N ASP A 135 35.13 5.61 -2.25
CA ASP A 135 35.36 6.96 -1.75
C ASP A 135 34.59 7.18 -0.45
N PHE A 136 33.49 6.45 -0.28
CA PHE A 136 32.70 6.50 0.96
C PHE A 136 32.50 5.11 1.55
N PRO A 137 33.50 4.61 2.30
CA PRO A 137 33.39 3.30 2.95
C PRO A 137 32.19 3.21 3.90
N ILE A 138 31.50 2.08 3.90
CA ILE A 138 30.27 1.90 4.69
C ILE A 138 30.37 0.76 5.70
N ASP A 139 29.56 0.84 6.75
CA ASP A 139 29.38 -0.26 7.71
C ASP A 139 28.34 -1.25 7.19
N ASP A 140 28.69 -2.52 7.16
CA ASP A 140 27.81 -3.53 6.58
C ASP A 140 26.59 -3.88 7.43
N ASN A 141 26.64 -3.59 8.72
CA ASN A 141 25.52 -3.91 9.59
C ASN A 141 24.56 -2.75 9.85
N GLY A 142 24.85 -1.59 9.29
CA GLY A 142 24.02 -0.41 9.51
C GLY A 142 22.73 -0.38 8.71
N LYS A 143 21.89 0.61 8.98
CA LYS A 143 20.67 0.83 8.19
C LYS A 143 20.72 2.24 7.59
N ALA A 144 19.76 2.55 6.71
CA ALA A 144 19.74 3.85 6.04
C ALA A 144 18.42 4.58 6.24
N LEU A 145 18.48 5.91 6.16
CA LEU A 145 17.29 6.74 6.18
C LEU A 145 16.91 7.08 4.76
N GLN A 146 15.92 6.38 4.22
CA GLN A 146 15.52 6.62 2.83
C GLN A 146 14.05 6.98 2.69
N PHE A 147 13.80 8.04 1.94
CA PHE A 147 12.44 8.46 1.59
C PHE A 147 11.93 7.75 0.35
N ILE A 148 11.71 6.44 0.43
CA ILE A 148 11.22 5.72 -0.74
C ILE A 148 9.86 5.11 -0.44
N PHE A 149 8.91 5.35 -1.34
CA PHE A 149 7.53 4.96 -1.11
C PHE A 149 6.98 4.08 -2.24
N SER A 150 6.28 3.01 -1.85
CA SER A 150 5.55 2.18 -2.79
C SER A 150 4.24 1.77 -2.16
N SER A 151 3.37 2.74 -1.99
CA SER A 151 2.21 2.53 -1.15
C SER A 151 0.93 2.43 -1.95
N LYS A 152 0.99 2.80 -3.22
CA LYS A 152 -0.22 2.95 -4.02
C LYS A 152 -0.21 1.99 -5.18
N GLN A 153 -1.32 1.27 -5.37
CA GLN A 153 -1.51 0.44 -6.56
C GLN A 153 -2.94 0.49 -7.08
N TYR A 154 -3.07 0.44 -8.39
CA TYR A 154 -4.37 0.56 -9.05
C TYR A 154 -4.54 -0.51 -10.10
N ILE A 155 -5.78 -0.89 -10.38
CA ILE A 155 -6.03 -1.85 -11.45
C ILE A 155 -6.61 -1.10 -12.65
N SER A 156 -6.01 -1.32 -13.82
CA SER A 156 -6.44 -0.64 -15.03
C SER A 156 -7.85 -1.01 -15.46
N THR A 157 -8.39 -0.23 -16.39
CA THR A 157 -9.68 -0.52 -16.99
C THR A 157 -9.64 -1.88 -17.69
N GLY A 158 -8.46 -2.28 -18.12
CA GLY A 158 -8.24 -3.56 -18.77
C GLY A 158 -7.96 -4.69 -17.79
N GLY A 159 -7.94 -4.38 -16.50
CA GLY A 159 -7.71 -5.36 -15.47
C GLY A 159 -6.23 -5.62 -15.28
N VAL A 160 -5.41 -4.66 -15.68
CA VAL A 160 -3.97 -4.77 -15.65
C VAL A 160 -3.37 -3.80 -14.64
N PRO A 161 -2.35 -4.22 -13.90
CA PRO A 161 -1.81 -3.20 -12.99
C PRO A 161 -1.04 -2.15 -13.78
N VAL A 162 -1.15 -0.90 -13.37
CA VAL A 162 -0.29 0.14 -13.89
C VAL A 162 0.45 0.70 -12.70
N GLY A 163 1.71 1.06 -12.88
CA GLY A 163 2.52 1.48 -11.76
C GLY A 163 3.78 2.23 -12.12
N THR A 164 4.19 3.14 -11.23
CA THR A 164 5.42 3.88 -11.44
C THR A 164 6.58 2.89 -11.44
N ALA A 165 7.71 3.30 -12.00
CA ALA A 165 8.92 2.49 -12.04
C ALA A 165 9.30 1.98 -10.67
N THR A 166 9.37 2.91 -9.74
CA THR A 166 9.84 2.62 -8.39
C THR A 166 8.96 1.68 -7.64
N THR A 167 7.65 1.90 -7.73
CA THR A 167 6.67 1.10 -7.02
C THR A 167 6.66 -0.33 -7.49
N ASN A 168 6.70 -0.53 -8.80
CA ASN A 168 6.68 -1.86 -9.40
C ASN A 168 7.81 -2.72 -8.88
N VAL A 169 8.96 -2.10 -8.67
CA VAL A 169 10.13 -2.79 -8.14
C VAL A 169 9.95 -3.21 -6.69
N TYR A 170 9.43 -2.30 -5.87
CA TYR A 170 9.30 -2.53 -4.44
C TYR A 170 8.27 -3.62 -4.11
N ARG A 171 7.19 -3.66 -4.89
CA ARG A 171 6.13 -4.63 -4.65
C ARG A 171 6.35 -5.92 -5.42
N ASN A 172 7.45 -5.98 -6.16
CA ASN A 172 7.82 -7.18 -6.88
C ASN A 172 8.32 -8.24 -5.90
N PRO A 173 7.95 -9.51 -6.14
CA PRO A 173 8.36 -10.66 -5.30
C PRO A 173 9.87 -10.76 -5.03
N ASN A 174 10.69 -10.11 -5.84
CA ASN A 174 12.14 -10.25 -5.73
C ASN A 174 12.82 -9.06 -5.05
N PHE A 175 12.01 -8.14 -4.51
CA PHE A 175 12.52 -6.95 -3.84
C PHE A 175 13.47 -7.24 -2.68
N LYS A 176 13.10 -8.18 -1.83
CA LYS A 176 13.82 -8.42 -0.58
C LYS A 176 15.13 -9.19 -0.76
N ALA A 177 15.10 -10.22 -1.60
CA ALA A 177 16.30 -11.00 -1.87
C ALA A 177 17.31 -10.18 -2.65
N GLY A 178 16.81 -9.39 -3.60
CA GLY A 178 17.66 -8.58 -4.45
C GLY A 178 18.32 -7.41 -3.73
N MET A 179 17.72 -6.93 -2.64
CA MET A 179 18.27 -5.77 -1.94
C MET A 179 18.70 -6.04 -0.49
N LYS A 180 18.67 -7.31 -0.06
CA LYS A 180 19.09 -7.63 1.30
C LYS A 180 20.58 -7.37 1.52
N SER A 181 21.40 -7.80 0.56
CA SER A 181 22.84 -7.76 0.71
C SER A 181 23.44 -6.40 0.36
N ILE A 182 22.80 -5.69 -0.58
CA ILE A 182 23.43 -4.53 -1.19
C ILE A 182 23.00 -3.17 -0.64
N THR A 183 21.97 -3.13 0.21
CA THR A 183 21.50 -1.86 0.72
C THR A 183 21.22 -1.91 2.21
N SER A 184 21.47 -0.80 2.89
CA SER A 184 21.16 -0.66 4.30
C SER A 184 19.65 -0.52 4.52
N PRO A 185 19.11 -1.26 5.50
CA PRO A 185 17.68 -1.34 5.79
C PRO A 185 16.98 0.01 5.95
N SER A 186 15.77 0.11 5.41
CA SER A 186 14.96 1.31 5.54
C SER A 186 14.61 1.55 7.01
N CYS A 187 14.55 2.81 7.41
CA CYS A 187 14.09 3.16 8.75
C CYS A 187 12.71 2.59 8.99
N SER A 188 11.81 2.87 8.06
CA SER A 188 10.45 2.39 8.13
C SER A 188 10.40 0.93 7.71
N PRO A 189 9.57 0.13 8.40
CA PRO A 189 9.30 -1.24 7.97
C PRO A 189 8.79 -1.22 6.53
N ASP A 190 9.03 -2.28 5.77
CA ASP A 190 8.56 -2.31 4.40
C ASP A 190 7.05 -2.08 4.37
N GLU A 191 6.35 -2.68 5.31
CA GLU A 191 4.93 -2.42 5.52
C GLU A 191 4.64 -0.92 5.53
N VAL A 192 5.52 -0.16 6.17
CA VAL A 192 5.37 1.29 6.23
C VAL A 192 5.76 1.98 4.91
N ILE A 193 6.71 1.40 4.17
CA ILE A 193 6.98 1.96 2.84
C ILE A 193 5.76 1.68 1.96
N PHE A 194 5.08 0.57 2.21
CA PHE A 194 3.88 0.23 1.46
C PHE A 194 2.64 0.83 2.11
N SER A 195 2.82 1.53 3.23
CA SER A 195 1.71 2.04 4.04
C SER A 195 0.83 3.03 3.29
N PRO A 196 -0.50 2.90 3.45
CA PRO A 196 -1.53 3.73 2.82
C PRO A 196 -1.29 5.24 2.95
N ASP A 197 -0.42 5.64 3.87
CA ASP A 197 -0.20 7.04 4.16
C ASP A 197 1.29 7.43 4.12
N VAL A 198 1.79 7.77 2.94
CA VAL A 198 3.21 8.09 2.79
C VAL A 198 3.61 9.35 3.57
N HIS A 199 2.66 10.27 3.80
CA HIS A 199 2.96 11.48 4.57
C HIS A 199 3.20 11.07 6.01
N GLN A 200 2.37 10.15 6.47
CA GLN A 200 2.46 9.62 7.81
C GLN A 200 3.66 8.70 7.92
N ALA A 201 3.85 7.90 6.89
CA ALA A 201 5.04 7.08 6.76
C ALA A 201 6.28 7.97 6.78
N LEU A 202 6.16 9.16 6.20
CA LEU A 202 7.28 10.09 6.12
C LEU A 202 7.76 10.58 7.49
N TYR A 203 6.84 10.92 8.38
CA TYR A 203 7.27 11.39 9.71
C TYR A 203 7.68 10.24 10.63
N CYS A 204 7.07 9.07 10.45
CA CYS A 204 7.35 7.93 11.32
C CYS A 204 8.66 7.26 10.94
N HIS A 205 8.93 7.19 9.63
CA HIS A 205 10.22 6.70 9.16
C HIS A 205 11.31 7.64 9.67
N LEU A 206 10.98 8.94 9.68
CA LEU A 206 11.91 9.95 10.14
C LEU A 206 12.13 9.75 11.64
N LEU A 207 11.04 9.48 12.36
CA LEU A 207 11.12 9.13 13.77
C LEU A 207 11.93 7.85 13.96
N SER A 208 11.70 6.89 13.06
CA SER A 208 12.44 5.63 13.08
C SER A 208 13.94 5.89 12.99
N GLY A 209 14.31 6.86 12.16
CA GLY A 209 15.70 7.23 11.99
C GLY A 209 16.32 7.71 13.28
N ILE A 210 15.62 8.61 13.96
CA ILE A 210 16.08 9.16 15.24
C ILE A 210 16.25 8.06 16.28
N LEU A 211 15.44 7.02 16.18
CA LEU A 211 15.49 5.91 17.14
C LEU A 211 16.81 5.14 17.04
N PHE A 212 17.36 5.04 15.83
CA PHE A 212 18.65 4.38 15.63
C PHE A 212 19.66 5.37 15.01
N ARG A 213 19.72 6.57 15.58
CA ARG A 213 20.52 7.64 14.98
C ARG A 213 22.02 7.31 14.89
N ASP A 214 22.54 6.59 15.87
CA ASP A 214 23.97 6.32 15.92
C ASP A 214 24.49 5.45 14.76
N GLN A 215 23.65 4.53 14.28
CA GLN A 215 24.11 3.55 13.29
C GLN A 215 23.81 3.89 11.83
N VAL A 216 22.95 4.88 11.57
CA VAL A 216 22.53 5.16 10.20
C VAL A 216 23.67 5.80 9.40
N GLN A 217 23.81 5.38 8.14
CA GLN A 217 24.91 5.83 7.30
C GLN A 217 24.44 6.64 6.09
N TYR A 218 23.16 6.52 5.76
CA TYR A 218 22.58 7.26 4.63
C TYR A 218 21.47 8.17 5.10
N VAL A 219 21.23 9.20 4.32
CA VAL A 219 19.94 9.89 4.28
C VAL A 219 19.53 9.96 2.85
N PHE A 220 18.34 9.44 2.55
CA PHE A 220 18.03 9.30 1.15
C PHE A 220 16.64 9.72 0.69
N ALA A 221 16.65 10.40 -0.45
CA ALA A 221 15.50 10.61 -1.31
C ALA A 221 16.06 10.64 -2.73
N VAL A 222 15.21 10.77 -3.74
CA VAL A 222 15.73 10.77 -5.10
C VAL A 222 16.24 12.14 -5.49
N PHE A 223 15.54 13.17 -5.04
CA PHE A 223 16.01 14.53 -5.24
C PHE A 223 16.08 15.38 -3.97
N ALA A 224 16.62 16.59 -4.12
CA ALA A 224 16.88 17.47 -3.00
C ALA A 224 15.64 18.08 -2.36
N HIS A 225 14.74 18.64 -3.16
CA HIS A 225 13.65 19.45 -2.62
C HIS A 225 12.65 18.63 -1.80
N GLY A 226 12.67 17.32 -1.96
CA GLY A 226 11.79 16.48 -1.20
C GLY A 226 12.27 16.31 0.23
N LEU A 227 13.58 16.16 0.37
CA LEU A 227 14.23 16.20 1.67
C LEU A 227 14.00 17.57 2.30
N VAL A 228 14.05 18.60 1.46
CA VAL A 228 13.87 19.97 1.92
C VAL A 228 12.50 20.19 2.56
N HIS A 229 11.45 19.78 1.85
CA HIS A 229 10.09 19.90 2.36
C HIS A 229 9.91 19.04 3.61
N ALA A 230 10.63 17.92 3.66
CA ALA A 230 10.55 17.00 4.78
C ALA A 230 11.05 17.62 6.07
N PHE A 231 12.18 18.33 5.98
CA PHE A 231 12.81 18.92 7.16
C PHE A 231 12.12 20.22 7.55
N ARG A 232 11.47 20.88 6.60
CA ARG A 232 10.60 21.99 6.93
C ARG A 232 9.49 21.46 7.82
N THR A 233 8.93 20.33 7.41
CA THR A 233 7.92 19.63 8.20
C THR A 233 8.49 19.22 9.56
N PHE A 234 9.70 18.65 9.54
CA PHE A 234 10.36 18.29 10.79
C PHE A 234 10.55 19.53 11.64
N GLU A 235 11.03 20.61 11.02
CA GLU A 235 11.13 21.89 11.70
C GLU A 235 9.76 22.34 12.18
N GLN A 236 8.72 22.00 11.42
CA GLN A 236 7.35 22.34 11.79
C GLN A 236 6.78 21.42 12.86
N VAL A 237 7.02 20.11 12.74
CA VAL A 237 6.41 19.15 13.66
C VAL A 237 7.37 18.46 14.65
N TRP A 238 8.53 19.05 14.93
CA TRP A 238 9.48 18.34 15.79
C TRP A 238 9.01 18.32 17.24
N GLU A 239 8.37 19.38 17.71
CA GLU A 239 7.83 19.40 19.07
C GLU A 239 6.73 18.36 19.18
N GLU A 240 6.07 18.12 18.06
CA GLU A 240 5.02 17.12 17.93
C GLU A 240 5.61 15.72 18.10
N ILE A 241 6.83 15.56 17.60
CA ILE A 241 7.56 14.29 17.69
C ILE A 241 7.94 13.95 19.13
N VAL A 242 8.43 14.95 19.87
CA VAL A 242 8.97 14.69 21.20
C VAL A 242 7.86 14.54 22.25
N THR A 243 6.74 15.23 22.05
CA THR A 243 5.61 15.12 22.96
C THR A 243 5.02 13.72 22.87
N ASP A 244 4.99 13.20 21.65
CA ASP A 244 4.59 11.83 21.39
C ASP A 244 5.51 10.84 22.10
N ILE A 245 6.78 11.20 22.24
CA ILE A 245 7.79 10.32 22.80
C ILE A 245 7.81 10.33 24.34
N LYS A 246 7.66 11.52 24.94
CA LYS A 246 7.58 11.64 26.40
C LYS A 246 6.51 10.73 26.98
N ASP A 247 5.29 10.91 26.49
CA ASP A 247 4.16 10.13 26.97
C ASP A 247 4.27 8.70 26.48
N GLY A 248 4.81 8.55 25.27
CA GLY A 248 4.91 7.24 24.65
C GLY A 248 3.63 6.91 23.91
N VAL A 249 2.85 7.94 23.60
CA VAL A 249 1.59 7.74 22.89
C VAL A 249 1.54 8.54 21.58
N LEU A 250 1.21 7.84 20.50
CA LEU A 250 1.10 8.43 19.18
C LEU A 250 -0.13 9.35 19.14
N SER A 251 -0.04 10.45 18.41
CA SER A 251 -1.07 11.49 18.44
C SER A 251 -2.34 11.11 17.67
N ASN A 252 -3.45 11.78 18.01
CA ASN A 252 -4.75 11.45 17.43
C ASN A 252 -4.97 11.99 16.02
N ARG A 253 -4.02 12.77 15.53
CA ARG A 253 -4.04 13.26 14.16
C ARG A 253 -3.99 12.08 13.20
N ILE A 254 -3.34 11.04 13.68
CA ILE A 254 -3.00 9.84 12.95
C ILE A 254 -4.15 8.82 12.97
N THR A 255 -4.74 8.54 11.81
CA THR A 255 -5.93 7.72 11.71
C THR A 255 -5.72 6.36 11.03
N VAL A 256 -4.65 6.24 10.25
CA VAL A 256 -4.41 5.06 9.42
C VAL A 256 -4.10 3.80 10.24
N PRO A 257 -4.71 2.67 9.87
CA PRO A 257 -4.59 1.38 10.58
C PRO A 257 -3.17 0.81 10.74
N SER A 258 -2.36 0.79 9.69
CA SER A 258 -1.07 0.09 9.81
C SER A 258 0.01 0.90 10.55
N VAL A 259 -0.01 2.22 10.39
CA VAL A 259 1.04 3.08 10.94
C VAL A 259 0.96 3.23 12.47
N ARG A 260 -0.25 3.33 13.01
CA ARG A 260 -0.43 3.52 14.45
C ARG A 260 -0.09 2.27 15.25
N THR A 261 -0.36 1.10 14.67
CA THR A 261 -0.05 -0.17 15.34
C THR A 261 1.44 -0.46 15.31
N ALA A 262 2.12 -0.05 14.25
CA ALA A 262 3.56 -0.18 14.19
C ALA A 262 4.18 0.62 15.31
N MET A 263 3.81 1.88 15.41
CA MET A 263 4.38 2.78 16.42
C MET A 263 4.02 2.39 17.86
N SER A 264 2.79 1.94 18.08
CA SER A 264 2.35 1.53 19.41
C SER A 264 3.30 0.46 19.97
N LYS A 265 3.74 -0.44 19.11
CA LYS A 265 4.71 -1.45 19.48
C LYS A 265 6.07 -0.81 19.74
N LEU A 266 6.37 0.24 18.99
CA LEU A 266 7.63 0.96 19.12
C LEU A 266 7.54 2.08 20.14
N LEU A 267 6.41 2.16 20.83
CA LEU A 267 6.18 3.25 21.78
C LEU A 267 6.41 2.85 23.22
N THR A 268 7.48 3.36 23.80
CA THR A 268 7.79 3.19 25.19
C THR A 268 8.05 4.57 25.78
N PRO A 269 7.55 4.84 26.99
CA PRO A 269 7.75 6.18 27.55
C PRO A 269 9.22 6.55 27.67
N ASN A 270 9.63 7.58 26.94
CA ASN A 270 11.00 8.08 27.01
C ASN A 270 11.05 9.58 27.24
N PRO A 271 10.83 10.02 28.49
CA PRO A 271 10.92 11.44 28.85
C PRO A 271 12.28 12.04 28.48
N GLU A 272 13.33 11.26 28.70
CA GLU A 272 14.69 11.74 28.52
C GLU A 272 15.08 12.08 27.08
N LEU A 273 14.73 11.20 26.13
CA LEU A 273 15.08 11.45 24.73
C LEU A 273 14.48 12.77 24.27
N ALA A 274 13.23 13.00 24.66
CA ALA A 274 12.54 14.23 24.29
C ALA A 274 13.26 15.44 24.87
N GLU A 275 13.85 15.29 26.05
CA GLU A 275 14.61 16.37 26.66
C GLU A 275 15.89 16.63 25.88
N THR A 276 16.60 15.55 25.53
CA THR A 276 17.85 15.66 24.79
C THR A 276 17.62 16.33 23.44
N ILE A 277 16.65 15.83 22.68
CA ILE A 277 16.37 16.36 21.36
C ILE A 277 15.90 17.82 21.46
N ARG A 278 15.03 18.13 22.43
CA ARG A 278 14.47 19.47 22.58
C ARG A 278 15.51 20.55 22.89
N THR A 279 16.41 20.27 23.83
CA THR A 279 17.46 21.21 24.19
C THR A 279 18.40 21.47 23.02
N LYS A 280 18.81 20.40 22.36
CA LYS A 280 19.71 20.47 21.22
C LYS A 280 19.08 21.16 20.01
N CYS A 281 17.81 20.85 19.73
CA CYS A 281 17.14 21.35 18.53
C CYS A 281 16.87 22.86 18.56
N MET A 282 16.48 23.38 19.72
CA MET A 282 16.16 24.79 19.84
C MET A 282 17.40 25.67 19.83
N SER A 283 18.55 25.06 20.09
CA SER A 283 19.81 25.80 20.22
C SER A 283 20.37 26.25 18.88
N LEU A 284 20.07 25.49 17.83
CA LEU A 284 20.59 25.77 16.50
C LEU A 284 19.97 27.03 15.89
N SER A 285 20.70 27.69 14.99
CA SER A 285 20.24 28.95 14.42
C SER A 285 19.73 28.84 12.99
N ASN A 286 18.48 29.22 12.81
CA ASN A 286 17.85 29.37 11.50
C ASN A 286 17.74 28.07 10.68
N TRP A 287 17.69 26.93 11.38
CA TRP A 287 17.51 25.62 10.76
C TRP A 287 18.34 25.38 9.50
N TYR A 288 19.65 25.60 9.58
CA TYR A 288 20.54 25.32 8.46
C TYR A 288 21.33 24.04 8.72
N GLY A 289 21.01 22.97 8.03
CA GLY A 289 21.89 21.82 8.11
C GLY A 289 21.76 20.93 9.32
N LEU A 290 20.55 20.45 9.56
CA LEU A 290 20.25 19.67 10.75
C LEU A 290 20.61 18.20 10.53
N ILE A 291 20.92 17.83 9.29
CA ILE A 291 21.08 16.40 9.00
C ILE A 291 22.22 15.69 9.78
N PRO A 292 23.48 16.19 9.79
CA PRO A 292 24.43 15.41 10.62
C PRO A 292 24.19 15.47 12.12
N ALA A 293 23.66 16.58 12.61
CA ALA A 293 23.38 16.73 14.04
C ALA A 293 22.49 15.61 14.56
N LEU A 294 21.41 15.34 13.85
CA LEU A 294 20.45 14.32 14.25
C LEU A 294 21.10 12.94 14.22
N PHE A 295 22.01 12.71 13.29
CA PHE A 295 22.67 11.41 13.24
C PHE A 295 24.18 11.52 13.07
N PRO A 296 24.91 11.29 14.17
CA PRO A 296 26.37 11.42 14.30
C PRO A 296 27.25 10.48 13.44
N ASN A 297 26.72 9.44 12.79
CA ASN A 297 27.62 8.58 12.00
C ASN A 297 27.27 8.40 10.51
N ALA A 298 26.41 9.25 9.96
CA ALA A 298 25.97 9.07 8.56
C ALA A 298 26.96 9.61 7.53
N LYS A 299 27.13 8.88 6.45
CA LYS A 299 28.15 9.23 5.47
C LYS A 299 27.74 10.35 4.52
N TYR A 300 26.52 10.33 4.01
CA TYR A 300 26.13 11.30 2.99
C TYR A 300 24.65 11.55 2.76
N VAL A 301 24.40 12.54 1.92
CA VAL A 301 23.08 12.84 1.41
C VAL A 301 23.02 12.47 -0.07
N TYR A 302 21.98 11.73 -0.45
CA TYR A 302 21.97 11.10 -1.77
C TYR A 302 20.73 11.51 -2.55
N GLY A 303 20.92 11.92 -3.80
CA GLY A 303 19.82 12.38 -4.62
C GLY A 303 20.22 13.09 -5.90
N ILE A 304 19.22 13.53 -6.67
CA ILE A 304 19.46 14.28 -7.90
C ILE A 304 19.68 15.75 -7.59
N MET A 305 20.78 16.31 -8.13
CA MET A 305 21.17 17.68 -7.80
C MET A 305 21.47 18.53 -9.03
N THR A 306 21.07 18.07 -10.21
CA THR A 306 21.37 18.81 -11.43
C THR A 306 20.10 19.15 -12.21
N GLY A 307 20.24 19.98 -13.24
CA GLY A 307 19.11 20.40 -14.04
C GLY A 307 18.16 21.26 -13.25
N SER A 308 16.90 20.85 -13.19
CA SER A 308 15.89 21.59 -12.44
C SER A 308 16.19 21.63 -10.95
N MET A 309 17.09 20.76 -10.50
CA MET A 309 17.47 20.71 -9.09
C MET A 309 18.51 21.76 -8.69
N GLU A 310 19.04 22.49 -9.66
CA GLU A 310 20.04 23.52 -9.36
C GLU A 310 19.51 24.64 -8.46
N PRO A 311 18.27 25.13 -8.68
CA PRO A 311 17.77 26.12 -7.71
C PRO A 311 17.59 25.53 -6.31
N TYR A 312 17.42 24.20 -6.25
CA TYR A 312 17.18 23.51 -5.00
C TYR A 312 18.48 23.03 -4.37
N VAL A 313 19.58 23.18 -5.10
CA VAL A 313 20.89 22.77 -4.60
C VAL A 313 21.36 23.62 -3.40
N PRO A 314 21.21 24.96 -3.47
CA PRO A 314 21.60 25.72 -2.27
C PRO A 314 20.83 25.37 -1.01
N LYS A 315 19.53 25.09 -1.11
CA LYS A 315 18.77 24.79 0.11
C LYS A 315 19.04 23.37 0.60
N LEU A 316 19.36 22.45 -0.30
CA LEU A 316 19.82 21.15 0.18
C LEU A 316 21.20 21.36 0.77
N ARG A 317 22.01 22.18 0.11
CA ARG A 317 23.29 22.60 0.65
C ARG A 317 23.09 23.29 1.99
N HIS A 318 22.03 24.09 2.05
CA HIS A 318 21.62 24.74 3.29
C HIS A 318 21.41 23.65 4.33
N TYR A 319 20.70 22.60 3.95
CA TYR A 319 20.54 21.47 4.83
C TYR A 319 21.83 20.65 4.88
N ALA A 320 22.59 20.60 3.78
CA ALA A 320 23.77 19.73 3.75
C ALA A 320 24.93 20.25 4.58
N GLY A 321 25.08 21.57 4.63
CA GLY A 321 26.20 22.19 5.31
C GLY A 321 27.55 21.88 4.69
N ASP A 322 28.46 21.33 5.49
CA ASP A 322 29.82 21.04 5.01
C ASP A 322 30.00 19.60 4.52
N LEU A 323 28.98 18.76 4.69
CA LEU A 323 29.07 17.37 4.26
C LEU A 323 29.09 17.25 2.74
N PRO A 324 29.84 16.26 2.23
CA PRO A 324 29.94 15.96 0.79
C PRO A 324 28.59 15.61 0.16
N LEU A 325 28.34 16.13 -1.03
CA LEU A 325 27.09 15.85 -1.74
C LEU A 325 27.26 14.79 -2.81
N VAL A 326 26.50 13.71 -2.69
CA VAL A 326 26.55 12.63 -3.68
C VAL A 326 25.30 12.63 -4.55
N SER A 327 25.51 12.67 -5.87
CA SER A 327 24.39 12.72 -6.81
C SER A 327 23.94 11.32 -7.17
N HIS A 328 22.63 11.09 -7.16
CA HIS A 328 22.13 9.76 -7.53
C HIS A 328 22.31 9.54 -9.03
N ASP A 329 22.39 8.27 -9.41
CA ASP A 329 22.53 7.90 -10.80
C ASP A 329 21.29 8.28 -11.60
N TYR A 330 21.50 8.57 -12.87
CA TYR A 330 20.47 9.08 -13.75
C TYR A 330 19.74 7.93 -14.45
N GLY A 331 18.49 7.67 -14.06
CA GLY A 331 17.74 6.57 -14.65
C GLY A 331 16.23 6.68 -14.61
N SER A 332 15.54 5.75 -15.29
CA SER A 332 14.12 5.94 -15.50
C SER A 332 13.32 4.66 -15.78
N SER A 333 12.00 4.82 -15.80
CA SER A 333 11.09 3.76 -16.20
C SER A 333 11.24 3.44 -17.68
N GLU A 334 11.83 4.38 -18.42
CA GLU A 334 12.16 4.15 -19.81
C GLU A 334 13.37 3.25 -19.89
N GLY A 335 14.34 3.54 -19.02
CA GLY A 335 15.53 2.73 -18.92
C GLY A 335 16.49 3.39 -17.95
N TRP A 336 17.55 2.66 -17.60
CA TRP A 336 18.61 3.25 -16.83
C TRP A 336 19.71 3.63 -17.80
N ILE A 337 20.18 4.86 -17.72
CA ILE A 337 21.12 5.34 -18.71
C ILE A 337 22.48 5.63 -18.11
N ALA A 338 22.52 6.24 -16.93
CA ALA A 338 23.80 6.70 -16.39
C ALA A 338 24.00 6.43 -14.91
N ALA A 339 25.26 6.43 -14.47
CA ALA A 339 25.61 6.15 -13.07
C ALA A 339 26.76 7.03 -12.58
N ASN A 340 26.75 7.37 -11.31
CA ASN A 340 27.83 8.19 -10.75
C ASN A 340 28.96 7.30 -10.24
N VAL A 341 30.11 7.37 -10.92
CA VAL A 341 31.29 6.60 -10.53
C VAL A 341 32.39 7.53 -10.05
N THR A 342 32.01 8.77 -9.78
CA THR A 342 32.92 9.73 -9.16
C THR A 342 32.27 10.39 -7.96
N PRO A 343 32.23 9.67 -6.83
CA PRO A 343 31.55 10.16 -5.62
C PRO A 343 32.22 11.35 -4.93
N ARG A 344 33.53 11.51 -5.10
CA ARG A 344 34.24 12.59 -4.41
C ARG A 344 33.87 13.97 -4.94
N LEU A 345 33.52 14.06 -6.21
CA LEU A 345 33.28 15.34 -6.85
C LEU A 345 31.97 15.98 -6.40
N SER A 346 31.95 17.31 -6.40
CA SER A 346 30.80 18.09 -5.96
C SER A 346 29.60 17.87 -6.89
N PRO A 347 28.39 18.26 -6.44
CA PRO A 347 27.20 18.11 -7.30
C PRO A 347 27.24 18.97 -8.57
N GLU A 348 27.82 20.15 -8.49
CA GLU A 348 27.85 21.06 -9.64
C GLU A 348 28.74 20.51 -10.76
N GLU A 349 29.82 19.83 -10.39
CA GLU A 349 30.72 19.26 -11.39
C GLU A 349 30.44 17.76 -11.56
N ALA A 350 29.42 17.27 -10.88
CA ALA A 350 29.09 15.85 -10.91
C ALA A 350 28.63 15.42 -12.29
N THR A 351 28.85 14.15 -12.62
CA THR A 351 28.49 13.62 -13.92
C THR A 351 28.27 12.11 -13.85
N PHE A 352 27.43 11.58 -14.76
CA PHE A 352 26.91 10.22 -14.61
C PHE A 352 27.25 9.28 -15.78
N ALA A 353 27.78 8.10 -15.43
CA ALA A 353 28.35 7.14 -16.39
C ALA A 353 27.31 6.27 -17.09
N VAL A 354 27.29 6.33 -18.41
CA VAL A 354 26.38 5.50 -19.19
C VAL A 354 26.65 4.01 -19.00
N ILE A 355 25.58 3.25 -18.81
CA ILE A 355 25.65 1.79 -18.72
C ILE A 355 25.54 1.15 -20.10
N PRO A 356 26.61 0.47 -20.52
CA PRO A 356 26.76 -0.13 -21.85
C PRO A 356 25.67 -1.13 -22.26
N ASN A 357 25.21 -2.02 -21.37
CA ASN A 357 24.33 -3.09 -21.84
C ASN A 357 22.81 -2.86 -21.77
N LEU A 358 22.38 -1.67 -21.35
CA LEU A 358 20.95 -1.45 -21.14
C LEU A 358 20.17 -0.91 -22.36
N GLY A 359 20.84 -0.23 -23.28
CA GLY A 359 20.12 0.29 -24.43
C GLY A 359 20.97 0.93 -25.52
N TYR A 360 20.43 0.96 -26.72
CA TYR A 360 21.08 1.61 -27.85
C TYR A 360 20.65 3.07 -27.94
N PHE A 361 21.59 3.97 -27.66
CA PHE A 361 21.28 5.40 -27.70
C PHE A 361 21.87 6.06 -28.95
N GLU A 362 21.02 6.74 -29.70
CA GLU A 362 21.46 7.55 -30.82
C GLU A 362 21.05 8.99 -30.52
N PHE A 363 21.65 9.95 -31.21
CA PHE A 363 21.52 11.33 -30.75
C PHE A 363 21.22 12.32 -31.87
N LEU A 364 20.08 12.98 -31.72
CA LEU A 364 19.55 13.94 -32.70
C LEU A 364 20.27 15.29 -32.59
N PRO A 365 21.03 15.65 -33.64
CA PRO A 365 21.82 16.87 -33.68
C PRO A 365 21.07 18.21 -33.65
N VAL A 366 21.66 19.12 -32.88
CA VAL A 366 21.10 20.42 -32.56
C VAL A 366 21.87 21.54 -33.27
N SER A 367 23.06 21.23 -33.76
CA SER A 367 24.05 22.26 -34.08
C SER A 367 24.23 22.59 -35.57
N GLU A 368 24.04 23.88 -35.86
CA GLU A 368 24.31 24.58 -37.12
C GLU A 368 23.46 25.84 -37.10
N THR A 369 22.27 25.70 -36.51
CA THR A 369 21.39 26.82 -36.19
C THR A 369 20.51 26.37 -35.02
N GLY A 370 19.25 26.78 -35.02
CA GLY A 370 18.31 26.30 -34.03
C GLY A 370 16.96 25.96 -34.64
N GLU A 371 16.58 24.68 -34.58
CA GLU A 371 17.44 23.67 -34.00
C GLU A 371 18.30 23.01 -35.08
N GLY A 372 18.03 21.75 -35.38
CA GLY A 372 18.85 21.01 -36.33
C GLY A 372 18.21 19.73 -36.80
N GLU A 373 18.59 19.31 -37.99
CA GLU A 373 18.12 18.05 -38.55
C GLU A 373 19.29 17.25 -39.03
N GLU A 374 20.47 17.62 -38.55
CA GLU A 374 21.71 16.95 -38.91
C GLU A 374 21.64 15.47 -38.54
N LYS A 375 22.33 14.64 -39.31
CA LYS A 375 22.26 13.19 -39.18
C LYS A 375 22.95 12.73 -37.89
N PRO A 376 22.30 11.81 -37.14
CA PRO A 376 22.81 11.35 -35.84
C PRO A 376 24.01 10.39 -35.88
N VAL A 377 24.67 10.27 -34.74
CA VAL A 377 25.89 9.47 -34.60
C VAL A 377 25.80 8.65 -33.31
N GLY A 378 26.74 7.74 -33.10
CA GLY A 378 26.75 6.92 -31.90
C GLY A 378 27.27 7.65 -30.67
N LEU A 379 26.90 7.14 -29.49
CA LEU A 379 27.22 7.79 -28.21
C LEU A 379 28.71 8.00 -27.98
N THR A 380 29.48 6.93 -28.16
CA THR A 380 30.93 7.01 -28.04
C THR A 380 31.49 7.77 -29.23
N GLN A 381 30.70 7.83 -30.29
CA GLN A 381 31.09 8.53 -31.51
C GLN A 381 30.69 10.01 -31.46
N VAL A 382 30.04 10.41 -30.37
CA VAL A 382 29.63 11.80 -30.18
C VAL A 382 30.84 12.69 -29.89
N LYS A 383 30.77 13.96 -30.30
CA LYS A 383 31.86 14.90 -30.10
C LYS A 383 31.84 15.59 -28.75
N ILE A 384 33.02 15.69 -28.14
CA ILE A 384 33.19 16.28 -26.81
C ILE A 384 32.91 17.79 -26.81
N GLY A 385 32.12 18.23 -25.83
CA GLY A 385 31.88 19.65 -25.64
C GLY A 385 30.68 20.23 -26.35
N GLU A 386 29.99 19.41 -27.13
CA GLU A 386 28.85 19.90 -27.89
C GLU A 386 27.55 19.34 -27.29
N GLU A 387 26.43 19.97 -27.62
CA GLU A 387 25.15 19.60 -27.03
C GLU A 387 24.22 18.95 -28.06
N TYR A 388 23.68 17.80 -27.70
CA TYR A 388 22.79 17.06 -28.59
C TYR A 388 21.60 16.47 -27.84
N GLU A 389 20.47 16.29 -28.52
CA GLU A 389 19.31 15.71 -27.86
C GLU A 389 19.23 14.21 -28.11
N VAL A 390 19.08 13.48 -27.01
CA VAL A 390 19.20 12.03 -27.01
C VAL A 390 17.99 11.36 -27.65
N VAL A 391 18.21 10.21 -28.26
CA VAL A 391 17.15 9.41 -28.83
C VAL A 391 17.33 8.00 -28.27
N ILE A 392 16.26 7.35 -27.86
CA ILE A 392 16.40 6.09 -27.13
C ILE A 392 15.70 4.92 -27.79
N THR A 393 16.48 3.86 -28.00
CA THR A 393 15.95 2.57 -28.42
C THR A 393 16.33 1.53 -27.37
N ASN A 394 15.34 0.96 -26.69
CA ASN A 394 15.61 -0.05 -25.65
C ASN A 394 14.54 -1.14 -25.54
N TYR A 395 14.55 -1.85 -24.40
CA TYR A 395 13.64 -2.97 -24.19
C TYR A 395 12.33 -2.57 -23.54
N ALA A 396 12.18 -1.29 -23.22
CA ALA A 396 10.93 -0.78 -22.65
C ALA A 396 9.91 -0.55 -23.76
N GLY A 397 10.13 -1.18 -24.91
CA GLY A 397 9.30 -0.99 -26.07
C GLY A 397 9.49 0.37 -26.67
N LEU A 398 10.58 1.02 -26.28
CA LEU A 398 10.91 2.33 -26.81
C LEU A 398 11.98 2.18 -27.88
N TYR A 399 11.62 2.55 -29.10
CA TYR A 399 12.55 2.50 -30.22
C TYR A 399 12.65 3.88 -30.84
N ARG A 400 13.80 4.52 -30.62
CA ARG A 400 14.11 5.83 -31.16
C ARG A 400 13.15 6.90 -30.62
N TYR A 401 12.79 6.73 -29.35
CA TYR A 401 11.88 7.63 -28.65
C TYR A 401 12.56 8.94 -28.29
N ARG A 402 12.04 10.04 -28.85
CA ARG A 402 12.56 11.36 -28.52
C ARG A 402 11.92 11.96 -27.28
N LEU A 403 12.70 12.11 -26.22
CA LEU A 403 12.22 12.81 -25.04
C LEU A 403 12.11 14.31 -25.28
N GLY A 404 13.02 14.84 -26.10
CA GLY A 404 13.00 16.25 -26.44
C GLY A 404 13.95 17.07 -25.58
N ASP A 405 15.17 16.59 -25.39
CA ASP A 405 16.06 17.19 -24.40
C ASP A 405 17.56 17.00 -24.70
N VAL A 406 18.33 18.06 -24.46
CA VAL A 406 19.71 18.18 -24.96
C VAL A 406 20.75 18.17 -23.84
N VAL A 407 21.85 17.43 -24.04
CA VAL A 407 22.87 17.24 -23.00
C VAL A 407 24.29 17.56 -23.51
N LYS A 408 25.20 17.89 -22.60
CA LYS A 408 26.61 18.14 -22.94
C LYS A 408 27.52 17.05 -22.37
N VAL A 409 28.65 16.81 -23.06
CA VAL A 409 29.61 15.79 -22.64
C VAL A 409 30.73 16.34 -21.76
N ILE A 410 30.71 15.98 -20.47
CA ILE A 410 31.75 16.44 -19.54
C ILE A 410 33.08 15.74 -19.78
N GLY A 411 33.03 14.45 -20.12
CA GLY A 411 34.24 13.66 -20.27
C GLY A 411 34.02 12.18 -20.44
N PHE A 412 35.06 11.40 -20.15
CA PHE A 412 35.03 9.97 -20.41
C PHE A 412 35.59 9.12 -19.27
N TYR A 413 34.76 8.24 -18.73
CA TYR A 413 35.28 7.15 -17.93
C TYR A 413 35.71 6.08 -18.92
N ASN A 414 37.01 6.04 -19.19
CA ASN A 414 37.56 5.23 -20.28
C ASN A 414 36.95 5.67 -21.61
N ASN A 415 36.18 4.80 -22.25
CA ASN A 415 35.59 5.11 -23.54
C ASN A 415 34.12 5.51 -23.49
N THR A 416 33.53 5.49 -22.30
CA THR A 416 32.12 5.84 -22.16
C THR A 416 31.98 7.23 -21.55
N PRO A 417 31.11 8.06 -22.15
CA PRO A 417 30.98 9.47 -21.77
C PRO A 417 30.22 9.71 -20.48
N GLN A 418 30.69 10.73 -19.76
CA GLN A 418 29.99 11.27 -18.61
C GLN A 418 29.33 12.59 -19.03
N LEU A 419 28.15 12.87 -18.49
CA LEU A 419 27.35 13.98 -19.02
C LEU A 419 26.87 15.00 -17.99
N LYS A 420 26.73 16.25 -18.43
CA LYS A 420 26.12 17.32 -17.64
C LYS A 420 24.81 17.76 -18.28
N PHE A 421 23.81 18.04 -17.47
CA PHE A 421 22.50 18.39 -17.99
C PHE A 421 22.08 19.79 -17.56
N ILE A 422 22.09 20.72 -18.52
CA ILE A 422 21.67 22.10 -18.23
C ILE A 422 20.21 22.32 -18.57
N CYS A 423 19.48 21.23 -18.79
CA CYS A 423 18.05 21.28 -19.05
C CYS A 423 17.27 21.60 -17.78
N ARG A 424 16.51 22.69 -17.82
CA ARG A 424 15.59 23.01 -16.73
C ARG A 424 14.17 23.13 -17.27
N ARG A 425 14.05 23.29 -18.60
CA ARG A 425 12.76 23.13 -19.25
C ARG A 425 12.92 22.73 -20.72
N ASN A 426 12.29 21.61 -21.07
CA ASN A 426 12.29 21.10 -22.43
C ASN A 426 10.98 21.44 -23.15
N LEU A 427 10.25 22.40 -22.59
CA LEU A 427 8.85 22.58 -22.96
C LEU A 427 8.58 23.03 -24.40
N ILE A 428 7.71 22.25 -25.05
CA ILE A 428 7.07 22.58 -26.30
C ILE A 428 5.70 21.91 -26.21
N LEU A 429 4.66 22.53 -26.77
CA LEU A 429 3.31 21.96 -26.60
C LEU A 429 2.39 22.17 -27.81
N SER A 430 1.21 21.56 -27.74
CA SER A 430 0.18 21.74 -28.76
C SER A 430 -1.21 21.79 -28.10
N ILE A 431 -2.18 21.12 -28.69
CA ILE A 431 -3.58 21.29 -28.26
C ILE A 431 -4.18 20.08 -27.52
N ASN A 432 -4.75 20.37 -26.35
CA ASN A 432 -5.26 19.36 -25.44
C ASN A 432 -6.79 19.33 -25.43
N ILE A 433 -7.37 18.12 -25.40
CA ILE A 433 -8.83 17.99 -25.38
C ILE A 433 -9.37 17.39 -24.08
N ASP A 434 -8.54 17.26 -23.05
CA ASP A 434 -9.07 17.09 -21.69
C ASP A 434 -9.02 18.44 -21.02
N LYS A 435 -9.25 19.47 -21.83
CA LYS A 435 -9.06 20.84 -21.45
C LYS A 435 -10.38 21.60 -21.39
N ASN A 436 -10.79 22.17 -20.24
CA ASN A 436 -10.12 22.14 -18.91
C ASN A 436 -8.64 22.53 -18.86
N THR A 437 -8.34 23.79 -19.17
CA THR A 437 -6.95 24.24 -19.20
C THR A 437 -6.43 24.45 -17.77
N GLU A 438 -5.14 24.74 -17.65
CA GLU A 438 -4.52 25.03 -16.36
C GLU A 438 -5.11 26.28 -15.72
N ARG A 439 -5.43 27.28 -16.53
CA ARG A 439 -6.05 28.52 -16.02
C ARG A 439 -7.19 28.16 -15.08
N ASP A 440 -8.09 27.34 -15.60
CA ASP A 440 -9.29 26.91 -14.90
C ASP A 440 -8.96 25.93 -13.77
N LEU A 441 -8.02 25.03 -14.01
CA LEU A 441 -7.63 24.06 -12.99
C LEU A 441 -6.90 24.74 -11.83
N GLN A 442 -5.98 25.65 -12.15
CA GLN A 442 -5.23 26.35 -11.10
C GLN A 442 -6.18 27.18 -10.23
N LEU A 443 -7.14 27.84 -10.85
CA LEU A 443 -8.11 28.62 -10.09
C LEU A 443 -8.94 27.69 -9.23
N SER A 444 -9.28 26.52 -9.78
CA SER A 444 -10.14 25.57 -9.08
C SER A 444 -9.48 24.92 -7.88
N VAL A 445 -8.27 24.41 -8.06
CA VAL A 445 -7.52 23.79 -6.97
C VAL A 445 -7.22 24.81 -5.88
N GLU A 446 -6.91 26.03 -6.31
CA GLU A 446 -6.60 27.14 -5.41
C GLU A 446 -7.85 27.60 -4.68
N SER A 447 -8.98 27.55 -5.37
CA SER A 447 -10.26 27.94 -4.78
C SER A 447 -10.64 27.04 -3.62
N ALA A 448 -10.52 25.74 -3.83
CA ALA A 448 -10.87 24.76 -2.82
C ALA A 448 -9.82 24.70 -1.71
N ALA A 449 -8.72 25.42 -1.89
CA ALA A 449 -7.58 25.34 -0.99
C ALA A 449 -7.78 26.02 0.37
N LYS A 450 -8.63 27.05 0.44
CA LYS A 450 -8.73 27.86 1.66
C LYS A 450 -9.28 27.12 2.87
N ARG A 451 -10.22 26.20 2.66
CA ARG A 451 -10.84 25.52 3.79
C ARG A 451 -9.82 24.70 4.58
N LEU A 452 -8.91 24.02 3.89
CA LEU A 452 -7.83 23.33 4.59
C LEU A 452 -6.92 24.34 5.27
N SER A 453 -6.78 25.50 4.65
CA SER A 453 -5.91 26.55 5.13
C SER A 453 -6.35 27.15 6.46
N GLU A 454 -7.57 26.83 6.87
CA GLU A 454 -8.07 27.28 8.16
C GLU A 454 -7.25 26.63 9.28
N GLU A 455 -6.59 25.53 8.94
CA GLU A 455 -5.73 24.81 9.88
C GLU A 455 -4.26 25.06 9.54
N LYS A 456 -4.00 26.23 8.96
CA LYS A 456 -2.67 26.67 8.51
C LYS A 456 -1.93 25.62 7.68
N ILE A 457 -2.68 24.92 6.84
CA ILE A 457 -2.10 23.94 5.93
C ILE A 457 -2.33 24.37 4.48
N GLU A 458 -1.32 24.18 3.63
CA GLU A 458 -1.42 24.63 2.26
C GLU A 458 -1.21 23.47 1.28
N VAL A 459 -1.61 23.68 0.04
CA VAL A 459 -1.57 22.62 -0.97
C VAL A 459 -0.23 22.55 -1.68
N ILE A 460 0.36 21.36 -1.70
CA ILE A 460 1.63 21.15 -2.37
C ILE A 460 1.45 20.95 -3.87
N ASP A 461 0.45 20.18 -4.26
CA ASP A 461 0.31 19.78 -5.67
C ASP A 461 -1.06 19.19 -6.03
N PHE A 462 -1.37 19.21 -7.33
CA PHE A 462 -2.70 18.86 -7.83
C PHE A 462 -2.70 18.02 -9.12
N SER A 463 -3.77 17.26 -9.33
CA SER A 463 -3.96 16.51 -10.58
C SER A 463 -5.40 16.02 -10.77
N SER A 464 -5.71 15.53 -11.97
CA SER A 464 -7.06 15.08 -12.31
C SER A 464 -7.00 13.92 -13.32
N TYR A 465 -8.12 13.24 -13.56
CA TYR A 465 -8.09 11.97 -14.29
C TYR A 465 -9.29 11.70 -15.21
N ILE A 466 -9.08 10.93 -16.26
CA ILE A 466 -10.18 10.49 -17.12
C ILE A 466 -10.41 8.98 -16.93
N ASP A 467 -11.53 8.62 -16.29
CA ASP A 467 -11.82 7.23 -15.95
C ASP A 467 -12.90 6.60 -16.81
N VAL A 468 -12.52 5.85 -17.84
CA VAL A 468 -13.53 5.24 -18.70
C VAL A 468 -13.91 3.83 -18.24
N SER A 469 -13.32 3.36 -17.14
CA SER A 469 -13.74 2.09 -16.56
C SER A 469 -15.14 2.26 -15.98
N THR A 470 -15.35 3.42 -15.38
CA THR A 470 -16.61 3.74 -14.71
C THR A 470 -17.62 4.29 -15.71
N ASP A 471 -18.89 4.15 -15.37
CA ASP A 471 -19.96 4.81 -16.10
C ASP A 471 -20.53 5.93 -15.26
N PRO A 472 -20.33 7.17 -15.71
CA PRO A 472 -19.60 7.51 -16.94
C PRO A 472 -18.12 7.75 -16.71
N GLY A 473 -17.41 8.15 -17.76
CA GLY A 473 -16.06 8.66 -17.62
C GLY A 473 -16.15 9.93 -16.78
N HIS A 474 -15.12 10.22 -15.98
CA HIS A 474 -15.27 11.33 -15.06
C HIS A 474 -14.02 12.07 -14.55
N TYR A 475 -13.97 12.19 -13.22
CA TYR A 475 -13.17 13.16 -12.48
C TYR A 475 -11.83 12.69 -11.91
N ALA A 476 -11.80 12.53 -10.59
CA ALA A 476 -10.69 11.97 -9.84
C ALA A 476 -9.60 13.00 -9.66
N ILE A 477 -9.40 13.46 -8.42
CA ILE A 477 -8.51 14.57 -8.16
C ILE A 477 -7.41 14.19 -7.16
N PHE A 478 -6.21 14.71 -7.40
CA PHE A 478 -5.08 14.45 -6.55
C PHE A 478 -4.67 15.71 -5.80
N TRP A 479 -4.43 15.57 -4.51
CA TRP A 479 -4.02 16.72 -3.71
C TRP A 479 -2.94 16.36 -2.70
N GLU A 480 -1.88 17.16 -2.70
CA GLU A 480 -0.83 17.02 -1.69
C GLU A 480 -0.79 18.27 -0.83
N ILE A 481 -0.79 18.08 0.47
CA ILE A 481 -0.78 19.19 1.42
C ILE A 481 0.37 19.00 2.41
N SER A 482 0.67 20.04 3.17
CA SER A 482 1.84 20.03 4.04
C SER A 482 1.66 19.09 5.24
N GLY A 483 0.45 19.05 5.79
CA GLY A 483 0.23 18.27 7.00
C GLY A 483 -1.14 17.62 7.10
N GLU A 484 -1.30 16.78 8.13
CA GLU A 484 -2.51 15.99 8.32
C GLU A 484 -3.70 16.85 8.74
N THR A 485 -4.89 16.49 8.24
CA THR A 485 -6.13 17.22 8.55
C THR A 485 -7.33 16.27 8.57
N ASN A 486 -8.45 16.76 9.10
CA ASN A 486 -9.67 15.96 9.20
C ASN A 486 -10.33 15.77 7.83
N GLU A 487 -11.29 14.85 7.78
CA GLU A 487 -11.85 14.39 6.51
C GLU A 487 -13.06 15.17 5.99
N ASP A 488 -13.77 15.87 6.88
CA ASP A 488 -15.03 16.51 6.49
C ASP A 488 -14.80 17.80 5.69
N VAL A 489 -13.73 18.53 6.01
CA VAL A 489 -13.39 19.75 5.27
C VAL A 489 -13.05 19.40 3.82
N LEU A 490 -12.44 18.24 3.64
CA LEU A 490 -12.03 17.75 2.33
C LEU A 490 -13.25 17.44 1.46
N GLN A 491 -14.26 16.81 2.05
CA GLN A 491 -15.51 16.53 1.37
C GLN A 491 -16.07 17.78 0.71
N ASP A 492 -16.18 18.83 1.49
CA ASP A 492 -16.66 20.13 1.03
C ASP A 492 -15.77 20.71 -0.06
N CYS A 493 -14.47 20.57 0.10
CA CYS A 493 -13.50 21.00 -0.90
C CYS A 493 -13.81 20.36 -2.25
N CYS A 494 -14.14 19.07 -2.21
CA CYS A 494 -14.59 18.34 -3.40
C CYS A 494 -15.75 19.03 -4.09
N ASN A 495 -16.60 19.68 -3.33
CA ASN A 495 -17.76 20.33 -3.91
C ASN A 495 -17.41 21.63 -4.63
N CYS A 496 -16.46 22.39 -4.09
CA CYS A 496 -16.00 23.58 -4.77
C CYS A 496 -15.39 23.18 -6.11
N LEU A 497 -14.57 22.14 -6.07
CA LEU A 497 -13.94 21.61 -7.27
C LEU A 497 -15.01 21.12 -8.23
N ASP A 498 -16.14 20.70 -7.67
CA ASP A 498 -17.24 20.19 -8.46
C ASP A 498 -17.89 21.30 -9.29
N ARG A 499 -17.95 22.50 -8.72
CA ARG A 499 -18.59 23.62 -9.39
C ARG A 499 -17.56 24.56 -10.04
N ALA A 500 -16.28 24.32 -9.75
CA ALA A 500 -15.21 25.23 -10.18
C ALA A 500 -14.94 25.18 -11.68
N PHE A 501 -14.78 23.98 -12.23
CA PHE A 501 -14.59 23.85 -13.68
C PHE A 501 -15.85 24.36 -14.36
N ILE A 502 -15.69 25.29 -15.29
CA ILE A 502 -16.82 26.12 -15.69
C ILE A 502 -17.24 25.97 -17.16
N ASP A 503 -16.51 25.16 -17.91
CA ASP A 503 -16.85 24.91 -19.32
C ASP A 503 -18.26 24.34 -19.47
N ALA A 504 -19.01 24.89 -20.43
CA ALA A 504 -20.42 24.55 -20.65
C ALA A 504 -20.71 23.05 -20.66
N GLY A 505 -20.05 22.32 -21.54
CA GLY A 505 -20.24 20.89 -21.66
C GLY A 505 -19.95 20.17 -20.36
N TYR A 506 -18.79 20.48 -19.78
CA TYR A 506 -18.37 19.82 -18.55
C TYR A 506 -19.26 20.22 -17.37
N VAL A 507 -19.51 21.52 -17.23
CA VAL A 507 -20.24 22.02 -16.07
C VAL A 507 -21.73 21.67 -16.12
N SER A 508 -22.30 21.55 -17.31
CA SER A 508 -23.69 21.15 -17.42
C SER A 508 -23.86 19.69 -17.04
N SER A 509 -22.98 18.85 -17.59
CA SER A 509 -22.92 17.42 -17.23
C SER A 509 -22.60 17.22 -15.77
N ARG A 510 -21.71 18.04 -15.26
CA ARG A 510 -21.33 17.93 -13.87
C ARG A 510 -22.54 18.20 -13.00
N LYS A 511 -23.30 19.23 -13.35
CA LYS A 511 -24.40 19.68 -12.49
C LYS A 511 -25.52 18.63 -12.36
N CYS A 512 -25.80 17.90 -13.43
CA CYS A 512 -26.85 16.89 -13.38
C CYS A 512 -26.27 15.47 -13.39
N LYS A 513 -25.00 15.36 -13.00
CA LYS A 513 -24.33 14.07 -12.78
C LYS A 513 -24.20 13.18 -14.01
N THR A 514 -24.26 13.78 -15.20
CA THR A 514 -24.06 13.05 -16.45
C THR A 514 -22.62 12.58 -16.48
N ILE A 515 -21.78 13.31 -15.79
CA ILE A 515 -20.50 12.77 -15.37
C ILE A 515 -20.66 12.55 -13.88
N GLY A 516 -20.19 11.40 -13.39
CA GLY A 516 -20.34 11.04 -12.00
C GLY A 516 -20.01 12.13 -11.01
N ALA A 517 -20.59 12.05 -9.83
CA ALA A 517 -20.33 13.04 -8.80
C ALA A 517 -18.86 12.99 -8.38
N LEU A 518 -18.20 14.15 -8.33
CA LEU A 518 -16.76 14.23 -8.05
C LEU A 518 -16.33 13.38 -6.86
N GLU A 519 -15.22 12.68 -7.03
CA GLU A 519 -14.65 11.89 -5.96
C GLU A 519 -13.36 12.55 -5.51
N LEU A 520 -13.27 12.80 -4.21
CA LEU A 520 -12.07 13.40 -3.65
C LEU A 520 -11.37 12.39 -2.77
N ARG A 521 -10.16 12.07 -3.17
CA ARG A 521 -9.31 11.17 -2.44
C ARG A 521 -8.03 11.92 -2.13
N VAL A 522 -7.65 11.94 -0.86
CA VAL A 522 -6.48 12.70 -0.47
C VAL A 522 -5.26 11.81 -0.41
N VAL A 523 -4.40 11.94 -1.42
CA VAL A 523 -3.15 11.19 -1.41
C VAL A 523 -2.24 11.81 -0.37
N ALA A 524 -1.31 11.02 0.12
CA ALA A 524 -0.40 11.47 1.17
C ALA A 524 0.80 12.23 0.58
N LYS A 525 1.58 12.87 1.44
CA LYS A 525 2.58 13.85 0.99
C LYS A 525 3.78 13.17 0.34
N GLY A 526 4.34 13.83 -0.68
CA GLY A 526 5.54 13.34 -1.32
C GLY A 526 5.23 12.43 -2.49
N THR A 527 3.96 12.10 -2.67
CA THR A 527 3.51 11.30 -3.81
C THR A 527 3.93 11.91 -5.14
N PHE A 528 3.46 13.13 -5.36
CA PHE A 528 3.82 13.89 -6.55
C PHE A 528 5.29 14.21 -6.54
N ARG A 529 5.82 14.32 -5.33
CA ARG A 529 7.24 14.48 -5.18
C ARG A 529 7.92 13.20 -5.67
N LYS A 530 7.36 12.04 -5.34
CA LYS A 530 7.98 10.79 -5.77
C LYS A 530 7.89 10.61 -7.29
N ILE A 531 6.81 11.05 -7.91
CA ILE A 531 6.72 10.93 -9.37
C ILE A 531 7.66 11.95 -10.01
N GLN A 532 7.87 13.06 -9.31
CA GLN A 532 8.87 14.04 -9.73
C GLN A 532 10.25 13.37 -9.66
N GLU A 533 10.44 12.52 -8.65
CA GLU A 533 11.67 11.77 -8.49
C GLU A 533 11.96 10.95 -9.74
N HIS A 534 10.91 10.31 -10.22
CA HIS A 534 11.01 9.47 -11.40
C HIS A 534 11.33 10.32 -12.64
N PHE A 535 10.68 11.47 -12.74
CA PHE A 535 10.69 12.24 -13.98
C PHE A 535 12.00 12.96 -14.29
N LEU A 536 12.67 13.50 -13.28
CA LEU A 536 13.91 14.21 -13.53
C LEU A 536 14.98 13.24 -13.97
N GLY A 537 14.92 12.04 -13.40
CA GLY A 537 15.86 10.99 -13.73
C GLY A 537 15.64 10.37 -15.09
N LEU A 538 14.62 10.86 -15.81
CA LEU A 538 14.22 10.24 -17.07
C LEU A 538 15.40 10.18 -18.03
N GLY A 539 15.78 8.95 -18.39
CA GLY A 539 16.93 8.71 -19.26
C GLY A 539 16.94 9.58 -20.50
N SER A 540 17.78 10.61 -20.42
CA SER A 540 17.88 11.65 -21.44
C SER A 540 18.72 12.81 -20.95
N SER A 541 18.15 14.01 -21.00
CA SER A 541 18.77 15.20 -20.46
C SER A 541 18.05 15.66 -19.18
N ALA A 542 18.63 15.32 -18.04
CA ALA A 542 18.04 15.51 -16.70
C ALA A 542 17.28 16.82 -16.47
N GLY A 543 16.23 17.05 -17.24
CA GLY A 543 15.41 18.24 -17.10
C GLY A 543 14.06 17.94 -17.72
N GLN A 544 13.24 17.20 -16.96
CA GLN A 544 12.01 16.66 -17.49
C GLN A 544 10.95 16.45 -16.41
N PHE A 545 10.28 17.50 -15.99
CA PHE A 545 9.44 17.43 -14.80
C PHE A 545 8.04 18.05 -14.94
N LYS A 546 7.76 18.72 -16.04
CA LYS A 546 6.45 19.38 -16.19
C LYS A 546 5.33 18.34 -16.07
N MET A 547 4.42 18.62 -15.15
CA MET A 547 3.40 17.66 -14.71
C MET A 547 2.08 17.84 -15.47
N PRO A 548 1.65 16.78 -16.18
CA PRO A 548 0.31 16.78 -16.75
C PRO A 548 -0.72 16.89 -15.65
N ARG A 549 -1.72 17.76 -15.84
CA ARG A 549 -2.61 18.13 -14.76
C ARG A 549 -3.94 17.37 -14.75
N CYS A 550 -4.42 16.96 -15.92
CA CYS A 550 -5.49 15.96 -15.94
C CYS A 550 -5.01 14.77 -16.76
N VAL A 551 -5.16 13.58 -16.19
CA VAL A 551 -4.57 12.39 -16.79
C VAL A 551 -5.64 11.55 -17.52
N LYS A 552 -5.36 11.18 -18.76
CA LYS A 552 -6.28 10.33 -19.50
C LYS A 552 -6.21 8.93 -18.88
N PRO A 553 -7.13 8.00 -19.27
CA PRO A 553 -6.96 6.58 -18.86
C PRO A 553 -5.63 6.18 -19.39
N SER A 554 -5.25 7.09 -20.24
CA SER A 554 -4.05 6.92 -20.91
C SER A 554 -2.82 7.27 -19.99
N ASN A 555 -2.80 8.34 -19.21
CA ASN A 555 -1.57 8.57 -18.35
C ASN A 555 -1.17 7.43 -17.38
N ALA A 556 -0.05 7.48 -16.67
CA ALA A 556 0.31 6.23 -15.97
C ALA A 556 0.92 6.33 -14.58
N LYS A 557 1.91 7.18 -14.38
CA LYS A 557 2.47 7.38 -13.03
C LYS A 557 1.38 7.65 -12.01
N VAL A 558 0.51 8.57 -12.40
CA VAL A 558 -0.59 9.07 -11.60
C VAL A 558 -1.66 8.02 -11.32
N LEU A 559 -1.79 7.08 -12.26
CA LEU A 559 -2.89 6.13 -12.17
C LEU A 559 -2.80 5.15 -11.05
N GLN A 560 -1.62 4.56 -10.87
CA GLN A 560 -1.34 3.63 -9.79
C GLN A 560 -1.72 4.26 -8.47
N ILE A 561 -1.38 5.54 -8.38
CA ILE A 561 -1.55 6.34 -7.18
C ILE A 561 -2.99 6.49 -6.67
N LEU A 562 -3.98 6.51 -7.56
CA LEU A 562 -5.27 7.08 -7.19
C LEU A 562 -6.16 6.26 -6.25
N CYS A 563 -6.23 4.94 -6.39
CA CYS A 563 -7.29 4.22 -5.66
C CYS A 563 -7.01 3.83 -4.21
N GLU A 564 -5.81 3.38 -3.85
CA GLU A 564 -5.67 2.88 -2.48
C GLU A 564 -5.06 3.82 -1.47
N ASN A 565 -4.00 4.50 -1.85
CA ASN A 565 -3.40 5.40 -0.91
C ASN A 565 -4.22 6.65 -0.75
N VAL A 566 -5.29 6.49 0.01
CA VAL A 566 -6.22 7.58 0.30
C VAL A 566 -6.18 7.93 1.80
N VAL A 567 -5.82 9.17 2.09
CA VAL A 567 -5.96 9.68 3.45
C VAL A 567 -7.44 9.53 3.79
N SER A 568 -8.26 9.89 2.81
CA SER A 568 -9.68 9.64 2.85
C SER A 568 -10.18 9.69 1.41
N SER A 569 -11.25 8.97 1.11
CA SER A 569 -11.81 8.98 -0.23
C SER A 569 -13.29 9.29 -0.17
N TYR A 570 -13.71 10.35 -0.84
CA TYR A 570 -15.10 10.78 -0.80
C TYR A 570 -15.65 11.13 -2.15
N PHE A 571 -16.85 10.66 -2.42
CA PHE A 571 -17.58 11.06 -3.61
C PHE A 571 -18.45 12.23 -3.22
N SER A 572 -18.59 13.16 -4.17
CA SER A 572 -19.19 14.48 -3.97
C SER A 572 -20.19 14.62 -2.83
N THR A 573 -19.91 15.53 -1.92
CA THR A 573 -20.84 15.91 -0.86
C THR A 573 -21.80 16.94 -1.49
N ALA A 574 -21.69 17.09 -2.80
CA ALA A 574 -22.66 17.85 -3.56
C ALA A 574 -23.67 16.88 -4.19
N PHE A 575 -24.75 17.44 -4.71
CA PHE A 575 -25.86 16.68 -5.25
C PHE A 575 -26.42 15.68 -4.22
N MET B 1 -53.76 48.84 -9.22
CA MET B 1 -52.67 48.06 -8.62
C MET B 1 -51.95 48.90 -7.57
N SER B 2 -52.70 49.43 -6.61
CA SER B 2 -52.12 50.20 -5.53
C SER B 2 -51.16 49.34 -4.74
N PRO B 3 -50.03 49.93 -4.31
CA PRO B 3 -49.02 49.20 -3.54
C PRO B 3 -49.56 48.52 -2.28
N ILE B 4 -49.13 47.29 -2.06
CA ILE B 4 -49.63 46.50 -0.96
C ILE B 4 -48.62 46.34 0.17
N LEU B 5 -48.99 46.79 1.36
CA LEU B 5 -48.27 46.44 2.57
C LEU B 5 -49.10 45.40 3.30
N GLY B 6 -48.57 44.19 3.42
CA GLY B 6 -49.32 43.10 4.01
C GLY B 6 -48.77 42.65 5.35
N TYR B 7 -49.62 42.64 6.37
CA TYR B 7 -49.17 42.39 7.73
C TYR B 7 -50.32 42.11 8.69
N TRP B 8 -49.98 41.60 9.88
CA TRP B 8 -50.97 41.37 10.92
C TRP B 8 -51.39 42.67 11.59
N LYS B 9 -52.50 42.62 12.32
CA LYS B 9 -52.95 43.75 13.12
C LYS B 9 -52.13 43.86 14.41
N ILE B 10 -50.83 44.06 14.26
CA ILE B 10 -49.89 44.09 15.37
C ILE B 10 -48.91 45.23 15.18
N LYS B 11 -48.54 45.89 16.27
CA LYS B 11 -47.45 46.88 16.23
C LYS B 11 -46.20 46.29 15.61
N GLY B 12 -45.55 45.41 16.37
CA GLY B 12 -44.39 44.67 15.94
C GLY B 12 -43.47 45.31 14.92
N LEU B 13 -43.22 44.58 13.84
CA LEU B 13 -42.28 45.00 12.81
C LEU B 13 -42.83 46.13 11.93
N VAL B 14 -44.14 46.13 11.70
CA VAL B 14 -44.77 47.07 10.76
C VAL B 14 -45.09 48.44 11.35
N GLN B 15 -45.14 48.54 12.67
CA GLN B 15 -45.57 49.78 13.34
C GLN B 15 -44.87 51.06 12.90
N PRO B 16 -43.54 51.03 12.71
CA PRO B 16 -42.96 52.29 12.23
C PRO B 16 -43.49 52.62 10.85
N THR B 17 -43.79 51.60 10.06
CA THR B 17 -44.08 51.75 8.63
C THR B 17 -45.43 52.39 8.30
N ARG B 18 -46.48 52.01 9.02
CA ARG B 18 -47.83 52.50 8.75
C ARG B 18 -47.95 54.02 8.77
N LEU B 19 -47.55 54.61 9.90
CA LEU B 19 -47.60 56.05 10.07
C LEU B 19 -46.72 56.68 9.04
N LEU B 20 -45.62 56.00 8.74
CA LEU B 20 -44.67 56.61 7.86
C LEU B 20 -45.09 56.57 6.39
N LEU B 21 -45.88 55.59 5.96
CA LEU B 21 -46.38 55.62 4.59
C LEU B 21 -47.10 56.94 4.32
N GLU B 22 -47.64 57.53 5.38
CA GLU B 22 -48.35 58.81 5.31
C GLU B 22 -47.42 60.03 5.34
N TYR B 23 -46.17 59.86 5.78
CA TYR B 23 -45.23 60.99 5.75
C TYR B 23 -44.92 61.41 4.33
N LEU B 24 -44.73 60.46 3.45
CA LEU B 24 -44.30 60.77 2.10
C LEU B 24 -45.54 61.13 1.26
N GLU B 25 -46.71 60.97 1.87
CA GLU B 25 -47.99 61.15 1.20
C GLU B 25 -48.03 60.21 -0.01
N GLU B 26 -47.81 58.94 0.27
CA GLU B 26 -47.77 57.91 -0.76
C GLU B 26 -48.99 56.99 -0.68
N LYS B 27 -49.56 56.68 -1.83
CA LYS B 27 -50.72 55.78 -1.93
C LYS B 27 -50.36 54.39 -1.42
N TYR B 28 -51.29 53.69 -0.76
CA TYR B 28 -51.01 52.32 -0.33
C TYR B 28 -52.28 51.62 0.09
N GLU B 29 -52.31 50.30 -0.05
CA GLU B 29 -53.46 49.50 0.37
C GLU B 29 -53.02 48.43 1.37
N GLU B 30 -53.96 47.92 2.16
CA GLU B 30 -53.62 47.02 3.26
C GLU B 30 -54.32 45.65 3.16
N HIS B 31 -53.61 44.62 3.61
CA HIS B 31 -54.22 43.31 3.85
C HIS B 31 -54.06 43.00 5.33
N LEU B 32 -55.18 42.94 6.04
CA LEU B 32 -55.13 42.68 7.47
C LEU B 32 -55.49 41.24 7.78
N TYR B 33 -54.51 40.50 8.29
CA TYR B 33 -54.75 39.11 8.67
C TYR B 33 -54.65 38.98 10.19
N GLU B 34 -55.66 38.34 10.77
CA GLU B 34 -55.83 38.27 12.21
C GLU B 34 -55.15 37.05 12.84
N ARG B 35 -55.12 37.06 14.18
CA ARG B 35 -54.71 35.93 14.99
C ARG B 35 -55.39 34.64 14.53
N ASP B 36 -56.61 34.81 14.03
CA ASP B 36 -57.47 33.70 13.63
C ASP B 36 -57.24 33.33 12.17
N GLU B 37 -56.35 34.07 11.52
CA GLU B 37 -56.02 33.84 10.13
C GLU B 37 -54.64 33.19 10.02
N GLY B 38 -54.30 32.38 11.00
CA GLY B 38 -53.09 31.57 10.95
C GLY B 38 -53.17 30.57 9.82
N ASP B 39 -54.40 30.13 9.53
CA ASP B 39 -54.66 29.26 8.38
C ASP B 39 -54.27 29.96 7.08
N LYS B 40 -54.31 31.29 7.10
CA LYS B 40 -53.98 32.11 5.94
C LYS B 40 -52.47 32.13 5.71
N TRP B 41 -51.74 32.07 6.81
CA TRP B 41 -50.29 32.12 6.80
C TRP B 41 -49.67 30.97 5.99
N ARG B 42 -50.19 29.76 6.17
CA ARG B 42 -49.69 28.61 5.41
C ARG B 42 -49.97 28.75 3.91
N ASN B 43 -51.11 29.31 3.56
CA ASN B 43 -51.60 29.27 2.18
C ASN B 43 -51.35 30.50 1.31
N LYS B 44 -50.68 31.53 1.80
CA LYS B 44 -50.56 32.74 0.99
C LYS B 44 -49.17 33.04 0.45
N LYS B 45 -48.14 32.59 1.18
CA LYS B 45 -46.78 33.07 0.94
C LYS B 45 -46.21 32.81 -0.44
N PHE B 46 -46.29 31.58 -0.92
CA PHE B 46 -45.70 31.27 -2.22
C PHE B 46 -46.73 31.27 -3.34
N GLU B 47 -47.97 31.52 -2.96
CA GLU B 47 -49.03 31.58 -3.96
C GLU B 47 -48.98 32.93 -4.67
N LEU B 48 -48.33 33.91 -4.03
CA LEU B 48 -48.04 35.18 -4.69
C LEU B 48 -46.55 35.33 -4.98
N GLY B 49 -45.77 34.32 -4.54
CA GLY B 49 -44.41 34.10 -5.01
C GLY B 49 -43.18 34.65 -4.30
N LEU B 50 -43.18 34.72 -2.97
CA LEU B 50 -42.03 35.24 -2.24
C LEU B 50 -40.81 34.33 -2.27
N GLU B 51 -39.67 34.86 -2.71
CA GLU B 51 -38.41 34.15 -2.72
C GLU B 51 -37.88 34.06 -1.29
N PHE B 52 -37.97 35.18 -0.57
CA PHE B 52 -37.61 35.20 0.84
C PHE B 52 -38.87 35.40 1.69
N PRO B 53 -39.34 34.31 2.32
CA PRO B 53 -40.62 34.24 3.03
C PRO B 53 -40.61 34.94 4.39
N ASN B 54 -41.38 36.01 4.54
CA ASN B 54 -41.48 36.67 5.83
C ASN B 54 -42.60 37.69 5.94
N LEU B 55 -43.01 37.96 7.18
CA LEU B 55 -43.92 39.04 7.49
C LEU B 55 -43.19 40.02 8.39
N PRO B 56 -43.40 41.34 8.17
CA PRO B 56 -44.36 41.92 7.24
C PRO B 56 -43.86 41.97 5.81
N TYR B 57 -44.78 42.06 4.84
CA TYR B 57 -44.38 42.16 3.44
C TYR B 57 -44.97 43.41 2.81
N TYR B 58 -44.25 43.99 1.86
CA TYR B 58 -44.70 45.20 1.20
C TYR B 58 -44.32 45.21 -0.26
N ILE B 59 -45.31 45.43 -1.10
CA ILE B 59 -45.08 45.48 -2.53
C ILE B 59 -45.53 46.81 -3.07
N ASP B 60 -44.61 47.59 -3.60
CA ASP B 60 -44.97 48.75 -4.40
C ASP B 60 -45.35 48.17 -5.75
N GLY B 61 -45.84 48.99 -6.67
CA GLY B 61 -46.17 48.48 -8.00
C GLY B 61 -45.07 47.68 -8.69
N ASP B 62 -43.82 47.90 -8.31
CA ASP B 62 -42.73 47.11 -8.86
C ASP B 62 -41.77 46.51 -7.84
N VAL B 63 -42.11 46.44 -6.57
CA VAL B 63 -41.07 45.94 -5.67
C VAL B 63 -41.53 44.77 -4.79
N LYS B 64 -40.58 43.93 -4.39
CA LYS B 64 -40.88 42.74 -3.58
C LYS B 64 -39.88 42.58 -2.45
N LEU B 65 -40.33 42.83 -1.22
CA LEU B 65 -39.39 42.95 -0.11
C LEU B 65 -40.04 42.65 1.26
N THR B 66 -39.27 42.13 2.23
CA THR B 66 -39.77 41.88 3.59
C THR B 66 -38.75 42.26 4.68
N GLN B 67 -38.98 41.84 5.92
CA GLN B 67 -38.09 42.18 7.06
C GLN B 67 -38.14 43.65 7.45
N SER B 68 -38.69 43.93 8.63
CA SER B 68 -38.92 45.29 9.13
C SER B 68 -37.80 46.29 8.91
N MET B 69 -36.58 45.90 9.28
CA MET B 69 -35.48 46.84 9.15
C MET B 69 -35.21 47.15 7.69
N ALA B 70 -35.26 46.12 6.85
CA ALA B 70 -35.08 46.30 5.41
C ALA B 70 -36.18 47.17 4.79
N ILE B 71 -37.40 47.09 5.34
CA ILE B 71 -38.56 47.76 4.74
C ILE B 71 -38.42 49.25 4.96
N ILE B 72 -37.77 49.59 6.06
CA ILE B 72 -37.65 50.96 6.48
C ILE B 72 -36.74 51.79 5.57
N ARG B 73 -35.54 51.28 5.34
CA ARG B 73 -34.59 51.96 4.47
C ARG B 73 -35.12 52.00 3.06
N TYR B 74 -35.95 51.01 2.73
CA TYR B 74 -36.69 51.02 1.49
C TYR B 74 -37.55 52.23 1.38
N ILE B 75 -38.22 52.55 2.47
CA ILE B 75 -39.17 53.65 2.43
C ILE B 75 -38.36 54.92 2.29
N ALA B 76 -37.26 55.01 3.04
CA ALA B 76 -36.41 56.20 3.07
C ALA B 76 -35.77 56.53 1.72
N ASP B 77 -35.31 55.51 0.98
CA ASP B 77 -34.69 55.83 -0.30
C ASP B 77 -35.73 56.31 -1.30
N LYS B 78 -36.94 55.73 -1.30
CA LYS B 78 -38.01 56.23 -2.16
C LYS B 78 -38.24 57.72 -1.89
N HIS B 79 -37.74 58.14 -0.74
CA HIS B 79 -37.79 59.52 -0.26
C HIS B 79 -36.40 60.16 -0.48
N ASN B 80 -35.73 59.70 -1.54
CA ASN B 80 -34.34 60.06 -1.87
C ASN B 80 -33.44 60.32 -0.66
N MET B 81 -33.27 59.31 0.19
CA MET B 81 -32.53 59.54 1.42
C MET B 81 -31.14 58.97 1.41
N LEU B 82 -30.98 57.79 0.84
CA LEU B 82 -29.63 57.27 0.74
C LEU B 82 -28.88 58.12 -0.27
N GLY B 83 -28.78 57.67 -1.53
CA GLY B 83 -27.69 58.09 -2.40
C GLY B 83 -26.48 57.44 -1.78
N GLY B 84 -26.46 57.68 -0.47
CA GLY B 84 -25.55 57.12 0.48
C GLY B 84 -25.30 57.70 1.89
N CYS B 85 -25.23 59.01 2.06
CA CYS B 85 -24.58 59.73 3.23
C CYS B 85 -24.12 58.83 4.39
N PRO B 86 -22.78 58.75 4.59
CA PRO B 86 -22.06 57.87 5.52
C PRO B 86 -22.44 58.04 6.94
N LYS B 87 -22.06 59.16 7.57
CA LYS B 87 -22.23 59.22 8.99
C LYS B 87 -23.63 58.82 9.32
N GLU B 88 -24.58 59.59 8.81
CA GLU B 88 -25.99 59.38 9.09
C GLU B 88 -26.44 57.96 8.76
N ARG B 89 -26.18 57.43 7.56
CA ARG B 89 -26.53 56.02 7.25
C ARG B 89 -25.98 55.11 8.34
N ALA B 90 -24.73 55.35 8.73
CA ALA B 90 -24.14 54.57 9.80
C ALA B 90 -24.62 55.09 11.15
N GLU B 91 -24.94 56.38 11.21
CA GLU B 91 -25.43 56.99 12.45
C GLU B 91 -26.95 56.84 12.67
N ILE B 92 -27.73 56.93 11.60
CA ILE B 92 -29.14 56.58 11.65
C ILE B 92 -29.22 55.14 12.12
N SER B 93 -28.47 54.27 11.45
CA SER B 93 -28.45 52.85 11.74
C SER B 93 -27.94 52.59 13.14
N MET B 94 -26.92 53.34 13.57
CA MET B 94 -26.44 53.25 14.95
C MET B 94 -27.54 53.67 15.90
N LEU B 95 -28.11 54.83 15.61
CA LEU B 95 -29.28 55.32 16.34
C LEU B 95 -30.37 54.27 16.28
N GLU B 96 -30.65 53.81 15.06
CA GLU B 96 -31.63 52.75 14.84
C GLU B 96 -31.19 51.47 15.54
N GLY B 97 -29.88 51.20 15.48
CA GLY B 97 -29.30 50.00 16.03
C GLY B 97 -29.40 49.90 17.54
N ALA B 98 -29.18 51.01 18.22
CA ALA B 98 -29.35 51.05 19.67
C ALA B 98 -30.79 50.67 19.97
N VAL B 99 -31.70 51.12 19.10
CA VAL B 99 -33.11 50.80 19.25
C VAL B 99 -33.40 49.39 18.73
N LEU B 100 -32.66 48.89 17.74
CA LEU B 100 -32.85 47.49 17.33
C LEU B 100 -32.55 46.60 18.52
N ASP B 101 -31.46 46.92 19.21
CA ASP B 101 -31.14 46.28 20.47
C ASP B 101 -32.32 46.42 21.43
N ILE B 102 -32.92 47.61 21.45
CA ILE B 102 -34.14 47.88 22.20
C ILE B 102 -35.36 47.16 21.59
N ARG B 103 -35.54 47.30 20.27
CA ARG B 103 -36.71 46.72 19.57
C ARG B 103 -36.68 45.20 19.56
N TYR B 104 -35.54 44.64 19.21
CA TYR B 104 -35.45 43.20 19.19
C TYR B 104 -35.28 42.67 20.59
N GLY B 105 -34.72 43.49 21.46
CA GLY B 105 -34.63 43.17 22.88
C GLY B 105 -35.99 42.89 23.48
N VAL B 106 -36.98 43.71 23.15
CA VAL B 106 -38.33 43.47 23.63
C VAL B 106 -38.92 42.29 22.88
N SER B 107 -38.47 42.03 21.65
CA SER B 107 -38.98 40.90 20.89
C SER B 107 -38.37 39.60 21.39
N ARG B 108 -37.15 39.67 21.90
CA ARG B 108 -36.52 38.54 22.59
C ARG B 108 -37.40 38.14 23.74
N ILE B 109 -37.77 39.15 24.50
CA ILE B 109 -38.62 38.91 25.64
C ILE B 109 -40.04 38.62 25.15
N ALA B 110 -40.42 39.16 23.99
CA ALA B 110 -41.80 39.04 23.48
C ALA B 110 -42.39 37.64 23.50
N TYR B 111 -41.59 36.61 23.24
CA TYR B 111 -42.13 35.28 23.30
C TYR B 111 -41.84 34.63 24.66
N SER B 112 -41.13 35.36 25.52
CA SER B 112 -40.74 34.81 26.83
C SER B 112 -41.94 34.66 27.75
N LYS B 113 -41.83 33.73 28.69
CA LYS B 113 -42.93 33.37 29.56
C LYS B 113 -43.05 34.26 30.81
N ASP B 114 -41.93 34.76 31.32
CA ASP B 114 -41.92 35.57 32.53
C ASP B 114 -42.26 37.04 32.29
N PHE B 115 -41.51 37.64 31.38
CA PHE B 115 -41.72 39.01 30.92
C PHE B 115 -41.36 40.10 31.90
N GLU B 116 -42.00 40.08 33.06
CA GLU B 116 -41.92 41.16 34.03
C GLU B 116 -40.50 41.40 34.52
N THR B 117 -39.75 40.33 34.68
CA THR B 117 -38.40 40.46 35.20
C THR B 117 -37.43 40.78 34.09
N LEU B 118 -37.73 40.33 32.88
CA LEU B 118 -36.88 40.68 31.75
C LEU B 118 -37.07 42.14 31.35
N LYS B 119 -38.29 42.66 31.49
CA LYS B 119 -38.62 44.01 31.12
C LYS B 119 -38.04 45.04 32.13
N VAL B 120 -38.19 44.78 33.43
CA VAL B 120 -37.69 45.70 34.45
C VAL B 120 -36.17 45.86 34.34
N ASP B 121 -35.52 44.81 33.85
CA ASP B 121 -34.07 44.85 33.65
C ASP B 121 -33.76 45.37 32.28
N PHE B 122 -34.66 45.10 31.35
CA PHE B 122 -34.69 45.81 30.08
C PHE B 122 -34.89 47.28 30.41
N LEU B 123 -35.75 47.53 31.40
CA LEU B 123 -35.92 48.87 31.96
C LEU B 123 -34.67 49.31 32.70
N SER B 124 -33.97 48.38 33.34
CA SER B 124 -32.76 48.76 34.05
C SER B 124 -31.69 49.10 33.04
N LYS B 125 -31.74 48.48 31.86
CA LYS B 125 -30.73 48.71 30.84
C LYS B 125 -31.14 49.79 29.84
N LEU B 126 -32.36 50.32 29.98
CA LEU B 126 -32.82 51.37 29.06
C LEU B 126 -32.13 52.73 29.26
N PRO B 127 -31.85 53.15 30.51
CA PRO B 127 -31.31 54.52 30.62
C PRO B 127 -29.97 54.75 29.91
N GLU B 128 -29.14 53.72 29.77
CA GLU B 128 -27.88 53.86 29.04
C GLU B 128 -28.08 54.32 27.62
N MET B 129 -28.84 53.56 26.85
CA MET B 129 -29.04 53.84 25.45
C MET B 129 -29.89 55.08 25.24
N LEU B 130 -30.88 55.29 26.10
CA LEU B 130 -31.68 56.51 26.03
C LEU B 130 -30.83 57.74 26.32
N LYS B 131 -29.94 57.64 27.31
CA LYS B 131 -29.04 58.74 27.64
C LYS B 131 -28.14 59.02 26.45
N MET B 132 -27.83 57.96 25.71
CA MET B 132 -27.06 58.12 24.49
C MET B 132 -27.92 58.85 23.47
N PHE B 133 -29.21 58.55 23.45
CA PHE B 133 -30.13 59.31 22.62
C PHE B 133 -30.34 60.70 23.18
N GLU B 134 -30.45 60.80 24.51
CA GLU B 134 -30.71 62.09 25.14
C GLU B 134 -29.55 63.04 24.86
N ASP B 135 -28.32 62.54 24.94
CA ASP B 135 -27.15 63.38 24.70
C ASP B 135 -27.00 63.70 23.22
N ARG B 136 -27.88 63.17 22.39
CA ARG B 136 -27.98 63.57 20.99
C ARG B 136 -28.96 64.75 20.89
N LEU B 137 -30.00 64.78 21.74
CA LEU B 137 -31.08 65.75 21.50
C LEU B 137 -31.26 66.87 22.51
N CYS B 138 -31.06 68.09 22.03
CA CYS B 138 -31.39 69.32 22.77
C CYS B 138 -31.26 70.57 21.92
N HIS B 139 -30.17 70.67 21.14
CA HIS B 139 -29.95 71.77 20.21
C HIS B 139 -31.12 71.95 19.25
N LYS B 140 -31.76 70.82 18.92
CA LYS B 140 -32.80 70.80 17.89
C LYS B 140 -33.97 69.95 18.38
N THR B 141 -35.03 69.89 17.58
CA THR B 141 -36.35 69.41 18.03
C THR B 141 -36.45 67.90 18.28
N TYR B 142 -35.97 67.13 17.32
CA TYR B 142 -35.98 65.66 17.37
C TYR B 142 -34.66 64.89 17.05
N LEU B 143 -34.68 63.56 17.25
CA LEU B 143 -33.47 62.73 17.14
C LEU B 143 -32.38 63.10 16.17
N ASN B 144 -32.69 63.48 14.95
CA ASN B 144 -31.62 63.85 14.03
C ASN B 144 -32.05 64.93 13.05
N GLY B 145 -33.19 65.56 13.28
CA GLY B 145 -33.69 66.55 12.33
C GLY B 145 -34.60 67.71 12.75
N ASP B 146 -35.17 68.39 11.76
CA ASP B 146 -36.16 69.45 11.92
C ASP B 146 -37.61 69.02 11.59
N HIS B 147 -37.81 68.43 10.41
CA HIS B 147 -39.11 67.90 9.96
C HIS B 147 -39.05 66.40 9.63
N VAL B 148 -39.49 65.57 10.58
CA VAL B 148 -39.60 64.10 10.56
C VAL B 148 -38.90 63.24 9.46
N THR B 149 -38.11 62.26 9.91
CA THR B 149 -37.63 61.19 9.05
C THR B 149 -38.18 59.84 9.51
N HIS B 150 -37.78 58.76 8.84
CA HIS B 150 -38.21 57.42 9.22
C HIS B 150 -37.78 56.97 10.64
N PRO B 151 -36.53 57.28 11.08
CA PRO B 151 -36.12 56.71 12.39
C PRO B 151 -36.96 57.17 13.58
N ASP B 152 -37.78 58.20 13.38
CA ASP B 152 -38.54 58.76 14.48
C ASP B 152 -39.44 57.74 15.18
N PHE B 153 -40.46 57.27 14.47
CA PHE B 153 -41.51 56.46 15.09
C PHE B 153 -41.05 55.13 15.66
N MET B 154 -39.88 54.66 15.24
CA MET B 154 -39.35 53.41 15.76
C MET B 154 -38.89 53.55 17.20
N LEU B 155 -38.10 54.61 17.46
CA LEU B 155 -37.76 54.94 18.84
C LEU B 155 -39.05 55.27 19.55
N TYR B 156 -39.94 55.97 18.86
CA TYR B 156 -41.23 56.31 19.41
C TYR B 156 -41.99 55.07 19.78
N ASP B 157 -42.14 54.16 18.83
CA ASP B 157 -42.76 52.87 19.09
C ASP B 157 -42.06 52.26 20.30
N ALA B 158 -40.74 52.23 20.26
CA ALA B 158 -39.96 51.77 21.39
C ALA B 158 -40.30 52.55 22.66
N LEU B 159 -40.21 53.87 22.62
CA LEU B 159 -40.43 54.67 23.82
C LEU B 159 -41.91 54.72 24.21
N ASP B 160 -42.80 54.76 23.22
CA ASP B 160 -44.24 54.72 23.49
C ASP B 160 -44.57 53.43 24.23
N VAL B 161 -44.15 52.32 23.65
CA VAL B 161 -44.39 50.99 24.21
C VAL B 161 -43.82 50.86 25.62
N VAL B 162 -42.60 51.35 25.83
CA VAL B 162 -41.94 51.21 27.11
C VAL B 162 -42.62 52.06 28.17
N LEU B 163 -43.21 53.18 27.76
CA LEU B 163 -43.99 54.01 28.67
C LEU B 163 -45.22 53.27 29.18
N TYR B 164 -45.82 52.44 28.32
CA TYR B 164 -46.99 51.67 28.70
C TYR B 164 -46.67 50.56 29.71
N MET B 165 -45.55 49.89 29.52
CA MET B 165 -45.17 48.82 30.45
C MET B 165 -44.69 49.39 31.78
N ASP B 166 -43.99 50.53 31.74
CA ASP B 166 -43.67 51.26 32.96
C ASP B 166 -43.92 52.76 32.76
N PRO B 167 -44.84 53.33 33.56
CA PRO B 167 -45.26 54.73 33.44
C PRO B 167 -44.20 55.82 33.65
N MET B 168 -43.11 55.57 34.39
CA MET B 168 -42.20 56.66 34.72
C MET B 168 -40.77 56.54 34.18
N CYS B 169 -40.56 55.71 33.16
CA CYS B 169 -39.23 55.56 32.59
C CYS B 169 -38.75 56.82 31.83
N LEU B 170 -39.68 57.60 31.30
CA LEU B 170 -39.32 58.84 30.59
C LEU B 170 -39.38 60.09 31.46
N ASP B 171 -39.56 59.92 32.77
CA ASP B 171 -39.73 61.06 33.67
C ASP B 171 -38.45 61.91 33.76
N ALA B 172 -37.29 61.26 33.76
CA ALA B 172 -36.03 61.98 33.95
C ALA B 172 -35.50 62.59 32.66
N PHE B 173 -36.17 62.32 31.55
CA PHE B 173 -35.71 62.83 30.25
C PHE B 173 -36.72 63.82 29.68
N PRO B 174 -36.52 65.11 29.98
CA PRO B 174 -37.42 66.16 29.49
C PRO B 174 -37.31 66.35 27.98
N LYS B 175 -36.10 66.33 27.44
CA LYS B 175 -35.89 66.52 26.00
C LYS B 175 -36.60 65.43 25.19
N LEU B 176 -36.68 64.24 25.75
CA LEU B 176 -37.34 63.13 25.06
C LEU B 176 -38.87 63.27 25.05
N VAL B 177 -39.44 64.06 25.96
CA VAL B 177 -40.89 64.19 25.99
C VAL B 177 -41.36 65.21 24.96
N CYS B 178 -40.54 66.23 24.72
CA CYS B 178 -40.81 67.22 23.69
C CYS B 178 -40.79 66.47 22.39
N PHE B 179 -39.82 65.55 22.33
CA PHE B 179 -39.65 64.64 21.22
C PHE B 179 -40.96 63.87 21.00
N LYS B 180 -41.48 63.30 22.07
CA LYS B 180 -42.80 62.66 22.04
C LYS B 180 -43.86 63.67 21.62
N LYS B 181 -43.75 64.87 22.19
CA LYS B 181 -44.68 65.96 21.94
C LYS B 181 -44.61 66.44 20.48
N ARG B 182 -43.40 66.41 19.92
CA ARG B 182 -43.16 66.96 18.58
C ARG B 182 -43.82 66.21 17.42
N ILE B 183 -43.79 64.89 17.44
CA ILE B 183 -44.36 64.12 16.33
C ILE B 183 -45.87 64.01 16.42
N GLU B 184 -46.41 64.01 17.63
CA GLU B 184 -47.85 64.06 17.77
C GLU B 184 -48.29 65.48 17.41
N ALA B 185 -47.33 66.40 17.32
CA ALA B 185 -47.62 67.78 16.98
C ALA B 185 -47.73 68.03 15.47
N ILE B 186 -46.97 67.29 14.65
CA ILE B 186 -47.04 67.49 13.20
C ILE B 186 -48.40 67.03 12.67
N PRO B 187 -48.99 67.85 11.78
CA PRO B 187 -50.34 67.72 11.19
C PRO B 187 -50.79 66.33 10.72
N GLN B 188 -50.01 65.61 9.93
CA GLN B 188 -50.50 64.37 9.33
C GLN B 188 -50.65 63.21 10.33
N ILE B 189 -49.73 63.11 11.29
CA ILE B 189 -49.68 61.95 12.15
C ILE B 189 -50.73 62.02 13.27
N ASP B 190 -50.81 63.14 13.99
CA ASP B 190 -51.86 63.31 15.00
C ASP B 190 -53.24 63.20 14.38
N LYS B 191 -53.37 63.72 13.16
CA LYS B 191 -54.65 63.70 12.44
C LYS B 191 -55.04 62.26 12.11
N TYR B 192 -54.06 61.43 11.78
CA TYR B 192 -54.33 60.04 11.47
C TYR B 192 -54.24 59.15 12.71
N LEU B 193 -53.74 59.71 13.81
CA LEU B 193 -53.67 58.98 15.07
C LEU B 193 -55.08 58.67 15.57
N LYS B 194 -56.03 59.53 15.23
CA LYS B 194 -57.41 59.36 15.65
C LYS B 194 -58.25 58.66 14.60
N SER B 195 -57.64 58.33 13.46
CA SER B 195 -58.33 57.63 12.39
C SER B 195 -58.47 56.14 12.67
N SER B 196 -59.15 55.45 11.76
CA SER B 196 -59.39 54.01 11.89
C SER B 196 -58.13 53.20 11.61
N LYS B 197 -57.21 53.79 10.85
CA LYS B 197 -56.00 53.10 10.41
C LYS B 197 -54.98 52.93 11.54
N TYR B 198 -55.05 53.83 12.53
CA TYR B 198 -54.10 53.83 13.64
C TYR B 198 -54.12 52.53 14.44
N ILE B 199 -52.93 51.98 14.71
CA ILE B 199 -52.82 50.75 15.49
C ILE B 199 -51.94 50.96 16.72
N ALA B 200 -52.50 50.67 17.89
CA ALA B 200 -51.83 50.95 19.16
C ALA B 200 -51.37 49.68 19.85
N TRP B 201 -52.15 48.62 19.71
CA TRP B 201 -51.90 47.36 20.42
C TRP B 201 -52.27 46.17 19.54
N PRO B 202 -51.69 44.99 19.82
CA PRO B 202 -50.67 44.74 20.85
C PRO B 202 -49.25 45.02 20.35
N LEU B 203 -48.31 45.08 21.29
CA LEU B 203 -46.92 45.41 20.98
C LEU B 203 -46.26 44.31 20.14
N GLN B 204 -46.51 43.06 20.52
CA GLN B 204 -46.05 41.90 19.79
C GLN B 204 -47.33 41.16 19.42
N GLY B 205 -47.23 40.06 18.67
CA GLY B 205 -48.39 39.21 18.41
C GLY B 205 -49.12 38.92 19.71
N TRP B 206 -50.44 38.72 19.61
CA TRP B 206 -51.27 38.57 20.80
C TRP B 206 -50.82 37.42 21.71
N GLN B 207 -50.00 36.53 21.16
CA GLN B 207 -49.48 35.37 21.91
C GLN B 207 -48.58 35.78 23.08
N ALA B 208 -47.90 36.91 22.95
CA ALA B 208 -47.06 37.44 24.03
C ALA B 208 -47.86 37.61 25.32
N THR B 209 -47.35 37.05 26.42
CA THR B 209 -48.00 37.16 27.72
C THR B 209 -48.21 38.63 28.14
N PHE B 210 -47.25 39.49 27.80
CA PHE B 210 -47.40 40.92 28.07
C PHE B 210 -47.05 41.73 26.84
N GLY B 211 -47.85 42.74 26.56
CA GLY B 211 -47.72 43.50 25.33
C GLY B 211 -48.39 42.75 24.20
N GLY B 212 -48.84 41.54 24.52
CA GLY B 212 -49.77 40.79 23.70
C GLY B 212 -51.08 41.00 24.42
N GLY B 213 -52.00 40.06 24.30
CA GLY B 213 -53.27 40.20 24.97
C GLY B 213 -54.08 41.32 24.33
N ASP B 214 -54.90 42.00 25.13
CA ASP B 214 -55.92 42.86 24.56
C ASP B 214 -55.86 44.34 24.96
N HIS B 215 -55.80 44.61 26.26
CA HIS B 215 -55.95 45.98 26.74
C HIS B 215 -54.62 46.72 26.87
N PRO B 216 -54.59 47.99 26.40
CA PRO B 216 -53.45 48.87 26.65
C PRO B 216 -53.08 48.96 28.13
N MET C 1 -6.65 59.37 9.67
CA MET C 1 -6.31 58.15 10.40
C MET C 1 -6.76 56.90 9.65
N SER C 2 -5.97 55.84 9.75
CA SER C 2 -6.28 54.56 9.12
C SER C 2 -7.33 53.78 9.90
N PRO C 3 -8.09 52.92 9.19
CA PRO C 3 -9.22 52.17 9.78
C PRO C 3 -8.91 51.36 11.03
N ILE C 4 -9.66 51.63 12.10
CA ILE C 4 -9.47 50.97 13.37
C ILE C 4 -10.75 50.25 13.81
N LEU C 5 -10.63 48.95 14.01
CA LEU C 5 -11.79 48.12 14.34
C LEU C 5 -11.60 47.48 15.70
N GLY C 6 -12.54 47.70 16.61
CA GLY C 6 -12.49 47.11 17.94
C GLY C 6 -13.65 46.15 18.14
N TYR C 7 -13.39 45.03 18.80
CA TYR C 7 -14.40 43.98 18.94
C TYR C 7 -14.02 42.97 20.02
N TRP C 8 -14.99 42.14 20.41
CA TRP C 8 -14.75 41.14 21.44
C TRP C 8 -13.79 40.10 20.89
N LYS C 9 -13.07 39.39 21.76
CA LYS C 9 -12.16 38.35 21.28
C LYS C 9 -12.93 37.14 20.76
N ILE C 10 -13.77 37.40 19.77
CA ILE C 10 -14.60 36.39 19.14
C ILE C 10 -14.76 36.76 17.67
N LYS C 11 -15.13 35.79 16.85
CA LYS C 11 -15.45 36.10 15.47
C LYS C 11 -16.73 36.94 15.43
N GLY C 12 -17.84 36.37 15.87
CA GLY C 12 -19.05 37.11 16.15
C GLY C 12 -19.77 37.86 15.05
N LEU C 13 -20.32 39.02 15.40
CA LEU C 13 -20.96 39.90 14.45
C LEU C 13 -19.91 40.60 13.61
N VAL C 14 -18.65 40.39 13.99
CA VAL C 14 -17.53 41.11 13.43
C VAL C 14 -16.80 40.33 12.32
N GLN C 15 -17.10 39.05 12.18
CA GLN C 15 -16.55 38.29 11.06
C GLN C 15 -16.95 38.86 9.70
N PRO C 16 -18.24 39.18 9.49
CA PRO C 16 -18.55 39.69 8.15
C PRO C 16 -17.83 40.99 7.83
N THR C 17 -17.57 41.83 8.83
CA THR C 17 -16.92 43.10 8.54
C THR C 17 -15.41 42.91 8.36
N ARG C 18 -14.79 42.03 9.15
CA ARG C 18 -13.36 41.77 8.99
C ARG C 18 -13.12 41.06 7.66
N LEU C 19 -14.04 40.15 7.33
CA LEU C 19 -13.95 39.38 6.09
C LEU C 19 -14.19 40.29 4.89
N LEU C 20 -15.07 41.29 5.07
CA LEU C 20 -15.37 42.19 3.97
C LEU C 20 -14.20 43.15 3.74
N LEU C 21 -13.38 43.35 4.76
CA LEU C 21 -12.22 44.22 4.58
C LEU C 21 -11.22 43.55 3.64
N GLU C 22 -11.14 42.23 3.72
CA GLU C 22 -10.13 41.47 2.98
C GLU C 22 -10.52 41.09 1.54
N TYR C 23 -11.80 40.86 1.28
CA TYR C 23 -12.24 40.65 -0.10
C TYR C 23 -12.02 41.94 -0.86
N LEU C 24 -12.13 43.04 -0.12
CA LEU C 24 -12.02 44.38 -0.66
C LEU C 24 -10.57 44.81 -0.61
N GLU C 25 -9.76 43.97 0.04
CA GLU C 25 -8.33 44.21 0.27
C GLU C 25 -8.11 45.44 1.13
N GLU C 26 -9.16 45.87 1.82
CA GLU C 26 -9.01 47.01 2.71
C GLU C 26 -8.16 46.66 3.91
N LYS C 27 -7.19 47.52 4.18
CA LYS C 27 -6.31 47.30 5.31
C LYS C 27 -6.87 47.94 6.58
N TYR C 28 -6.73 47.22 7.70
CA TYR C 28 -7.32 47.61 8.97
C TYR C 28 -6.47 47.29 10.20
N GLU C 29 -6.76 48.02 11.29
CA GLU C 29 -6.08 47.85 12.58
C GLU C 29 -7.08 47.35 13.63
N GLU C 30 -6.58 46.62 14.64
CA GLU C 30 -7.47 45.97 15.61
C GLU C 30 -7.06 46.17 17.08
N HIS C 31 -8.04 46.52 17.91
CA HIS C 31 -7.85 46.60 19.34
C HIS C 31 -8.91 45.74 20.01
N LEU C 32 -8.48 44.62 20.59
CA LEU C 32 -9.42 43.64 21.10
C LEU C 32 -9.24 43.36 22.59
N TYR C 33 -10.32 43.45 23.35
CA TYR C 33 -10.21 43.19 24.78
C TYR C 33 -10.08 41.69 24.98
N GLU C 34 -9.13 41.31 25.83
CA GLU C 34 -8.75 39.93 26.03
C GLU C 34 -9.67 39.27 27.05
N ARG C 35 -9.10 38.62 28.06
CA ARG C 35 -9.91 37.86 28.99
C ARG C 35 -10.72 38.76 29.96
N ASP C 36 -10.14 39.85 30.45
CA ASP C 36 -10.91 40.75 31.33
C ASP C 36 -10.69 42.25 31.07
N GLU C 37 -10.42 42.64 29.82
CA GLU C 37 -10.25 44.06 29.49
C GLU C 37 -11.58 44.71 29.13
N GLY C 38 -12.63 43.88 29.03
CA GLY C 38 -13.95 44.37 28.68
C GLY C 38 -14.46 45.38 29.70
N ASP C 39 -14.16 45.11 30.97
CA ASP C 39 -14.62 45.96 32.06
C ASP C 39 -13.82 47.26 32.14
N LYS C 40 -12.58 47.25 31.66
CA LYS C 40 -11.71 48.40 31.82
C LYS C 40 -12.16 49.61 31.00
N TRP C 41 -12.81 49.36 29.88
CA TRP C 41 -13.22 50.44 28.98
C TRP C 41 -14.36 51.28 29.57
N ARG C 42 -14.73 50.96 30.81
CA ARG C 42 -15.66 51.77 31.59
C ARG C 42 -15.30 53.25 31.54
N ASN C 43 -14.07 53.55 31.94
CA ASN C 43 -13.58 54.91 31.91
C ASN C 43 -13.49 55.43 30.48
N LYS C 44 -13.19 54.54 29.56
CA LYS C 44 -12.95 54.90 28.16
C LYS C 44 -14.25 55.12 27.37
N LYS C 45 -15.40 54.82 27.97
CA LYS C 45 -16.65 54.83 27.21
C LYS C 45 -17.13 56.24 26.83
N PHE C 46 -17.02 57.20 27.74
CA PHE C 46 -17.51 58.55 27.46
C PHE C 46 -16.36 59.46 27.05
N GLU C 47 -15.14 58.93 27.15
CA GLU C 47 -13.95 59.69 26.82
C GLU C 47 -13.44 59.36 25.42
N LEU C 48 -14.23 58.58 24.67
CA LEU C 48 -13.83 58.21 23.32
C LEU C 48 -14.43 59.18 22.31
N GLY C 49 -15.32 60.03 22.82
CA GLY C 49 -16.09 60.95 22.01
C GLY C 49 -17.13 60.25 21.16
N LEU C 50 -17.27 58.96 21.38
CA LEU C 50 -18.18 58.11 20.66
C LEU C 50 -19.59 58.37 21.18
N GLU C 51 -20.52 58.54 20.24
CA GLU C 51 -21.92 58.91 20.48
C GLU C 51 -22.69 57.94 21.38
N PHE C 52 -22.43 56.65 21.19
CA PHE C 52 -23.15 55.60 21.92
C PHE C 52 -22.17 54.48 22.30
N PRO C 53 -21.74 54.44 23.58
CA PRO C 53 -20.85 53.41 24.11
C PRO C 53 -21.24 51.97 23.81
N ASN C 54 -20.32 51.26 23.16
CA ASN C 54 -20.46 49.85 22.81
C ASN C 54 -19.34 49.35 21.91
N LEU C 55 -19.37 48.06 21.60
CA LEU C 55 -18.49 47.47 20.60
C LEU C 55 -19.33 46.85 19.47
N PRO C 56 -18.83 46.89 18.23
CA PRO C 56 -17.58 47.47 17.76
C PRO C 56 -17.62 48.98 17.75
N TYR C 57 -16.47 49.65 17.75
CA TYR C 57 -16.47 51.07 17.43
C TYR C 57 -15.44 51.32 16.35
N TYR C 58 -15.53 52.48 15.73
CA TYR C 58 -14.79 52.72 14.50
C TYR C 58 -14.29 54.16 14.41
N ILE C 59 -12.99 54.34 14.63
CA ILE C 59 -12.39 55.65 14.50
C ILE C 59 -11.50 55.72 13.27
N ASP C 60 -11.90 56.55 12.32
CA ASP C 60 -11.12 56.81 11.12
C ASP C 60 -10.99 58.31 10.91
N GLY C 61 -10.40 58.69 9.79
CA GLY C 61 -10.26 60.09 9.44
C GLY C 61 -11.58 60.80 9.26
N ASP C 62 -12.62 60.05 8.90
CA ASP C 62 -13.88 60.68 8.49
C ASP C 62 -15.05 60.57 9.47
N VAL C 63 -15.03 59.61 10.39
CA VAL C 63 -16.25 59.36 11.18
C VAL C 63 -16.07 58.56 12.48
N LYS C 64 -17.09 58.61 13.34
CA LYS C 64 -17.19 57.81 14.56
C LYS C 64 -18.34 56.83 14.43
N LEU C 65 -18.06 55.53 14.46
CA LEU C 65 -19.10 54.53 14.19
C LEU C 65 -19.20 53.40 15.23
N THR C 66 -20.30 52.67 15.14
CA THR C 66 -20.50 51.47 15.94
C THR C 66 -21.67 50.62 15.44
N GLN C 67 -21.74 49.39 15.92
CA GLN C 67 -22.79 48.41 15.60
C GLN C 67 -22.65 47.80 14.20
N SER C 68 -22.98 46.52 14.09
CA SER C 68 -22.71 45.74 12.89
C SER C 68 -23.48 46.21 11.65
N MET C 69 -24.77 46.48 11.82
CA MET C 69 -25.60 46.96 10.73
C MET C 69 -24.98 48.19 10.07
N ALA C 70 -24.61 49.16 10.91
CA ALA C 70 -24.10 50.45 10.44
C ALA C 70 -22.74 50.35 9.77
N ILE C 71 -21.82 49.62 10.40
CA ILE C 71 -20.45 49.51 9.91
C ILE C 71 -20.37 48.82 8.54
N ILE C 72 -21.14 47.76 8.36
CA ILE C 72 -21.15 47.03 7.09
C ILE C 72 -21.59 47.96 5.96
N ARG C 73 -22.59 48.80 6.24
CA ARG C 73 -23.12 49.71 5.24
C ARG C 73 -22.08 50.77 4.84
N TYR C 74 -21.51 51.40 5.85
CA TYR C 74 -20.58 52.52 5.65
C TYR C 74 -19.33 52.13 4.88
N ILE C 75 -18.76 50.97 5.18
CA ILE C 75 -17.56 50.52 4.52
C ILE C 75 -17.80 50.13 3.05
N ALA C 76 -18.89 49.40 2.81
CA ALA C 76 -19.15 48.81 1.50
C ALA C 76 -19.40 49.82 0.36
N ASP C 77 -20.07 50.91 0.67
CA ASP C 77 -20.52 51.88 -0.31
C ASP C 77 -19.43 52.78 -0.84
N LYS C 78 -18.56 53.22 0.07
CA LYS C 78 -17.38 53.97 -0.29
C LYS C 78 -16.59 53.17 -1.29
N HIS C 79 -16.63 51.85 -1.12
CA HIS C 79 -15.98 50.92 -2.03
C HIS C 79 -16.97 50.38 -3.05
N ASN C 80 -18.12 51.04 -3.14
CA ASN C 80 -19.13 50.81 -4.19
C ASN C 80 -19.94 49.51 -4.08
N MET C 81 -20.00 48.90 -2.91
CA MET C 81 -20.70 47.62 -2.82
C MET C 81 -21.91 47.57 -1.88
N LEU C 82 -22.39 48.72 -1.44
CA LEU C 82 -23.58 48.75 -0.59
C LEU C 82 -24.86 48.42 -1.34
N GLY C 83 -24.91 48.80 -2.61
CA GLY C 83 -26.09 48.55 -3.41
C GLY C 83 -26.22 49.54 -4.54
N GLY C 84 -27.08 49.23 -5.51
CA GLY C 84 -27.19 50.04 -6.70
C GLY C 84 -28.55 50.59 -7.02
N CYS C 85 -29.59 50.02 -6.42
CA CYS C 85 -30.96 50.42 -6.69
C CYS C 85 -31.82 50.45 -5.45
N PRO C 86 -32.93 51.21 -5.50
CA PRO C 86 -34.01 51.09 -4.52
C PRO C 86 -34.31 49.62 -4.22
N LYS C 87 -34.50 48.83 -5.27
CA LYS C 87 -34.83 47.41 -5.15
C LYS C 87 -33.77 46.57 -4.43
N GLU C 88 -32.49 46.75 -4.77
CA GLU C 88 -31.47 45.75 -4.42
C GLU C 88 -30.63 46.01 -3.17
N ARG C 89 -30.49 47.27 -2.75
CA ARG C 89 -29.87 47.49 -1.44
C ARG C 89 -30.86 46.97 -0.43
N ALA C 90 -32.14 47.18 -0.74
CA ALA C 90 -33.21 46.56 0.03
C ALA C 90 -32.98 45.06 0.04
N GLU C 91 -32.90 44.47 -1.16
CA GLU C 91 -32.68 43.02 -1.31
C GLU C 91 -31.50 42.58 -0.46
N ILE C 92 -30.43 43.37 -0.50
CA ILE C 92 -29.29 43.16 0.38
C ILE C 92 -29.73 43.09 1.82
N SER C 93 -30.38 44.16 2.29
CA SER C 93 -30.83 44.24 3.66
C SER C 93 -31.76 43.08 4.01
N MET C 94 -32.57 42.68 3.04
CA MET C 94 -33.50 41.55 3.24
C MET C 94 -32.73 40.27 3.40
N LEU C 95 -31.70 40.10 2.56
CA LEU C 95 -30.85 38.94 2.64
C LEU C 95 -30.06 39.03 3.92
N GLU C 96 -29.68 40.25 4.30
CA GLU C 96 -29.11 40.48 5.62
C GLU C 96 -30.12 40.02 6.67
N GLY C 97 -31.36 40.44 6.50
CA GLY C 97 -32.42 40.04 7.41
C GLY C 97 -32.52 38.54 7.57
N ALA C 98 -32.37 37.83 6.45
CA ALA C 98 -32.48 36.38 6.44
C ALA C 98 -31.35 35.70 7.22
N VAL C 99 -30.12 36.15 7.00
CA VAL C 99 -28.99 35.58 7.73
C VAL C 99 -29.01 36.02 9.21
N LEU C 100 -29.31 37.29 9.47
CA LEU C 100 -29.29 37.76 10.85
C LEU C 100 -30.35 37.09 11.73
N ASP C 101 -31.56 36.90 11.20
CA ASP C 101 -32.63 36.30 12.02
C ASP C 101 -32.25 34.87 12.38
N ILE C 102 -31.60 34.19 11.44
CA ILE C 102 -31.12 32.84 11.70
C ILE C 102 -29.85 32.86 12.57
N ARG C 103 -29.02 33.89 12.43
CA ARG C 103 -27.77 33.97 13.19
C ARG C 103 -27.88 34.62 14.57
N TYR C 104 -28.55 35.77 14.62
CA TYR C 104 -28.93 36.34 15.90
C TYR C 104 -29.89 35.36 16.53
N GLY C 105 -30.50 34.55 15.69
CA GLY C 105 -31.39 33.50 16.14
C GLY C 105 -30.63 32.42 16.89
N VAL C 106 -29.51 31.93 16.39
CA VAL C 106 -28.80 30.90 17.14
C VAL C 106 -28.30 31.50 18.44
N SER C 107 -28.06 32.81 18.41
CA SER C 107 -27.49 33.52 19.53
C SER C 107 -28.52 34.03 20.54
N ARG C 108 -29.83 33.86 20.32
CA ARG C 108 -30.80 34.27 21.35
C ARG C 108 -30.35 33.64 22.68
N ILE C 109 -29.98 32.38 22.56
CA ILE C 109 -30.01 31.47 23.69
C ILE C 109 -28.87 30.44 23.52
N ALA C 110 -27.91 30.73 22.67
CA ALA C 110 -26.80 29.80 22.57
C ALA C 110 -25.92 29.89 23.81
N TYR C 111 -25.81 31.09 24.38
CA TYR C 111 -25.14 31.23 25.67
C TYR C 111 -26.12 31.33 26.81
N SER C 112 -27.33 30.85 26.58
CA SER C 112 -28.41 30.98 27.54
C SER C 112 -29.28 29.74 27.50
N LYS C 113 -30.01 29.45 28.58
CA LYS C 113 -30.88 28.28 28.68
C LYS C 113 -30.25 26.96 28.23
N ASP C 114 -31.11 25.96 28.04
CA ASP C 114 -30.68 24.70 27.48
C ASP C 114 -30.77 24.81 25.98
N PHE C 115 -29.62 25.01 25.33
CA PHE C 115 -29.60 25.26 23.90
C PHE C 115 -30.11 24.07 23.10
N GLU C 116 -29.86 22.86 23.60
CA GLU C 116 -30.29 21.65 22.90
C GLU C 116 -31.81 21.53 22.79
N THR C 117 -32.53 21.85 23.87
CA THR C 117 -33.99 21.80 23.84
C THR C 117 -34.55 22.84 22.88
N LEU C 118 -33.94 24.01 22.87
CA LEU C 118 -34.37 25.07 21.99
C LEU C 118 -33.85 24.85 20.56
N LYS C 119 -32.80 24.04 20.45
CA LYS C 119 -32.33 23.61 19.13
C LYS C 119 -33.45 22.95 18.35
N VAL C 120 -34.15 22.00 18.98
CA VAL C 120 -35.11 21.17 18.27
C VAL C 120 -36.27 21.98 17.69
N ASP C 121 -36.72 23.01 18.40
CA ASP C 121 -37.85 23.79 17.91
C ASP C 121 -37.43 24.71 16.77
N PHE C 122 -36.22 25.23 16.85
CA PHE C 122 -35.73 26.08 15.77
C PHE C 122 -35.25 25.25 14.58
N LEU C 123 -34.61 24.11 14.85
CA LEU C 123 -34.23 23.21 13.76
C LEU C 123 -35.48 22.57 13.19
N SER C 124 -36.64 22.85 13.79
CA SER C 124 -37.91 22.44 13.23
C SER C 124 -38.45 23.41 12.17
N LYS C 125 -38.07 24.69 12.25
CA LYS C 125 -38.59 25.71 11.33
C LYS C 125 -37.59 26.18 10.27
N LEU C 126 -36.33 25.75 10.43
CA LEU C 126 -35.24 26.11 9.52
C LEU C 126 -35.23 25.57 8.07
N PRO C 127 -35.94 24.44 7.75
CA PRO C 127 -35.66 23.92 6.41
C PRO C 127 -36.12 24.86 5.30
N GLU C 128 -37.29 25.49 5.48
CA GLU C 128 -37.76 26.43 4.49
C GLU C 128 -36.75 27.55 4.31
N MET C 129 -36.32 28.16 5.40
CA MET C 129 -35.40 29.29 5.32
C MET C 129 -34.11 28.88 4.60
N LEU C 130 -33.59 27.69 4.89
CA LEU C 130 -32.38 27.23 4.23
C LEU C 130 -32.68 26.88 2.77
N LYS C 131 -33.85 26.31 2.53
CA LYS C 131 -34.23 25.88 1.19
C LYS C 131 -34.49 27.07 0.25
N MET C 132 -34.79 28.22 0.84
CA MET C 132 -35.03 29.42 0.02
C MET C 132 -33.78 29.90 -0.70
N PHE C 133 -32.64 29.92 -0.01
CA PHE C 133 -31.43 30.42 -0.66
C PHE C 133 -30.89 29.43 -1.69
N GLU C 134 -31.14 28.13 -1.49
CA GLU C 134 -30.56 27.14 -2.39
C GLU C 134 -31.28 27.11 -3.74
N ASP C 135 -32.59 27.39 -3.74
CA ASP C 135 -33.35 27.39 -4.98
C ASP C 135 -33.11 28.64 -5.81
N ARG C 136 -32.89 29.76 -5.15
CA ARG C 136 -32.61 31.02 -5.84
C ARG C 136 -31.22 31.04 -6.49
N LEU C 137 -30.29 30.27 -5.94
CA LEU C 137 -28.89 30.35 -6.38
C LEU C 137 -28.47 29.45 -7.54
N CYS C 138 -29.41 28.74 -8.16
CA CYS C 138 -29.02 27.74 -9.15
C CYS C 138 -28.37 28.39 -10.37
N HIS C 139 -28.92 29.50 -10.84
CA HIS C 139 -28.37 30.12 -12.03
C HIS C 139 -27.24 31.10 -11.72
N LYS C 140 -27.26 31.72 -10.55
CA LYS C 140 -26.21 32.69 -10.19
C LYS C 140 -25.16 32.02 -9.30
N THR C 141 -23.90 32.43 -9.41
CA THR C 141 -22.84 31.85 -8.59
C THR C 141 -23.10 32.09 -7.11
N TYR C 142 -23.53 33.30 -6.76
CA TYR C 142 -24.03 33.58 -5.42
C TYR C 142 -25.43 34.14 -5.50
N LEU C 143 -25.89 34.73 -4.41
CA LEU C 143 -27.25 35.23 -4.31
C LEU C 143 -27.56 36.32 -5.34
N ASN C 144 -26.62 37.22 -5.57
CA ASN C 144 -26.88 38.40 -6.40
C ASN C 144 -26.05 38.52 -7.68
N GLY C 145 -25.31 37.47 -8.04
CA GLY C 145 -24.54 37.53 -9.28
C GLY C 145 -23.18 36.87 -9.38
N ASP C 146 -22.16 37.65 -9.77
CA ASP C 146 -20.86 37.08 -10.12
C ASP C 146 -19.62 37.60 -9.38
N HIS C 147 -19.74 38.70 -8.64
CA HIS C 147 -18.63 39.18 -7.81
C HIS C 147 -19.00 39.12 -6.34
N VAL C 148 -18.17 38.43 -5.55
CA VAL C 148 -18.47 38.12 -4.15
C VAL C 148 -18.85 39.37 -3.33
N THR C 149 -19.79 39.19 -2.41
CA THR C 149 -20.41 40.33 -1.72
C THR C 149 -20.55 40.14 -0.21
N HIS C 150 -20.93 41.21 0.48
CA HIS C 150 -21.05 41.19 1.94
C HIS C 150 -22.26 40.42 2.51
N PRO C 151 -23.40 40.34 1.78
CA PRO C 151 -24.44 39.47 2.33
C PRO C 151 -23.94 38.03 2.48
N ASP C 152 -23.06 37.63 1.57
CA ASP C 152 -22.43 36.32 1.62
C ASP C 152 -21.53 36.12 2.84
N PHE C 153 -21.02 37.20 3.41
CA PHE C 153 -20.03 37.09 4.47
C PHE C 153 -20.66 36.86 5.82
N MET C 154 -21.77 37.53 6.08
CA MET C 154 -22.55 37.22 7.26
C MET C 154 -23.12 35.85 7.01
N LEU C 155 -23.42 35.60 5.74
CA LEU C 155 -23.84 34.27 5.29
C LEU C 155 -22.72 33.27 5.49
N TYR C 156 -21.47 33.67 5.29
CA TYR C 156 -20.36 32.74 5.56
C TYR C 156 -20.36 32.35 7.02
N ASP C 157 -20.32 33.36 7.89
CA ASP C 157 -20.55 33.15 9.31
C ASP C 157 -21.78 32.28 9.52
N ALA C 158 -22.84 32.59 8.79
CA ALA C 158 -24.09 31.83 8.88
C ALA C 158 -23.91 30.33 8.66
N LEU C 159 -23.36 29.95 7.51
CA LEU C 159 -23.27 28.54 7.14
C LEU C 159 -22.49 27.79 8.19
N ASP C 160 -21.35 28.36 8.60
CA ASP C 160 -20.56 27.84 9.71
C ASP C 160 -21.43 27.58 10.93
N VAL C 161 -22.45 28.42 11.13
CA VAL C 161 -23.19 28.42 12.38
C VAL C 161 -24.22 27.28 12.53
N VAL C 162 -25.03 26.94 11.54
CA VAL C 162 -25.90 25.79 11.81
C VAL C 162 -25.11 24.50 11.65
N LEU C 163 -23.99 24.53 10.92
CA LEU C 163 -23.23 23.29 10.76
C LEU C 163 -22.43 22.95 12.02
N TYR C 164 -21.88 23.94 12.73
CA TYR C 164 -21.25 23.64 14.02
C TYR C 164 -22.36 23.27 15.01
N MET C 165 -23.50 23.92 14.89
CA MET C 165 -24.67 23.61 15.70
C MET C 165 -25.17 22.23 15.51
N ASP C 166 -25.35 21.90 14.24
CA ASP C 166 -25.87 20.62 13.81
C ASP C 166 -25.03 20.16 12.62
N PRO C 167 -24.22 19.10 12.83
CA PRO C 167 -23.31 18.59 11.79
C PRO C 167 -24.01 18.23 10.49
N MET C 168 -25.18 17.61 10.59
CA MET C 168 -25.90 17.15 9.40
C MET C 168 -27.13 18.00 9.10
N CYS C 169 -27.08 19.24 9.59
CA CYS C 169 -27.95 20.31 9.13
C CYS C 169 -28.13 20.38 7.62
N LEU C 170 -27.04 20.12 6.90
CA LEU C 170 -26.96 20.48 5.49
C LEU C 170 -26.93 19.27 4.55
N ASP C 171 -27.54 18.17 4.99
CA ASP C 171 -27.51 16.94 4.21
C ASP C 171 -28.20 17.05 2.84
N ALA C 172 -29.26 17.84 2.76
CA ALA C 172 -30.09 17.85 1.56
C ALA C 172 -29.99 19.12 0.69
N PHE C 173 -29.06 20.01 1.00
CA PHE C 173 -28.79 21.15 0.11
C PHE C 173 -27.30 21.36 -0.08
N PRO C 174 -26.73 20.57 -1.00
CA PRO C 174 -25.31 20.45 -1.33
C PRO C 174 -24.70 21.68 -1.99
N LYS C 175 -25.55 22.52 -2.55
CA LYS C 175 -25.13 23.70 -3.31
C LYS C 175 -24.42 24.74 -2.46
N LEU C 176 -24.84 24.84 -1.21
CA LEU C 176 -24.37 25.91 -0.33
C LEU C 176 -22.89 25.75 0.06
N VAL C 177 -22.45 24.50 0.19
CA VAL C 177 -21.09 24.20 0.60
C VAL C 177 -20.05 24.55 -0.47
N CYS C 178 -20.31 24.15 -1.71
CA CYS C 178 -19.43 24.51 -2.81
C CYS C 178 -19.46 26.01 -3.00
N PHE C 179 -20.62 26.58 -2.70
CA PHE C 179 -20.83 28.02 -2.83
C PHE C 179 -20.05 28.79 -1.76
N LYS C 180 -20.07 28.29 -0.53
CA LYS C 180 -19.26 28.90 0.52
C LYS C 180 -17.79 28.86 0.13
N LYS C 181 -17.39 27.75 -0.47
CA LYS C 181 -16.01 27.60 -0.85
C LYS C 181 -15.64 28.55 -1.98
N ARG C 182 -16.60 28.87 -2.84
CA ARG C 182 -16.35 29.81 -3.93
C ARG C 182 -16.22 31.25 -3.45
N ILE C 183 -16.91 31.61 -2.37
CA ILE C 183 -16.70 32.92 -1.78
C ILE C 183 -15.41 32.85 -0.96
N GLU C 184 -15.14 31.68 -0.39
CA GLU C 184 -13.91 31.44 0.35
C GLU C 184 -12.73 31.31 -0.61
N ALA C 185 -13.05 31.25 -1.91
CA ALA C 185 -12.05 31.01 -2.95
C ALA C 185 -11.13 32.19 -3.23
N ILE C 186 -11.56 33.40 -2.87
CA ILE C 186 -10.77 34.59 -3.19
C ILE C 186 -9.45 34.54 -2.43
N PRO C 187 -8.34 34.81 -3.13
CA PRO C 187 -6.97 34.61 -2.62
C PRO C 187 -6.65 35.32 -1.30
N GLN C 188 -7.03 36.59 -1.17
CA GLN C 188 -6.63 37.39 -0.01
C GLN C 188 -7.19 36.87 1.32
N ILE C 189 -8.48 36.59 1.36
CA ILE C 189 -9.10 36.12 2.59
C ILE C 189 -8.51 34.77 3.00
N ASP C 190 -8.10 33.98 2.01
CA ASP C 190 -7.46 32.70 2.28
C ASP C 190 -6.17 32.91 3.04
N LYS C 191 -5.39 33.88 2.59
CA LYS C 191 -4.11 34.15 3.20
C LYS C 191 -4.23 34.66 4.65
N TYR C 192 -5.32 35.36 4.97
CA TYR C 192 -5.51 35.86 6.33
C TYR C 192 -5.98 34.71 7.23
N LEU C 193 -6.72 33.78 6.65
CA LEU C 193 -6.96 32.51 7.34
C LEU C 193 -5.61 31.87 7.62
N LYS C 194 -4.73 31.90 6.63
CA LYS C 194 -3.36 31.42 6.76
C LYS C 194 -2.60 32.24 7.80
N SER C 195 -2.89 33.53 7.88
CA SER C 195 -2.12 34.44 8.72
C SER C 195 -2.58 34.43 10.16
N SER C 196 -1.96 35.29 10.97
CA SER C 196 -2.11 35.28 12.42
C SER C 196 -3.46 35.81 12.92
N LYS C 197 -4.09 36.66 12.12
CA LYS C 197 -5.31 37.34 12.55
C LYS C 197 -6.49 36.39 12.71
N TYR C 198 -6.50 35.32 11.93
CA TYR C 198 -7.59 34.35 11.95
C TYR C 198 -7.80 33.72 13.33
N ILE C 199 -9.02 33.83 13.83
CA ILE C 199 -9.43 33.22 15.09
C ILE C 199 -10.60 32.28 14.79
N ALA C 200 -10.36 30.97 14.87
CA ALA C 200 -11.38 30.01 14.48
C ALA C 200 -12.65 30.08 15.32
N TRP C 201 -12.49 30.08 16.64
CA TRP C 201 -13.63 30.10 17.55
C TRP C 201 -13.29 30.77 18.89
N PRO C 202 -14.32 31.11 19.69
CA PRO C 202 -15.77 30.91 19.56
C PRO C 202 -16.47 31.93 18.65
N LEU C 203 -17.59 31.53 18.06
CA LEU C 203 -18.40 32.43 17.25
C LEU C 203 -19.07 33.48 18.13
N GLN C 204 -19.55 33.05 19.29
CA GLN C 204 -20.28 33.96 20.17
C GLN C 204 -19.41 34.27 21.37
N GLY C 205 -19.99 34.97 22.35
CA GLY C 205 -19.29 35.30 23.59
C GLY C 205 -18.55 34.10 24.17
N TRP C 206 -17.46 34.39 24.89
CA TRP C 206 -16.65 33.34 25.49
C TRP C 206 -17.46 32.42 26.39
N GLN C 207 -18.28 33.01 27.25
CA GLN C 207 -19.07 32.19 28.15
C GLN C 207 -20.40 31.86 27.50
N ALA C 208 -20.37 30.88 26.61
CA ALA C 208 -21.59 30.43 25.96
C ALA C 208 -21.94 29.00 26.36
N THR C 209 -23.22 28.80 26.67
CA THR C 209 -23.73 27.46 26.97
C THR C 209 -23.43 26.59 25.75
N PHE C 210 -23.66 27.17 24.57
CA PHE C 210 -23.32 26.51 23.32
C PHE C 210 -22.38 27.38 22.50
N GLY C 211 -21.27 26.78 22.04
CA GLY C 211 -20.28 27.51 21.28
C GLY C 211 -19.38 28.33 22.19
N GLY C 212 -19.41 28.03 23.48
CA GLY C 212 -18.62 28.75 24.45
C GLY C 212 -17.39 28.03 24.93
N GLY C 213 -16.60 28.69 25.76
CA GLY C 213 -15.37 28.13 26.26
C GLY C 213 -14.18 28.54 25.41
N ASP C 214 -12.99 28.45 25.99
CA ASP C 214 -11.77 28.80 25.27
C ASP C 214 -11.44 27.74 24.22
N HIS C 215 -11.65 26.48 24.58
CA HIS C 215 -11.33 25.37 23.69
C HIS C 215 -12.56 24.52 23.38
N PRO C 216 -12.79 24.24 22.09
CA PRO C 216 -13.93 23.44 21.61
C PRO C 216 -14.07 22.10 22.34
N MET D 1 -12.17 -26.97 -55.00
CA MET D 1 -11.43 -28.08 -54.40
C MET D 1 -10.50 -27.59 -53.30
N SER D 2 -11.08 -27.40 -52.11
CA SER D 2 -10.37 -26.83 -50.97
C SER D 2 -9.61 -27.90 -50.17
N PRO D 3 -8.51 -27.50 -49.51
CA PRO D 3 -7.70 -28.32 -48.60
C PRO D 3 -8.50 -29.12 -47.56
N ILE D 4 -8.06 -30.35 -47.31
CA ILE D 4 -8.78 -31.28 -46.44
C ILE D 4 -7.95 -31.74 -45.23
N LEU D 5 -8.41 -31.44 -44.02
CA LEU D 5 -7.75 -31.95 -42.81
C LEU D 5 -8.67 -32.77 -41.92
N GLY D 6 -8.21 -33.96 -41.54
CA GLY D 6 -9.02 -34.87 -40.76
C GLY D 6 -8.43 -35.39 -39.45
N TYR D 7 -9.24 -35.36 -38.39
CA TYR D 7 -8.86 -35.91 -37.09
C TYR D 7 -10.05 -35.97 -36.12
N TRP D 8 -9.79 -36.46 -34.91
CA TRP D 8 -10.84 -36.66 -33.92
C TRP D 8 -11.37 -35.33 -33.36
N LYS D 9 -12.48 -35.40 -32.64
CA LYS D 9 -13.09 -34.22 -32.01
C LYS D 9 -12.25 -33.74 -30.83
N ILE D 10 -11.02 -33.33 -31.11
CA ILE D 10 -10.04 -33.05 -30.07
C ILE D 10 -9.03 -31.96 -30.48
N LYS D 11 -8.64 -31.11 -29.52
CA LYS D 11 -7.60 -30.11 -29.75
C LYS D 11 -6.27 -30.76 -30.09
N GLY D 12 -5.70 -31.50 -29.13
CA GLY D 12 -4.49 -32.28 -29.35
C GLY D 12 -3.28 -31.53 -29.86
N LEU D 13 -2.62 -32.08 -30.86
CA LEU D 13 -1.46 -31.44 -31.46
C LEU D 13 -1.84 -30.59 -32.67
N VAL D 14 -3.09 -30.74 -33.11
CA VAL D 14 -3.61 -30.07 -34.30
C VAL D 14 -4.07 -28.66 -34.00
N GLN D 15 -4.40 -28.39 -32.75
CA GLN D 15 -4.90 -27.08 -32.36
C GLN D 15 -4.05 -25.92 -32.89
N PRO D 16 -2.70 -25.96 -32.73
CA PRO D 16 -2.00 -24.76 -33.20
C PRO D 16 -2.05 -24.54 -34.71
N THR D 17 -2.04 -25.60 -35.51
CA THR D 17 -2.09 -25.43 -36.97
C THR D 17 -3.47 -24.91 -37.37
N ARG D 18 -4.48 -25.25 -36.57
CA ARG D 18 -5.83 -24.79 -36.82
C ARG D 18 -5.89 -23.28 -36.67
N LEU D 19 -5.33 -22.78 -35.58
CA LEU D 19 -5.34 -21.36 -35.26
C LEU D 19 -4.61 -20.50 -36.29
N LEU D 20 -3.46 -20.94 -36.78
CA LEU D 20 -2.71 -20.14 -37.74
C LEU D 20 -3.25 -20.25 -39.16
N LEU D 21 -3.81 -21.41 -39.51
CA LEU D 21 -4.43 -21.58 -40.82
C LEU D 21 -5.51 -20.54 -41.02
N GLU D 22 -6.32 -20.42 -39.98
CA GLU D 22 -7.39 -19.45 -39.91
C GLU D 22 -6.80 -18.03 -39.94
N TYR D 23 -5.58 -17.86 -39.42
CA TYR D 23 -4.94 -16.54 -39.39
C TYR D 23 -4.59 -16.08 -40.80
N LEU D 24 -4.04 -17.00 -41.59
CA LEU D 24 -3.69 -16.71 -42.97
C LEU D 24 -4.97 -16.51 -43.78
N GLU D 25 -6.07 -17.02 -43.23
CA GLU D 25 -7.37 -17.01 -43.91
C GLU D 25 -7.36 -17.83 -45.19
N GLU D 26 -6.49 -18.83 -45.24
CA GLU D 26 -6.48 -19.79 -46.33
C GLU D 26 -7.63 -20.76 -46.15
N LYS D 27 -8.28 -21.12 -47.24
CA LYS D 27 -9.46 -22.00 -47.20
C LYS D 27 -9.07 -23.47 -47.03
N TYR D 28 -9.90 -24.19 -46.28
CA TYR D 28 -9.68 -25.63 -46.03
C TYR D 28 -10.93 -26.26 -45.41
N GLU D 29 -11.15 -27.54 -45.70
CA GLU D 29 -12.30 -28.25 -45.14
C GLU D 29 -11.86 -29.25 -44.09
N GLU D 30 -12.82 -29.79 -43.34
CA GLU D 30 -12.49 -30.68 -42.24
C GLU D 30 -13.33 -31.95 -42.12
N HIS D 31 -12.90 -32.71 -41.12
CA HIS D 31 -13.10 -34.13 -40.94
C HIS D 31 -12.90 -34.45 -39.46
N LEU D 32 -14.01 -34.38 -38.74
CA LEU D 32 -14.00 -34.54 -37.28
C LEU D 32 -14.49 -35.93 -36.90
N TYR D 33 -13.65 -36.64 -36.17
CA TYR D 33 -13.92 -38.03 -35.83
C TYR D 33 -14.36 -38.20 -34.39
N GLU D 34 -15.59 -38.62 -34.20
CA GLU D 34 -16.11 -38.81 -32.84
C GLU D 34 -15.47 -40.02 -32.17
N ARG D 35 -15.63 -40.08 -30.86
CA ARG D 35 -14.98 -41.07 -30.00
C ARG D 35 -15.33 -42.54 -30.26
N ASP D 36 -16.53 -42.81 -30.75
CA ASP D 36 -17.04 -44.18 -30.73
C ASP D 36 -17.11 -44.89 -32.09
N GLU D 37 -16.16 -44.62 -32.97
CA GLU D 37 -16.15 -45.33 -34.26
C GLU D 37 -14.82 -46.02 -34.55
N GLY D 38 -14.56 -47.11 -33.85
CA GLY D 38 -13.36 -47.90 -34.07
C GLY D 38 -13.37 -48.63 -35.40
N ASP D 39 -14.57 -48.84 -35.94
CA ASP D 39 -14.72 -49.55 -37.21
C ASP D 39 -14.26 -48.71 -38.40
N LYS D 40 -14.36 -47.40 -38.27
CA LYS D 40 -14.13 -46.49 -39.39
C LYS D 40 -12.66 -46.38 -39.79
N TRP D 41 -11.75 -46.85 -38.94
CA TRP D 41 -10.32 -46.64 -39.17
C TRP D 41 -9.69 -47.63 -40.14
N ARG D 42 -10.14 -48.88 -40.09
CA ARG D 42 -9.53 -49.92 -40.91
C ARG D 42 -9.73 -49.67 -42.40
N ASN D 43 -10.82 -49.01 -42.78
CA ASN D 43 -11.10 -48.79 -44.19
C ASN D 43 -10.79 -47.37 -44.70
N LYS D 44 -10.25 -46.52 -43.84
CA LYS D 44 -10.01 -45.13 -44.25
C LYS D 44 -8.57 -44.63 -44.15
N LYS D 45 -7.65 -45.48 -43.71
CA LYS D 45 -6.30 -45.00 -43.44
C LYS D 45 -5.36 -44.99 -44.64
N PHE D 46 -5.41 -46.03 -45.48
CA PHE D 46 -4.43 -46.14 -46.56
C PHE D 46 -4.98 -45.81 -47.95
N GLU D 47 -6.24 -45.39 -48.03
CA GLU D 47 -6.79 -44.92 -49.29
C GLU D 47 -6.71 -43.40 -49.31
N LEU D 48 -6.03 -42.87 -48.29
CA LEU D 48 -5.83 -41.44 -48.12
C LEU D 48 -4.76 -40.88 -49.04
N GLY D 49 -3.70 -41.66 -49.24
CA GLY D 49 -2.59 -41.24 -50.07
C GLY D 49 -1.40 -40.77 -49.27
N LEU D 50 -1.47 -41.01 -47.97
CA LEU D 50 -0.48 -40.53 -47.03
C LEU D 50 0.68 -41.52 -46.87
N GLU D 51 1.90 -41.08 -47.13
CA GLU D 51 3.05 -41.97 -46.95
C GLU D 51 3.06 -42.54 -45.53
N PHE D 52 2.73 -41.69 -44.55
CA PHE D 52 2.63 -42.11 -43.16
C PHE D 52 1.26 -41.75 -42.60
N PRO D 53 0.23 -42.58 -42.89
CA PRO D 53 -1.15 -42.28 -42.47
C PRO D 53 -1.29 -42.17 -40.96
N ASN D 54 -1.85 -41.06 -40.50
CA ASN D 54 -2.08 -40.85 -39.07
C ASN D 54 -3.03 -39.68 -38.81
N LEU D 55 -3.32 -39.46 -37.53
CA LEU D 55 -4.21 -38.38 -37.13
C LEU D 55 -3.40 -37.31 -36.39
N PRO D 56 -3.41 -36.06 -36.89
CA PRO D 56 -4.17 -35.44 -37.98
C PRO D 56 -3.47 -35.57 -39.34
N TYR D 57 -4.18 -35.22 -40.41
CA TYR D 57 -3.60 -35.22 -41.75
C TYR D 57 -4.08 -34.02 -42.56
N TYR D 58 -3.24 -33.53 -43.48
CA TYR D 58 -3.58 -32.40 -44.33
C TYR D 58 -3.36 -32.70 -45.81
N ILE D 59 -4.43 -32.73 -46.61
CA ILE D 59 -4.26 -33.03 -48.03
C ILE D 59 -4.66 -31.88 -48.93
N ASP D 60 -3.76 -31.51 -49.83
CA ASP D 60 -4.12 -30.60 -50.92
C ASP D 60 -3.94 -31.32 -52.25
N GLY D 61 -4.31 -30.65 -53.34
CA GLY D 61 -4.22 -31.25 -54.66
C GLY D 61 -2.77 -31.55 -55.02
N ASP D 62 -1.87 -30.70 -54.55
CA ASP D 62 -0.45 -30.86 -54.83
C ASP D 62 0.25 -31.82 -53.88
N VAL D 63 -0.05 -31.72 -52.58
CA VAL D 63 0.64 -32.54 -51.59
C VAL D 63 -0.32 -33.29 -50.66
N LYS D 64 0.16 -34.40 -50.12
CA LYS D 64 -0.55 -35.18 -49.13
C LYS D 64 0.26 -35.15 -47.84
N LEU D 65 -0.35 -34.72 -46.74
CA LEU D 65 0.43 -34.47 -45.52
C LEU D 65 -0.19 -35.04 -44.24
N THR D 66 0.68 -35.37 -43.30
CA THR D 66 0.31 -35.82 -41.97
C THR D 66 1.22 -35.13 -40.97
N GLN D 67 1.03 -35.44 -39.69
CA GLN D 67 1.89 -34.93 -38.61
C GLN D 67 1.63 -33.46 -38.35
N SER D 68 1.46 -33.10 -37.09
CA SER D 68 1.14 -31.73 -36.73
C SER D 68 2.24 -30.76 -37.16
N MET D 69 3.49 -31.18 -37.00
CA MET D 69 4.64 -30.35 -37.36
C MET D 69 4.75 -30.12 -38.86
N ALA D 70 4.43 -31.14 -39.65
CA ALA D 70 4.60 -31.06 -41.09
C ALA D 70 3.47 -30.23 -41.70
N ILE D 71 2.26 -30.45 -41.23
CA ILE D 71 1.11 -29.66 -41.66
C ILE D 71 1.35 -28.18 -41.40
N ILE D 72 1.84 -27.89 -40.19
CA ILE D 72 2.04 -26.52 -39.76
C ILE D 72 3.13 -25.82 -40.59
N ARG D 73 4.14 -26.58 -41.01
CA ARG D 73 5.25 -26.03 -41.77
C ARG D 73 4.87 -25.82 -43.24
N TYR D 74 4.01 -26.68 -43.77
CA TYR D 74 3.59 -26.59 -45.15
C TYR D 74 2.68 -25.40 -45.42
N ILE D 75 1.76 -25.12 -44.51
CA ILE D 75 0.87 -23.98 -44.69
C ILE D 75 1.75 -22.73 -44.60
N ALA D 76 2.79 -22.83 -43.79
CA ALA D 76 3.67 -21.70 -43.53
C ALA D 76 4.58 -21.45 -44.74
N ASP D 77 5.04 -22.51 -45.38
CA ASP D 77 5.85 -22.34 -46.57
C ASP D 77 4.99 -21.78 -47.70
N LYS D 78 3.68 -22.05 -47.62
CA LYS D 78 2.73 -21.53 -48.60
C LYS D 78 2.70 -20.01 -48.60
N HIS D 79 2.94 -19.40 -47.44
CA HIS D 79 3.03 -17.95 -47.32
C HIS D 79 4.46 -17.48 -47.11
N ASN D 80 5.44 -18.35 -47.38
CA ASN D 80 6.86 -18.06 -47.18
C ASN D 80 7.17 -17.73 -45.73
N MET D 81 6.61 -18.50 -44.81
CA MET D 81 6.83 -18.26 -43.38
C MET D 81 8.04 -19.07 -42.90
N LEU D 82 8.72 -19.75 -43.81
CA LEU D 82 9.85 -20.59 -43.41
C LEU D 82 11.09 -19.76 -43.15
N GLY D 83 11.05 -18.51 -43.59
CA GLY D 83 12.17 -17.59 -43.42
C GLY D 83 12.90 -17.38 -44.73
N GLY D 84 13.46 -16.20 -44.89
CA GLY D 84 14.21 -15.88 -46.09
C GLY D 84 15.65 -16.31 -46.00
N CYS D 85 16.11 -16.60 -44.78
CA CYS D 85 17.53 -16.81 -44.56
C CYS D 85 17.80 -17.96 -43.59
N PRO D 86 18.97 -18.61 -43.75
CA PRO D 86 19.49 -19.62 -42.84
C PRO D 86 19.40 -19.30 -41.34
N LYS D 87 19.60 -18.05 -40.95
CA LYS D 87 19.72 -17.71 -39.54
C LYS D 87 18.36 -17.68 -38.84
N GLU D 88 17.41 -16.96 -39.44
CA GLU D 88 16.06 -16.86 -38.89
C GLU D 88 15.35 -18.20 -38.93
N ARG D 89 15.58 -18.96 -40.00
CA ARG D 89 14.95 -20.26 -40.20
C ARG D 89 15.43 -21.29 -39.18
N ALA D 90 16.69 -21.17 -38.77
CA ALA D 90 17.24 -22.06 -37.77
C ALA D 90 16.54 -21.84 -36.43
N GLU D 91 16.31 -20.57 -36.11
CA GLU D 91 15.68 -20.19 -34.85
C GLU D 91 14.19 -20.58 -34.80
N ILE D 92 13.48 -20.41 -35.89
CA ILE D 92 12.06 -20.77 -35.90
C ILE D 92 11.92 -22.28 -35.68
N SER D 93 12.85 -23.04 -36.26
CA SER D 93 12.89 -24.48 -36.05
C SER D 93 13.25 -24.79 -34.60
N MET D 94 14.06 -23.91 -34.02
CA MET D 94 14.51 -24.07 -32.64
C MET D 94 13.38 -24.01 -31.61
N LEU D 95 12.45 -23.08 -31.78
CA LEU D 95 11.37 -22.96 -30.80
C LEU D 95 10.05 -23.58 -31.25
N GLU D 96 9.98 -24.06 -32.49
CA GLU D 96 8.96 -25.06 -32.82
C GLU D 96 9.21 -26.27 -31.93
N GLY D 97 10.49 -26.63 -31.84
CA GLY D 97 10.93 -27.78 -31.05
C GLY D 97 10.99 -27.53 -29.56
N ALA D 98 11.26 -26.28 -29.18
CA ALA D 98 11.26 -25.90 -27.78
C ALA D 98 9.85 -26.10 -27.23
N VAL D 99 8.87 -25.74 -28.06
CA VAL D 99 7.47 -25.97 -27.76
C VAL D 99 7.15 -27.48 -27.76
N LEU D 100 7.83 -28.24 -28.61
CA LEU D 100 7.63 -29.69 -28.62
C LEU D 100 7.97 -30.28 -27.26
N ASP D 101 9.00 -29.73 -26.61
CA ASP D 101 9.42 -30.18 -25.28
C ASP D 101 8.26 -30.06 -24.29
N ILE D 102 7.58 -28.92 -24.31
CA ILE D 102 6.46 -28.70 -23.41
C ILE D 102 5.22 -29.46 -23.91
N ARG D 103 5.13 -29.66 -25.22
CA ARG D 103 4.03 -30.43 -25.81
C ARG D 103 4.17 -31.91 -25.48
N TYR D 104 5.33 -32.46 -25.77
CA TYR D 104 5.57 -33.88 -25.53
C TYR D 104 5.68 -34.11 -24.04
N GLY D 105 6.14 -33.08 -23.31
CA GLY D 105 6.16 -33.14 -21.87
C GLY D 105 4.80 -33.49 -21.29
N VAL D 106 3.75 -32.82 -21.73
CA VAL D 106 2.40 -33.05 -21.22
C VAL D 106 1.68 -34.21 -21.92
N SER D 107 2.00 -34.46 -23.18
CA SER D 107 1.34 -35.53 -23.94
C SER D 107 1.94 -36.92 -23.69
N ARG D 108 3.21 -36.99 -23.34
CA ARG D 108 3.80 -38.28 -22.98
C ARG D 108 3.28 -38.67 -21.61
N ILE D 109 3.05 -37.67 -20.77
CA ILE D 109 2.46 -37.87 -19.46
C ILE D 109 0.94 -37.85 -19.57
N ALA D 110 0.44 -38.19 -20.76
CA ALA D 110 -0.99 -38.12 -21.01
C ALA D 110 -1.71 -39.47 -20.80
N TYR D 111 -0.96 -40.57 -20.80
CA TYR D 111 -1.56 -41.90 -20.69
C TYR D 111 -1.19 -42.72 -19.43
N SER D 112 -0.25 -42.22 -18.64
CA SER D 112 0.31 -42.99 -17.52
C SER D 112 -0.67 -43.27 -16.38
N LYS D 113 -0.26 -44.17 -15.48
CA LYS D 113 -1.04 -44.53 -14.31
C LYS D 113 -0.88 -43.56 -13.14
N ASP D 114 0.35 -43.09 -12.92
CA ASP D 114 0.64 -42.23 -11.78
C ASP D 114 0.62 -40.76 -12.14
N PHE D 115 -0.53 -40.27 -12.60
CA PHE D 115 -0.59 -38.91 -13.13
C PHE D 115 -0.27 -37.81 -12.13
N GLU D 116 -0.92 -37.84 -10.96
CA GLU D 116 -0.70 -36.82 -9.95
C GLU D 116 0.79 -36.71 -9.63
N THR D 117 1.45 -37.85 -9.46
CA THR D 117 2.88 -37.81 -9.20
C THR D 117 3.68 -37.43 -10.44
N LEU D 118 3.18 -37.81 -11.63
CA LEU D 118 3.86 -37.44 -12.88
C LEU D 118 3.87 -35.94 -13.09
N LYS D 119 2.76 -35.31 -12.74
CA LYS D 119 2.61 -33.88 -12.95
C LYS D 119 3.59 -33.13 -12.07
N VAL D 120 3.66 -33.45 -10.78
CA VAL D 120 4.55 -32.74 -9.85
C VAL D 120 6.01 -32.92 -10.27
N ASP D 121 6.36 -34.11 -10.73
CA ASP D 121 7.70 -34.38 -11.23
C ASP D 121 7.94 -33.49 -12.43
N PHE D 122 6.97 -33.45 -13.34
CA PHE D 122 7.08 -32.67 -14.55
C PHE D 122 6.89 -31.17 -14.31
N LEU D 123 6.00 -30.85 -13.36
CA LEU D 123 5.81 -29.45 -12.96
C LEU D 123 7.11 -28.92 -12.38
N SER D 124 7.90 -29.79 -11.76
CA SER D 124 9.18 -29.42 -11.18
C SER D 124 10.21 -29.10 -12.27
N LYS D 125 10.17 -29.86 -13.35
CA LYS D 125 11.04 -29.59 -14.51
C LYS D 125 10.61 -28.28 -15.17
N LEU D 126 9.33 -27.98 -15.03
CA LEU D 126 8.64 -26.96 -15.83
C LEU D 126 9.07 -25.48 -15.67
N PRO D 127 9.31 -25.00 -14.43
CA PRO D 127 9.58 -23.56 -14.34
C PRO D 127 10.84 -23.14 -15.08
N GLU D 128 11.81 -24.05 -15.12
CA GLU D 128 13.10 -23.77 -15.74
C GLU D 128 12.96 -23.66 -17.25
N MET D 129 11.98 -24.37 -17.82
CA MET D 129 11.77 -24.32 -19.27
C MET D 129 11.15 -22.99 -19.68
N LEU D 130 10.16 -22.53 -18.91
CA LEU D 130 9.47 -21.28 -19.22
C LEU D 130 10.35 -20.08 -18.94
N LYS D 131 11.24 -20.21 -17.96
CA LYS D 131 12.08 -19.10 -17.50
C LYS D 131 13.00 -18.59 -18.60
N MET D 132 13.52 -19.51 -19.42
CA MET D 132 14.30 -19.14 -20.58
C MET D 132 13.46 -18.26 -21.50
N PHE D 133 12.22 -18.67 -21.72
CA PHE D 133 11.28 -17.87 -22.50
C PHE D 133 10.94 -16.57 -21.78
N GLU D 134 10.93 -16.59 -20.46
CA GLU D 134 10.63 -15.41 -19.66
C GLU D 134 11.52 -14.24 -20.03
N ASP D 135 12.84 -14.46 -19.93
CA ASP D 135 13.83 -13.48 -20.36
C ASP D 135 13.47 -13.03 -21.76
N ARG D 136 13.33 -14.02 -22.64
CA ARG D 136 13.09 -13.74 -24.04
C ARG D 136 11.81 -12.93 -24.24
N LEU D 137 10.74 -13.28 -23.54
CA LEU D 137 9.47 -12.58 -23.76
C LEU D 137 9.17 -11.50 -22.74
N CYS D 138 10.14 -11.18 -21.90
CA CYS D 138 9.96 -10.08 -20.94
C CYS D 138 9.68 -8.79 -21.69
N HIS D 139 10.20 -8.70 -22.90
CA HIS D 139 9.98 -7.53 -23.72
C HIS D 139 9.65 -7.94 -25.16
N LYS D 140 8.97 -9.07 -25.34
CA LYS D 140 8.83 -9.68 -26.67
C LYS D 140 7.39 -10.05 -27.01
N THR D 141 6.89 -9.57 -28.15
CA THR D 141 5.48 -9.75 -28.48
C THR D 141 5.14 -11.17 -28.94
N TYR D 142 5.90 -11.73 -29.87
CA TYR D 142 5.69 -13.13 -30.20
C TYR D 142 6.95 -13.87 -29.75
N LEU D 143 7.01 -15.18 -29.91
CA LEU D 143 8.13 -15.94 -29.34
C LEU D 143 9.51 -15.61 -29.90
N ASN D 144 9.57 -15.16 -31.16
CA ASN D 144 10.85 -15.12 -31.86
C ASN D 144 11.15 -13.88 -32.70
N GLY D 145 11.52 -14.13 -33.97
CA GLY D 145 12.00 -13.11 -34.89
C GLY D 145 10.95 -12.08 -35.25
N ASP D 146 11.35 -10.99 -35.89
CA ASP D 146 10.39 -9.96 -36.23
C ASP D 146 9.54 -10.60 -37.36
N HIS D 147 8.32 -10.09 -37.54
CA HIS D 147 7.24 -10.58 -38.41
C HIS D 147 6.55 -11.73 -37.72
N VAL D 148 5.24 -11.80 -37.90
CA VAL D 148 4.45 -12.83 -37.27
C VAL D 148 4.90 -14.18 -37.76
N THR D 149 5.04 -15.13 -36.84
CA THR D 149 5.47 -16.46 -37.19
C THR D 149 4.47 -17.44 -36.60
N HIS D 150 4.45 -18.66 -37.12
CA HIS D 150 3.53 -19.68 -36.64
C HIS D 150 3.85 -20.39 -35.29
N PRO D 151 5.07 -20.23 -34.73
CA PRO D 151 5.30 -20.89 -33.44
C PRO D 151 4.54 -20.37 -32.21
N ASP D 152 4.12 -19.11 -32.20
CA ASP D 152 3.61 -18.50 -30.97
C ASP D 152 2.40 -19.21 -30.39
N PHE D 153 1.48 -19.60 -31.25
CA PHE D 153 0.29 -20.29 -30.78
C PHE D 153 0.63 -21.71 -30.35
N MET D 154 1.76 -22.22 -30.83
CA MET D 154 2.29 -23.49 -30.36
C MET D 154 2.70 -23.36 -28.91
N LEU D 155 3.11 -22.16 -28.50
CA LEU D 155 3.45 -21.95 -27.11
C LEU D 155 2.15 -21.86 -26.33
N TYR D 156 1.24 -21.02 -26.81
CA TYR D 156 -0.05 -20.84 -26.14
C TYR D 156 -0.77 -22.14 -25.89
N ASP D 157 -0.88 -22.98 -26.91
CA ASP D 157 -1.70 -24.20 -26.82
C ASP D 157 -1.22 -25.04 -25.64
N ALA D 158 0.10 -25.19 -25.52
CA ALA D 158 0.67 -25.91 -24.40
C ALA D 158 0.36 -25.18 -23.09
N LEU D 159 0.59 -23.87 -23.07
CA LEU D 159 0.23 -23.04 -21.93
C LEU D 159 -1.27 -23.08 -21.72
N ASP D 160 -2.02 -23.10 -22.83
CA ASP D 160 -3.47 -23.21 -22.80
C ASP D 160 -3.84 -24.44 -22.00
N VAL D 161 -3.24 -25.58 -22.34
CA VAL D 161 -3.53 -26.84 -21.68
C VAL D 161 -3.17 -26.81 -20.19
N VAL D 162 -2.04 -26.20 -19.86
CA VAL D 162 -1.55 -26.20 -18.48
C VAL D 162 -2.43 -25.36 -17.56
N LEU D 163 -2.98 -24.27 -18.12
CA LEU D 163 -3.85 -23.37 -17.36
C LEU D 163 -5.01 -24.10 -16.70
N TYR D 164 -5.54 -25.12 -17.37
CA TYR D 164 -6.63 -25.91 -16.82
C TYR D 164 -6.19 -26.73 -15.61
N MET D 165 -5.01 -27.35 -15.70
CA MET D 165 -4.45 -28.09 -14.57
C MET D 165 -3.97 -27.16 -13.47
N ASP D 166 -3.39 -26.04 -13.86
CA ASP D 166 -2.85 -25.10 -12.89
C ASP D 166 -3.06 -23.65 -13.36
N PRO D 167 -4.01 -22.95 -12.74
CA PRO D 167 -4.21 -21.53 -13.05
C PRO D 167 -3.24 -20.61 -12.32
N MET D 168 -2.51 -21.14 -11.33
CA MET D 168 -1.59 -20.32 -10.55
C MET D 168 -0.14 -20.54 -11.02
N CYS D 169 0.01 -21.31 -12.09
CA CYS D 169 1.31 -21.51 -12.72
C CYS D 169 1.94 -20.18 -13.14
N LEU D 170 1.10 -19.16 -13.24
CA LEU D 170 1.53 -17.86 -13.75
C LEU D 170 1.26 -16.72 -12.78
N ASP D 171 1.24 -17.00 -11.48
CA ASP D 171 0.99 -15.92 -10.53
C ASP D 171 2.16 -14.95 -10.57
N ALA D 172 3.38 -15.50 -10.59
CA ALA D 172 4.59 -14.70 -10.73
C ALA D 172 4.68 -14.08 -12.13
N PHE D 173 3.86 -14.58 -13.05
CA PHE D 173 3.81 -14.04 -14.40
C PHE D 173 2.40 -13.75 -14.88
N PRO D 174 1.84 -12.60 -14.45
CA PRO D 174 0.57 -12.17 -15.04
C PRO D 174 0.80 -11.94 -16.52
N LYS D 175 2.05 -11.60 -16.82
CA LYS D 175 2.58 -11.50 -18.17
C LYS D 175 2.18 -12.70 -19.05
N LEU D 176 2.39 -13.91 -18.56
CA LEU D 176 2.16 -15.08 -19.40
C LEU D 176 0.67 -15.33 -19.66
N VAL D 177 -0.19 -15.03 -18.68
CA VAL D 177 -1.62 -15.10 -18.95
C VAL D 177 -1.99 -13.93 -19.86
N CYS D 178 -1.16 -12.89 -19.84
CA CYS D 178 -1.36 -11.74 -20.70
C CYS D 178 -0.90 -12.07 -22.12
N PHE D 179 0.05 -12.99 -22.24
CA PHE D 179 0.39 -13.57 -23.55
C PHE D 179 -0.87 -14.21 -24.12
N LYS D 180 -1.60 -14.90 -23.25
CA LYS D 180 -2.86 -15.53 -23.64
C LYS D 180 -3.87 -14.45 -24.01
N LYS D 181 -3.72 -13.27 -23.41
CA LYS D 181 -4.65 -12.18 -23.62
C LYS D 181 -4.39 -11.51 -24.96
N ARG D 182 -3.12 -11.17 -25.21
CA ARG D 182 -2.74 -10.46 -26.44
C ARG D 182 -2.98 -11.27 -27.70
N ILE D 183 -2.78 -12.58 -27.61
CA ILE D 183 -3.00 -13.39 -28.78
C ILE D 183 -4.47 -13.28 -29.10
N GLU D 184 -5.32 -13.31 -28.06
CA GLU D 184 -6.75 -13.18 -28.21
C GLU D 184 -7.11 -11.83 -28.82
N ALA D 185 -6.24 -10.85 -28.63
CA ALA D 185 -6.48 -9.50 -29.15
C ALA D 185 -6.41 -9.48 -30.68
N ILE D 186 -5.62 -10.39 -31.26
CA ILE D 186 -5.61 -10.56 -32.71
C ILE D 186 -7.01 -10.97 -33.17
N PRO D 187 -7.53 -10.32 -34.22
CA PRO D 187 -8.90 -10.54 -34.69
C PRO D 187 -9.27 -11.99 -34.97
N GLN D 188 -8.36 -12.76 -35.56
CA GLN D 188 -8.77 -14.06 -36.05
C GLN D 188 -8.88 -15.10 -34.95
N ILE D 189 -7.95 -15.11 -34.01
CA ILE D 189 -7.98 -16.13 -32.97
C ILE D 189 -9.12 -16.04 -31.96
N ASP D 190 -9.46 -14.84 -31.54
CA ASP D 190 -10.58 -14.68 -30.62
C ASP D 190 -11.84 -15.19 -31.31
N LYS D 191 -11.86 -15.11 -32.64
CA LYS D 191 -12.92 -15.69 -33.44
C LYS D 191 -12.93 -17.21 -33.30
N TYR D 192 -11.78 -17.81 -33.05
CA TYR D 192 -11.73 -19.25 -32.81
C TYR D 192 -12.36 -19.55 -31.45
N LEU D 193 -11.82 -18.96 -30.39
CA LEU D 193 -12.13 -19.36 -29.01
C LEU D 193 -13.60 -19.32 -28.54
N LYS D 194 -14.38 -18.35 -28.98
CA LYS D 194 -15.76 -18.26 -28.51
C LYS D 194 -16.72 -19.04 -29.42
N SER D 195 -16.18 -19.53 -30.54
CA SER D 195 -16.97 -20.16 -31.59
C SER D 195 -17.57 -21.53 -31.30
N SER D 196 -18.44 -21.97 -32.19
CA SER D 196 -18.96 -23.34 -32.21
C SER D 196 -17.93 -24.29 -32.79
N LYS D 197 -17.17 -23.80 -33.76
CA LYS D 197 -16.15 -24.59 -34.42
C LYS D 197 -15.05 -24.91 -33.41
N TYR D 198 -14.84 -23.97 -32.50
CA TYR D 198 -13.93 -24.18 -31.37
C TYR D 198 -14.34 -25.39 -30.56
N ILE D 199 -13.35 -26.25 -30.28
CA ILE D 199 -13.60 -27.43 -29.45
C ILE D 199 -12.87 -27.26 -28.12
N ALA D 200 -13.58 -26.77 -27.11
CA ALA D 200 -12.97 -26.49 -25.80
C ALA D 200 -12.49 -27.74 -25.11
N TRP D 201 -13.21 -28.83 -25.35
CA TRP D 201 -12.97 -30.09 -24.65
C TRP D 201 -13.24 -31.22 -25.64
N PRO D 202 -12.41 -32.27 -25.63
CA PRO D 202 -11.23 -32.49 -24.78
C PRO D 202 -9.94 -32.00 -25.41
N LEU D 203 -8.96 -31.70 -24.57
CA LEU D 203 -7.65 -31.22 -25.05
C LEU D 203 -6.93 -32.24 -25.90
N GLN D 204 -6.81 -33.45 -25.37
CA GLN D 204 -6.17 -34.55 -26.07
C GLN D 204 -7.10 -35.75 -26.14
N GLY D 205 -6.53 -36.94 -26.34
CA GLY D 205 -7.29 -38.17 -26.40
C GLY D 205 -8.31 -38.34 -25.30
N TRP D 206 -9.47 -38.87 -25.66
CA TRP D 206 -10.56 -39.07 -24.72
C TRP D 206 -10.25 -40.10 -23.64
N GLN D 207 -9.36 -41.04 -23.97
CA GLN D 207 -8.97 -42.08 -23.02
C GLN D 207 -8.33 -41.48 -21.79
N ALA D 208 -7.71 -40.31 -21.98
CA ALA D 208 -6.92 -39.63 -20.95
C ALA D 208 -7.72 -39.27 -19.70
N THR D 209 -7.05 -39.35 -18.56
CA THR D 209 -7.60 -38.88 -17.30
C THR D 209 -7.64 -37.35 -17.29
N PHE D 210 -6.60 -36.72 -17.84
CA PHE D 210 -6.52 -35.27 -17.87
C PHE D 210 -6.78 -34.70 -19.26
N GLY D 211 -7.63 -33.68 -19.31
CA GLY D 211 -7.93 -32.99 -20.56
C GLY D 211 -8.83 -33.85 -21.41
N GLY D 212 -9.47 -34.83 -20.79
CA GLY D 212 -10.35 -35.74 -21.48
C GLY D 212 -11.75 -35.74 -20.89
N GLY D 213 -12.66 -36.47 -21.53
CA GLY D 213 -14.06 -36.43 -21.15
C GLY D 213 -14.75 -35.38 -22.00
N ASP D 214 -16.07 -35.34 -21.96
CA ASP D 214 -16.79 -34.32 -22.71
C ASP D 214 -16.82 -33.00 -21.94
N HIS D 215 -16.77 -33.09 -20.61
CA HIS D 215 -16.85 -31.91 -19.76
C HIS D 215 -15.96 -32.05 -18.51
N PRO D 216 -15.53 -30.92 -17.93
CA PRO D 216 -14.67 -30.90 -16.73
C PRO D 216 -15.22 -31.75 -15.58
N MET E 1 36.88 -19.17 -35.07
CA MET E 1 37.33 -20.17 -36.03
C MET E 1 36.18 -21.07 -36.46
N SER E 2 36.26 -22.34 -36.12
CA SER E 2 35.28 -23.32 -36.53
C SER E 2 34.18 -23.49 -35.46
N PRO E 3 32.93 -23.64 -35.90
CA PRO E 3 31.71 -23.77 -35.08
C PRO E 3 31.80 -24.82 -33.98
N ILE E 4 31.02 -24.63 -32.92
CA ILE E 4 31.09 -25.48 -31.73
C ILE E 4 29.76 -26.13 -31.35
N LEU E 5 29.78 -27.45 -31.15
CA LEU E 5 28.61 -28.20 -30.67
C LEU E 5 28.85 -28.70 -29.26
N GLY E 6 27.82 -28.68 -28.45
CA GLY E 6 27.98 -29.19 -27.09
C GLY E 6 26.97 -30.25 -26.73
N TYR E 7 27.44 -31.37 -26.17
CA TYR E 7 26.55 -32.49 -25.86
C TYR E 7 27.15 -33.53 -24.89
N TRP E 8 26.36 -34.55 -24.57
CA TRP E 8 26.76 -35.66 -23.70
C TRP E 8 27.50 -36.74 -24.51
N LYS E 9 28.29 -37.55 -23.83
CA LYS E 9 29.01 -38.65 -24.47
C LYS E 9 28.07 -39.79 -24.85
N ILE E 10 27.00 -39.46 -25.58
CA ILE E 10 26.01 -40.43 -26.02
C ILE E 10 25.55 -40.08 -27.43
N LYS E 11 24.99 -41.05 -28.14
CA LYS E 11 24.32 -40.77 -29.41
C LYS E 11 23.25 -39.72 -29.17
N GLY E 12 22.33 -40.07 -28.29
CA GLY E 12 21.31 -39.16 -27.83
C GLY E 12 20.47 -38.55 -28.91
N LEU E 13 19.94 -37.36 -28.63
CA LEU E 13 19.11 -36.68 -29.60
C LEU E 13 19.94 -36.18 -30.78
N VAL E 14 21.22 -35.97 -30.56
CA VAL E 14 22.13 -35.55 -31.63
C VAL E 14 22.25 -36.64 -32.68
N GLN E 15 22.32 -37.88 -32.22
CA GLN E 15 22.31 -39.04 -33.09
C GLN E 15 23.49 -39.00 -34.05
N PRO E 16 23.46 -39.83 -35.11
CA PRO E 16 24.41 -39.68 -36.21
C PRO E 16 24.45 -38.35 -36.96
N THR E 17 23.92 -37.23 -36.45
CA THR E 17 24.06 -35.99 -37.22
C THR E 17 25.54 -35.68 -37.37
N ARG E 18 26.34 -36.19 -36.43
CA ARG E 18 27.78 -36.15 -36.55
C ARG E 18 28.17 -36.77 -37.88
N LEU E 19 27.63 -37.96 -38.14
CA LEU E 19 27.84 -38.69 -39.38
C LEU E 19 27.43 -37.87 -40.61
N LEU E 20 26.29 -37.20 -40.52
CA LEU E 20 25.82 -36.34 -41.61
C LEU E 20 26.82 -35.25 -41.87
N LEU E 21 27.03 -34.44 -40.84
CA LEU E 21 27.94 -33.32 -40.87
C LEU E 21 29.31 -33.78 -41.36
N GLU E 22 29.62 -35.06 -41.10
CA GLU E 22 30.88 -35.66 -41.48
C GLU E 22 30.90 -36.11 -42.95
N TYR E 23 29.78 -36.66 -43.43
CA TYR E 23 29.70 -37.07 -44.84
C TYR E 23 29.94 -35.90 -45.76
N LEU E 24 29.36 -34.77 -45.38
CA LEU E 24 29.45 -33.54 -46.16
C LEU E 24 30.80 -32.86 -45.89
N GLU E 25 31.61 -33.50 -45.05
CA GLU E 25 32.96 -33.03 -44.73
C GLU E 25 32.96 -31.64 -44.10
N GLU E 26 31.86 -31.31 -43.43
CA GLU E 26 31.73 -30.00 -42.77
C GLU E 26 32.53 -29.96 -41.47
N LYS E 27 33.38 -28.95 -41.34
CA LYS E 27 34.19 -28.76 -40.13
C LYS E 27 33.32 -28.45 -38.91
N TYR E 28 33.61 -29.12 -37.79
CA TYR E 28 32.98 -28.77 -36.51
C TYR E 28 33.74 -29.41 -35.34
N GLU E 29 33.66 -28.77 -34.18
CA GLU E 29 34.21 -29.32 -32.95
C GLU E 29 33.13 -29.42 -31.89
N GLU E 30 33.22 -30.44 -31.05
CA GLU E 30 32.18 -30.68 -30.05
C GLU E 30 32.75 -30.99 -28.68
N HIS E 31 32.01 -30.60 -27.65
CA HIS E 31 32.37 -30.87 -26.26
C HIS E 31 31.46 -31.95 -25.69
N LEU E 32 31.99 -33.16 -25.55
CA LEU E 32 31.23 -34.24 -24.97
C LEU E 32 31.35 -34.22 -23.45
N TYR E 33 30.26 -33.95 -22.74
CA TYR E 33 30.38 -34.06 -21.30
C TYR E 33 30.17 -35.53 -20.90
N GLU E 34 30.91 -35.95 -19.87
CA GLU E 34 31.12 -37.35 -19.51
C GLU E 34 30.12 -37.79 -18.42
N ARG E 35 30.37 -38.95 -17.84
CA ARG E 35 29.47 -39.62 -16.89
C ARG E 35 29.08 -38.84 -15.63
N ASP E 36 30.00 -38.08 -15.07
CA ASP E 36 29.76 -37.34 -13.84
C ASP E 36 30.29 -35.95 -14.08
N GLU E 37 30.15 -35.51 -15.31
CA GLU E 37 30.36 -34.14 -15.60
C GLU E 37 29.01 -33.43 -15.77
N GLY E 38 27.93 -34.02 -15.28
CA GLY E 38 26.70 -33.37 -14.89
C GLY E 38 26.92 -32.52 -13.64
N ASP E 39 28.02 -32.84 -12.93
CA ASP E 39 28.47 -32.06 -11.77
C ASP E 39 29.37 -30.88 -12.10
N LYS E 40 29.72 -30.71 -13.37
CA LYS E 40 30.35 -29.47 -13.79
C LYS E 40 29.23 -28.45 -13.89
N TRP E 41 28.02 -28.97 -14.04
CA TRP E 41 26.74 -28.27 -13.93
C TRP E 41 26.61 -26.90 -14.60
N ARG E 42 25.78 -26.08 -14.00
CA ARG E 42 25.02 -25.02 -14.66
C ARG E 42 25.77 -23.73 -15.01
N ASN E 43 26.91 -23.49 -14.39
CA ASN E 43 27.52 -22.16 -14.46
C ASN E 43 28.02 -21.68 -15.83
N LYS E 44 28.49 -22.58 -16.68
CA LYS E 44 29.13 -22.12 -17.91
C LYS E 44 28.17 -21.83 -19.06
N LYS E 45 27.06 -22.54 -19.16
CA LYS E 45 26.22 -22.38 -20.35
C LYS E 45 25.42 -21.08 -20.36
N PHE E 46 25.16 -20.52 -19.18
CA PHE E 46 24.41 -19.26 -19.10
C PHE E 46 25.21 -18.11 -19.70
N GLU E 47 26.53 -18.22 -19.61
CA GLU E 47 27.42 -17.18 -20.11
C GLU E 47 27.93 -17.51 -21.52
N LEU E 48 27.31 -18.49 -22.17
CA LEU E 48 27.67 -18.86 -23.53
C LEU E 48 26.71 -18.24 -24.54
N GLY E 49 25.83 -17.36 -24.06
CA GLY E 49 24.97 -16.59 -24.94
C GLY E 49 23.79 -17.33 -25.51
N LEU E 50 23.42 -18.44 -24.90
CA LEU E 50 22.25 -19.17 -25.35
C LEU E 50 20.96 -18.68 -24.73
N GLU E 51 19.96 -18.49 -25.59
CA GLU E 51 18.61 -18.13 -25.19
C GLU E 51 18.00 -19.13 -24.22
N PHE E 52 18.02 -20.41 -24.59
CA PHE E 52 17.50 -21.47 -23.74
C PHE E 52 18.56 -22.54 -23.49
N PRO E 53 19.52 -22.25 -22.59
CA PRO E 53 20.64 -23.14 -22.28
C PRO E 53 20.22 -24.59 -22.04
N ASN E 54 20.55 -25.43 -23.00
CA ASN E 54 20.23 -26.85 -22.95
C ASN E 54 21.14 -27.59 -23.93
N LEU E 55 21.25 -28.90 -23.79
CA LEU E 55 22.07 -29.69 -24.70
C LEU E 55 21.20 -30.66 -25.50
N PRO E 56 21.57 -30.89 -26.77
CA PRO E 56 22.76 -30.37 -27.47
C PRO E 56 22.68 -28.88 -27.79
N TYR E 57 23.85 -28.25 -27.94
CA TYR E 57 23.87 -26.86 -28.38
C TYR E 57 24.78 -26.66 -29.59
N TYR E 58 24.54 -25.57 -30.32
CA TYR E 58 25.40 -25.20 -31.45
C TYR E 58 25.75 -23.72 -31.40
N ILE E 59 27.03 -23.43 -31.51
CA ILE E 59 27.50 -22.06 -31.51
C ILE E 59 28.40 -21.80 -32.70
N ASP E 60 28.05 -20.78 -33.48
CA ASP E 60 28.90 -20.36 -34.59
C ASP E 60 28.78 -18.86 -34.77
N GLY E 61 29.46 -18.35 -35.80
CA GLY E 61 29.42 -16.93 -36.14
C GLY E 61 28.02 -16.48 -36.45
N ASP E 62 27.21 -17.41 -36.93
CA ASP E 62 25.84 -17.11 -37.33
C ASP E 62 24.81 -17.31 -36.24
N VAL E 63 24.91 -18.41 -35.49
CA VAL E 63 23.89 -18.78 -34.52
C VAL E 63 24.40 -19.41 -33.23
N LYS E 64 23.72 -19.11 -32.13
CA LYS E 64 23.81 -19.89 -30.91
C LYS E 64 22.51 -20.69 -30.80
N LEU E 65 22.62 -22.01 -30.78
CA LEU E 65 21.45 -22.86 -30.90
C LEU E 65 21.42 -24.04 -29.93
N THR E 66 20.21 -24.46 -29.55
CA THR E 66 20.01 -25.71 -28.81
C THR E 66 18.70 -26.38 -29.22
N GLN E 67 18.81 -27.67 -29.51
CA GLN E 67 17.72 -28.62 -29.84
C GLN E 67 18.21 -29.46 -31.01
N SER E 68 18.15 -30.77 -30.87
CA SER E 68 18.74 -31.69 -31.84
C SER E 68 18.18 -31.69 -33.26
N MET E 69 16.88 -31.47 -33.41
CA MET E 69 16.29 -31.62 -34.73
C MET E 69 16.52 -30.39 -35.58
N ALA E 70 16.46 -29.24 -34.91
CA ALA E 70 16.75 -28.00 -35.59
C ALA E 70 18.26 -27.96 -35.81
N ILE E 71 19.03 -28.74 -35.05
CA ILE E 71 20.45 -28.75 -35.33
C ILE E 71 20.77 -29.57 -36.58
N ILE E 72 20.04 -30.66 -36.81
CA ILE E 72 20.21 -31.40 -38.06
C ILE E 72 19.68 -30.50 -39.19
N ARG E 73 18.64 -29.73 -38.89
CA ARG E 73 17.98 -28.87 -39.86
C ARG E 73 18.80 -27.63 -40.25
N TYR E 74 19.55 -27.04 -39.32
CA TYR E 74 20.42 -25.92 -39.70
C TYR E 74 21.47 -26.38 -40.66
N ILE E 75 21.90 -27.63 -40.53
CA ILE E 75 22.90 -28.16 -41.44
C ILE E 75 22.31 -28.21 -42.84
N ALA E 76 21.05 -28.63 -42.94
CA ALA E 76 20.33 -28.80 -44.19
C ALA E 76 20.18 -27.48 -44.94
N ASP E 77 19.76 -26.45 -44.22
CA ASP E 77 19.50 -25.18 -44.88
C ASP E 77 20.80 -24.52 -45.36
N LYS E 78 21.87 -24.74 -44.62
CA LYS E 78 23.16 -24.15 -44.92
C LYS E 78 23.69 -24.57 -46.29
N HIS E 79 23.67 -25.87 -46.56
CA HIS E 79 24.01 -26.36 -47.89
C HIS E 79 22.75 -26.75 -48.68
N ASN E 80 21.69 -25.99 -48.42
CA ASN E 80 20.40 -26.10 -49.11
C ASN E 80 19.92 -27.52 -49.42
N MET E 81 19.58 -28.27 -48.38
CA MET E 81 19.16 -29.67 -48.55
C MET E 81 17.70 -29.91 -48.21
N LEU E 82 17.04 -28.88 -47.66
CA LEU E 82 15.61 -28.98 -47.39
C LEU E 82 14.82 -29.01 -48.70
N GLY E 83 15.44 -28.51 -49.77
CA GLY E 83 14.86 -28.59 -51.10
C GLY E 83 14.44 -27.26 -51.71
N GLY E 84 14.33 -27.27 -53.04
CA GLY E 84 14.05 -26.06 -53.80
C GLY E 84 12.64 -25.50 -53.66
N CYS E 85 11.68 -26.38 -53.41
CA CYS E 85 10.28 -25.99 -53.44
C CYS E 85 9.53 -26.55 -52.22
N PRO E 86 8.41 -25.92 -51.84
CA PRO E 86 7.55 -26.43 -50.76
C PRO E 86 7.11 -27.88 -50.90
N LYS E 87 7.05 -28.40 -52.12
CA LYS E 87 6.60 -29.79 -52.34
C LYS E 87 7.48 -30.79 -51.60
N GLU E 88 8.78 -30.74 -51.82
CA GLU E 88 9.69 -31.66 -51.15
C GLU E 88 9.68 -31.43 -49.66
N ARG E 89 9.62 -30.16 -49.25
CA ARG E 89 9.70 -29.78 -47.85
C ARG E 89 8.54 -30.28 -46.99
N ALA E 90 7.31 -30.11 -47.47
CA ALA E 90 6.15 -30.66 -46.78
C ALA E 90 6.32 -32.17 -46.65
N GLU E 91 6.86 -32.75 -47.72
CA GLU E 91 7.10 -34.17 -47.82
C GLU E 91 8.24 -34.62 -46.89
N ILE E 92 9.30 -33.81 -46.82
CA ILE E 92 10.42 -34.08 -45.92
C ILE E 92 10.07 -33.75 -44.46
N SER E 93 9.32 -32.68 -44.26
CA SER E 93 8.86 -32.32 -42.92
C SER E 93 7.98 -33.43 -42.35
N MET E 94 7.25 -34.08 -43.24
CA MET E 94 6.39 -35.19 -42.87
C MET E 94 7.25 -36.36 -42.39
N LEU E 95 8.39 -36.53 -43.05
CA LEU E 95 9.36 -37.55 -42.68
C LEU E 95 9.88 -37.28 -41.27
N GLU E 96 10.26 -36.04 -41.01
CA GLU E 96 10.78 -35.64 -39.70
C GLU E 96 9.82 -35.97 -38.57
N GLY E 97 8.57 -35.59 -38.75
CA GLY E 97 7.56 -35.83 -37.76
C GLY E 97 7.39 -37.31 -37.45
N ALA E 98 7.51 -38.14 -38.48
CA ALA E 98 7.42 -39.58 -38.31
C ALA E 98 8.62 -40.11 -37.54
N VAL E 99 9.80 -39.58 -37.84
CA VAL E 99 11.02 -39.98 -37.15
C VAL E 99 11.00 -39.48 -35.71
N LEU E 100 10.43 -38.29 -35.52
CA LEU E 100 10.30 -37.73 -34.19
C LEU E 100 9.51 -38.68 -33.28
N ASP E 101 8.50 -39.31 -33.87
CA ASP E 101 7.66 -40.27 -33.15
C ASP E 101 8.44 -41.47 -32.62
N ILE E 102 9.30 -42.04 -33.47
CA ILE E 102 10.03 -43.25 -33.06
C ILE E 102 11.19 -42.95 -32.11
N ARG E 103 12.04 -42.00 -32.46
CA ARG E 103 13.26 -41.74 -31.71
C ARG E 103 13.01 -41.32 -30.28
N TYR E 104 12.19 -40.28 -30.15
CA TYR E 104 11.74 -39.75 -28.89
C TYR E 104 11.01 -40.84 -28.13
N GLY E 105 10.16 -41.55 -28.85
CA GLY E 105 9.33 -42.62 -28.32
C GLY E 105 10.09 -43.77 -27.69
N VAL E 106 11.19 -44.17 -28.33
CA VAL E 106 12.04 -45.21 -27.77
C VAL E 106 12.90 -44.63 -26.66
N SER E 107 13.21 -43.34 -26.74
CA SER E 107 14.18 -42.74 -25.84
C SER E 107 13.69 -42.54 -24.42
N ARG E 108 12.49 -42.00 -24.26
CA ARG E 108 11.96 -41.64 -22.94
C ARG E 108 12.04 -42.78 -21.95
N ILE E 109 11.57 -43.94 -22.40
CA ILE E 109 11.43 -45.18 -21.63
C ILE E 109 11.99 -45.34 -20.20
N ALA E 110 12.74 -44.36 -19.71
CA ALA E 110 13.59 -44.59 -18.54
C ALA E 110 13.61 -43.54 -17.42
N TYR E 111 12.54 -42.79 -17.19
CA TYR E 111 12.63 -41.78 -16.14
C TYR E 111 11.90 -42.10 -14.83
N SER E 112 10.98 -43.07 -14.84
CA SER E 112 10.31 -43.47 -13.61
C SER E 112 11.12 -44.47 -12.78
N LYS E 113 10.83 -45.76 -12.91
CA LYS E 113 11.35 -46.76 -11.97
C LYS E 113 11.92 -48.05 -12.59
N ASP E 114 11.59 -48.33 -13.85
CA ASP E 114 11.76 -49.70 -14.33
C ASP E 114 12.68 -49.98 -15.53
N PHE E 115 12.44 -51.12 -16.16
CA PHE E 115 13.38 -51.76 -17.09
C PHE E 115 12.92 -51.80 -18.56
N GLU E 116 11.77 -52.42 -18.82
CA GLU E 116 11.33 -52.71 -20.19
C GLU E 116 9.81 -52.86 -20.20
N THR E 117 9.10 -51.87 -20.76
CA THR E 117 7.65 -51.99 -20.84
C THR E 117 6.96 -51.23 -21.99
N LEU E 118 7.70 -50.49 -22.82
CA LEU E 118 7.15 -49.82 -24.00
C LEU E 118 7.50 -50.59 -25.29
N LYS E 119 8.34 -51.58 -25.14
CA LYS E 119 9.07 -52.14 -26.27
C LYS E 119 8.24 -52.92 -27.31
N VAL E 120 7.47 -53.93 -26.94
CA VAL E 120 6.74 -54.72 -27.97
C VAL E 120 5.81 -53.86 -28.79
N ASP E 121 5.07 -53.00 -28.11
CA ASP E 121 4.14 -52.16 -28.80
C ASP E 121 4.68 -51.05 -29.59
N PHE E 122 5.73 -50.48 -29.05
CA PHE E 122 6.46 -49.50 -29.76
C PHE E 122 7.03 -50.21 -30.95
N LEU E 123 7.46 -51.44 -30.69
CA LEU E 123 8.01 -52.30 -31.72
C LEU E 123 6.96 -53.01 -32.54
N SER E 124 5.69 -52.90 -32.15
CA SER E 124 4.62 -53.47 -32.96
C SER E 124 3.93 -52.33 -33.72
N LYS E 125 3.97 -51.14 -33.13
CA LYS E 125 3.54 -49.93 -33.82
C LYS E 125 4.59 -49.55 -34.86
N LEU E 126 5.84 -49.87 -34.53
CA LEU E 126 7.00 -49.50 -35.35
C LEU E 126 7.14 -50.14 -36.73
N PRO E 127 7.00 -51.48 -36.84
CA PRO E 127 7.31 -52.07 -38.14
C PRO E 127 6.37 -51.52 -39.20
N GLU E 128 5.19 -51.08 -38.76
CA GLU E 128 4.26 -50.39 -39.63
C GLU E 128 4.92 -49.11 -40.16
N MET E 129 5.55 -48.36 -39.26
CA MET E 129 6.27 -47.14 -39.65
C MET E 129 7.33 -47.50 -40.68
N LEU E 130 8.17 -48.47 -40.33
CA LEU E 130 9.22 -48.96 -41.21
C LEU E 130 8.61 -49.52 -42.48
N LYS E 131 7.44 -50.14 -42.33
CA LYS E 131 6.73 -50.70 -43.47
C LYS E 131 6.40 -49.58 -44.45
N MET E 132 5.88 -48.47 -43.94
CA MET E 132 5.69 -47.27 -44.74
C MET E 132 7.01 -46.83 -45.36
N PHE E 133 8.09 -46.96 -44.59
CA PHE E 133 9.41 -46.57 -45.07
C PHE E 133 9.94 -47.50 -46.17
N GLU E 134 9.85 -48.81 -45.94
CA GLU E 134 10.43 -49.77 -46.89
C GLU E 134 9.73 -49.63 -48.24
N ASP E 135 8.42 -49.38 -48.21
CA ASP E 135 7.66 -49.20 -49.42
C ASP E 135 8.17 -47.99 -50.14
N ARG E 136 8.42 -46.93 -49.39
CA ARG E 136 9.04 -45.78 -49.99
C ARG E 136 10.45 -46.22 -50.41
N LEU E 137 11.16 -46.95 -49.54
CA LEU E 137 12.56 -47.37 -49.81
C LEU E 137 12.75 -48.46 -50.87
N CYS E 138 11.64 -48.96 -51.43
CA CYS E 138 11.66 -50.11 -52.34
C CYS E 138 12.54 -49.97 -53.56
N HIS E 139 12.72 -48.74 -54.00
CA HIS E 139 13.34 -48.44 -55.29
C HIS E 139 14.54 -47.56 -55.17
N LYS E 140 14.53 -46.78 -54.12
CA LYS E 140 15.31 -45.58 -54.04
C LYS E 140 16.50 -45.72 -53.11
N THR E 141 17.58 -45.04 -53.46
CA THR E 141 18.76 -44.98 -52.60
C THR E 141 18.43 -44.28 -51.28
N TYR E 142 17.63 -43.21 -51.38
CA TYR E 142 17.32 -42.37 -50.22
C TYR E 142 15.84 -41.99 -50.15
N LEU E 143 15.37 -41.67 -48.95
CA LEU E 143 13.93 -41.46 -48.71
C LEU E 143 13.28 -40.48 -49.67
N ASN E 144 13.99 -39.43 -50.05
CA ASN E 144 13.37 -38.35 -50.79
C ASN E 144 13.74 -38.27 -52.27
N GLY E 145 14.69 -39.08 -52.72
CA GLY E 145 14.97 -39.14 -54.15
C GLY E 145 16.40 -39.44 -54.59
N ASP E 146 16.84 -38.69 -55.60
CA ASP E 146 18.12 -38.94 -56.26
C ASP E 146 19.32 -38.49 -55.43
N HIS E 147 19.19 -37.35 -54.76
CA HIS E 147 20.27 -36.86 -53.93
C HIS E 147 19.99 -37.13 -52.47
N VAL E 148 21.06 -37.15 -51.68
CA VAL E 148 20.99 -37.52 -50.28
C VAL E 148 20.24 -36.49 -49.43
N THR E 149 19.37 -36.98 -48.55
CA THR E 149 18.61 -36.11 -47.66
C THR E 149 18.65 -36.62 -46.22
N HIS E 150 18.33 -35.74 -45.28
CA HIS E 150 18.51 -36.03 -43.85
C HIS E 150 17.53 -37.01 -43.15
N PRO E 151 16.28 -37.15 -43.64
CA PRO E 151 15.43 -38.17 -43.01
C PRO E 151 16.06 -39.55 -42.98
N ASP E 152 16.67 -39.96 -44.10
CA ASP E 152 17.37 -41.24 -44.22
C ASP E 152 18.28 -41.46 -43.04
N PHE E 153 19.06 -40.43 -42.73
CA PHE E 153 20.00 -40.48 -41.64
C PHE E 153 19.33 -40.62 -40.29
N MET E 154 18.28 -39.82 -40.09
CA MET E 154 17.47 -39.90 -38.88
C MET E 154 16.86 -41.28 -38.83
N LEU E 155 16.45 -41.78 -39.99
CA LEU E 155 15.83 -43.09 -40.08
C LEU E 155 16.77 -44.21 -39.64
N TYR E 156 17.96 -44.31 -40.22
CA TYR E 156 18.82 -45.46 -39.89
C TYR E 156 19.16 -45.45 -38.40
N ASP E 157 19.30 -44.27 -37.81
CA ASP E 157 19.49 -44.16 -36.37
C ASP E 157 18.28 -44.72 -35.64
N ALA E 158 17.11 -44.26 -36.09
CA ALA E 158 15.85 -44.76 -35.60
C ALA E 158 15.82 -46.26 -35.81
N LEU E 159 16.18 -46.71 -37.00
CA LEU E 159 16.37 -48.13 -37.24
C LEU E 159 17.45 -48.68 -36.31
N ASP E 160 18.53 -47.91 -36.13
CA ASP E 160 19.65 -48.35 -35.29
C ASP E 160 19.35 -48.37 -33.79
N VAL E 161 18.51 -47.44 -33.34
CA VAL E 161 18.12 -47.44 -31.92
C VAL E 161 17.38 -48.75 -31.68
N VAL E 162 16.70 -49.22 -32.72
CA VAL E 162 16.05 -50.51 -32.67
C VAL E 162 17.04 -51.60 -33.01
N LEU E 163 18.12 -51.26 -33.71
CA LEU E 163 19.16 -52.25 -34.03
C LEU E 163 19.77 -52.71 -32.73
N TYR E 164 19.73 -51.86 -31.72
CA TYR E 164 20.04 -52.29 -30.37
C TYR E 164 19.07 -53.37 -29.90
N MET E 165 17.85 -53.33 -30.42
CA MET E 165 16.83 -54.33 -30.13
C MET E 165 16.60 -55.22 -31.32
N ASP E 166 17.19 -54.89 -32.46
CA ASP E 166 17.22 -55.87 -33.51
C ASP E 166 18.70 -56.24 -33.80
N PRO E 167 19.11 -56.67 -35.01
CA PRO E 167 18.55 -57.05 -36.31
C PRO E 167 17.62 -58.24 -36.17
N MET E 168 16.55 -58.30 -36.98
CA MET E 168 15.78 -59.51 -37.29
C MET E 168 14.40 -59.11 -37.84
N CYS E 169 13.72 -58.16 -37.22
CA CYS E 169 12.32 -57.89 -37.63
C CYS E 169 12.24 -57.24 -39.01
N LEU E 170 13.39 -56.82 -39.46
CA LEU E 170 13.49 -56.03 -40.64
C LEU E 170 14.07 -56.86 -41.74
N ASP E 171 14.65 -57.99 -41.34
CA ASP E 171 15.19 -58.96 -42.27
C ASP E 171 14.10 -59.40 -43.24
N ALA E 172 12.89 -59.59 -42.72
CA ALA E 172 11.75 -59.99 -43.53
C ALA E 172 11.34 -58.91 -44.52
N PHE E 173 11.69 -57.67 -44.22
CA PHE E 173 11.39 -56.57 -45.12
C PHE E 173 12.68 -56.13 -45.81
N PRO E 174 12.84 -56.56 -47.07
CA PRO E 174 14.11 -56.49 -47.81
C PRO E 174 14.55 -55.08 -48.16
N LYS E 175 13.62 -54.15 -48.27
CA LYS E 175 13.93 -52.86 -48.90
C LYS E 175 14.60 -51.86 -47.96
N LEU E 176 14.28 -51.90 -46.67
CA LEU E 176 14.95 -51.01 -45.73
C LEU E 176 16.35 -51.48 -45.38
N VAL E 177 16.57 -52.79 -45.38
CA VAL E 177 17.85 -53.34 -44.95
C VAL E 177 18.91 -53.15 -46.03
N CYS E 178 18.49 -53.25 -47.29
CA CYS E 178 19.39 -52.96 -48.39
C CYS E 178 19.66 -51.46 -48.42
N PHE E 179 18.65 -50.70 -48.02
CA PHE E 179 18.79 -49.25 -47.89
C PHE E 179 19.83 -48.87 -46.86
N LYS E 180 19.70 -49.39 -45.63
CA LYS E 180 20.70 -49.18 -44.59
C LYS E 180 22.08 -49.51 -45.11
N LYS E 181 22.16 -50.53 -45.96
CA LYS E 181 23.43 -50.96 -46.53
C LYS E 181 23.82 -50.08 -47.72
N ARG E 182 22.85 -49.57 -48.46
CA ARG E 182 23.18 -48.60 -49.52
C ARG E 182 23.63 -47.29 -48.86
N ILE E 183 23.02 -46.95 -47.73
CA ILE E 183 23.52 -45.87 -46.89
C ILE E 183 24.99 -46.11 -46.61
N GLU E 184 25.28 -47.31 -46.12
CA GLU E 184 26.63 -47.66 -45.72
C GLU E 184 27.58 -47.75 -46.91
N ALA E 185 27.02 -47.82 -48.12
CA ALA E 185 27.82 -47.99 -49.33
C ALA E 185 28.63 -46.75 -49.71
N ILE E 186 28.13 -45.54 -49.41
CA ILE E 186 28.84 -44.33 -49.80
C ILE E 186 30.07 -44.12 -48.91
N PRO E 187 31.13 -43.52 -49.49
CA PRO E 187 32.47 -43.50 -48.89
C PRO E 187 32.72 -42.69 -47.61
N GLN E 188 32.27 -41.45 -47.49
CA GLN E 188 32.69 -40.69 -46.31
C GLN E 188 32.17 -41.29 -45.01
N ILE E 189 30.88 -41.62 -44.94
CA ILE E 189 30.26 -41.93 -43.65
C ILE E 189 30.76 -43.18 -42.91
N ASP E 190 31.07 -44.25 -43.62
CA ASP E 190 31.60 -45.47 -42.98
C ASP E 190 32.99 -45.24 -42.39
N LYS E 191 33.69 -44.26 -42.93
CA LYS E 191 35.03 -43.95 -42.48
C LYS E 191 35.09 -43.59 -41.00
N TYR E 192 34.03 -42.98 -40.49
CA TYR E 192 34.07 -42.24 -39.24
C TYR E 192 33.84 -43.00 -37.93
N LEU E 193 33.47 -44.28 -37.96
CA LEU E 193 32.96 -44.90 -36.74
C LEU E 193 33.95 -45.37 -35.71
N LYS E 194 35.24 -45.31 -35.99
CA LYS E 194 36.11 -45.80 -34.94
C LYS E 194 36.85 -44.59 -34.39
N SER E 195 36.20 -43.44 -34.49
CA SER E 195 36.85 -42.16 -34.31
C SER E 195 37.12 -41.78 -32.86
N SER E 196 37.34 -40.50 -32.61
CA SER E 196 37.41 -40.01 -31.24
C SER E 196 35.99 -39.87 -30.76
N LYS E 197 35.09 -39.63 -31.72
CA LYS E 197 33.73 -39.21 -31.43
C LYS E 197 32.71 -40.35 -31.45
N TYR E 198 33.12 -41.56 -31.83
CA TYR E 198 32.16 -42.67 -31.92
C TYR E 198 31.66 -43.11 -30.56
N ILE E 199 30.34 -43.13 -30.43
CA ILE E 199 29.70 -43.50 -29.18
C ILE E 199 28.81 -44.71 -29.39
N ALA E 200 29.33 -45.90 -29.06
CA ALA E 200 28.55 -47.11 -29.22
C ALA E 200 27.44 -47.16 -28.20
N TRP E 201 27.76 -46.80 -26.96
CA TRP E 201 26.81 -46.82 -25.87
C TRP E 201 27.12 -45.65 -24.94
N PRO E 202 26.11 -45.16 -24.20
CA PRO E 202 24.70 -45.54 -24.19
C PRO E 202 23.86 -44.68 -25.15
N LEU E 203 22.60 -45.06 -25.34
CA LEU E 203 21.68 -44.29 -26.18
C LEU E 203 21.38 -42.95 -25.53
N GLN E 204 21.06 -43.03 -24.24
CA GLN E 204 20.81 -41.87 -23.39
C GLN E 204 20.76 -42.44 -21.99
N GLY E 205 20.72 -41.56 -20.99
CA GLY E 205 20.72 -41.93 -19.57
C GLY E 205 21.41 -43.25 -19.25
N TRP E 206 22.69 -43.20 -18.86
CA TRP E 206 23.41 -44.47 -18.68
C TRP E 206 22.80 -45.32 -17.57
N GLN E 207 22.09 -44.69 -16.65
CA GLN E 207 21.42 -45.44 -15.58
C GLN E 207 20.15 -46.12 -16.09
N ALA E 208 19.68 -45.70 -17.27
CA ALA E 208 18.55 -46.35 -17.93
C ALA E 208 18.81 -47.83 -18.18
N THR E 209 17.76 -48.63 -18.21
CA THR E 209 17.92 -50.07 -18.38
C THR E 209 18.18 -50.47 -19.83
N PHE E 210 17.44 -49.91 -20.79
CA PHE E 210 17.74 -50.21 -22.18
C PHE E 210 18.62 -49.16 -22.83
N GLY E 211 19.58 -49.65 -23.62
CA GLY E 211 20.51 -48.79 -24.32
C GLY E 211 21.31 -47.93 -23.36
N GLY E 212 21.28 -48.29 -22.08
CA GLY E 212 21.96 -47.55 -21.05
C GLY E 212 23.08 -48.37 -20.47
N GLY E 213 23.93 -47.73 -19.67
CA GLY E 213 25.11 -48.38 -19.16
C GLY E 213 26.34 -47.89 -19.91
N ASP E 214 27.50 -48.10 -19.32
CA ASP E 214 28.74 -47.59 -19.87
C ASP E 214 29.35 -48.53 -20.92
N HIS E 215 29.01 -49.82 -20.81
CA HIS E 215 29.59 -50.83 -21.68
C HIS E 215 28.51 -51.81 -22.17
N PRO E 216 28.77 -52.50 -23.29
CA PRO E 216 27.82 -53.48 -23.80
C PRO E 216 27.54 -54.60 -22.81
N MET F 1 -13.73 -26.55 14.74
CA MET F 1 -12.43 -27.18 14.88
C MET F 1 -11.32 -26.15 15.04
N SER F 2 -11.65 -24.89 14.80
CA SER F 2 -10.65 -23.83 14.89
C SER F 2 -10.20 -23.71 16.32
N PRO F 3 -8.94 -23.31 16.53
CA PRO F 3 -8.42 -23.10 17.88
C PRO F 3 -9.34 -22.24 18.74
N ILE F 4 -9.83 -22.82 19.84
CA ILE F 4 -10.44 -22.03 20.88
C ILE F 4 -9.43 -21.98 22.01
N LEU F 5 -8.87 -20.79 22.26
CA LEU F 5 -7.99 -20.62 23.39
C LEU F 5 -8.82 -20.09 24.54
N GLY F 6 -9.07 -20.96 25.50
CA GLY F 6 -9.91 -20.54 26.61
C GLY F 6 -9.14 -20.28 27.86
N TYR F 7 -9.44 -19.10 28.38
CA TYR F 7 -8.82 -18.57 29.56
C TYR F 7 -9.29 -17.14 29.80
N TRP F 8 -9.14 -16.69 31.03
CA TRP F 8 -9.33 -15.30 31.33
C TRP F 8 -8.22 -14.56 30.57
N LYS F 9 -8.69 -13.72 29.64
CA LYS F 9 -7.84 -13.08 28.64
C LYS F 9 -6.68 -12.35 29.23
N ILE F 10 -5.49 -12.75 28.79
CA ILE F 10 -4.30 -12.11 29.29
C ILE F 10 -3.18 -11.90 28.31
N LYS F 11 -2.29 -11.01 28.73
CA LYS F 11 -0.94 -11.04 28.25
C LYS F 11 -0.30 -12.22 28.98
N GLY F 12 0.33 -11.92 30.11
CA GLY F 12 0.87 -12.93 30.99
C GLY F 12 1.71 -13.97 30.27
N LEU F 13 1.35 -15.22 30.46
CA LEU F 13 2.03 -16.33 29.83
C LEU F 13 1.48 -16.64 28.42
N VAL F 14 0.20 -16.33 28.20
CA VAL F 14 -0.47 -16.71 26.97
C VAL F 14 -0.13 -15.85 25.73
N GLN F 15 -0.13 -14.53 25.92
CA GLN F 15 0.05 -13.56 24.83
C GLN F 15 1.05 -13.95 23.73
N PRO F 16 2.21 -14.53 24.10
CA PRO F 16 3.13 -14.97 23.02
C PRO F 16 2.47 -15.90 22.00
N THR F 17 1.71 -16.86 22.48
CA THR F 17 1.00 -17.83 21.65
C THR F 17 0.01 -17.14 20.69
N ARG F 18 -0.73 -16.15 21.20
CA ARG F 18 -1.73 -15.48 20.37
C ARG F 18 -1.03 -14.74 19.25
N LEU F 19 0.07 -14.11 19.61
CA LEU F 19 0.88 -13.38 18.65
C LEU F 19 1.46 -14.37 17.65
N LEU F 20 1.79 -15.57 18.14
CA LEU F 20 2.36 -16.62 17.30
C LEU F 20 1.37 -17.15 16.27
N LEU F 21 0.14 -17.40 16.71
CA LEU F 21 -0.92 -17.84 15.81
C LEU F 21 -1.10 -16.77 14.75
N GLU F 22 -1.12 -15.52 15.20
CA GLU F 22 -1.15 -14.36 14.32
C GLU F 22 0.07 -14.37 13.41
N TYR F 23 1.25 -14.47 14.02
CA TYR F 23 2.50 -14.56 13.27
C TYR F 23 2.45 -15.70 12.25
N LEU F 24 1.65 -16.71 12.55
CA LEU F 24 1.45 -17.84 11.66
C LEU F 24 0.22 -17.61 10.77
N GLU F 25 -0.34 -16.41 10.86
CA GLU F 25 -1.56 -16.01 10.15
C GLU F 25 -2.63 -17.10 10.14
N GLU F 26 -2.90 -17.67 11.31
CA GLU F 26 -3.93 -18.70 11.45
C GLU F 26 -5.23 -18.12 11.98
N LYS F 27 -6.28 -18.93 11.91
CA LYS F 27 -7.63 -18.50 12.25
C LYS F 27 -8.12 -19.16 13.53
N TYR F 28 -8.63 -18.36 14.47
CA TYR F 28 -9.13 -18.93 15.70
C TYR F 28 -10.31 -18.14 16.26
N GLU F 29 -11.18 -18.86 16.92
CA GLU F 29 -12.31 -18.27 17.62
C GLU F 29 -12.15 -18.53 19.07
N GLU F 30 -12.79 -17.69 19.85
CA GLU F 30 -12.57 -17.78 21.25
C GLU F 30 -13.70 -17.60 22.18
N HIS F 31 -13.85 -18.48 23.18
CA HIS F 31 -14.78 -18.09 24.21
C HIS F 31 -14.02 -17.93 25.54
N LEU F 32 -14.32 -16.80 26.15
CA LEU F 32 -13.42 -16.11 27.05
C LEU F 32 -14.09 -15.59 28.31
N TYR F 33 -13.61 -16.13 29.40
CA TYR F 33 -14.12 -15.96 30.76
C TYR F 33 -14.41 -14.54 31.33
N GLU F 34 -15.67 -14.17 31.58
CA GLU F 34 -15.96 -12.75 31.93
C GLU F 34 -15.64 -12.29 33.36
N ARG F 35 -15.44 -10.98 33.53
CA ARG F 35 -15.06 -10.42 34.84
C ARG F 35 -16.09 -10.65 35.92
N ASP F 36 -17.36 -10.51 35.59
CA ASP F 36 -18.42 -10.88 36.52
C ASP F 36 -18.71 -12.35 36.40
N GLU F 37 -17.94 -13.06 35.61
CA GLU F 37 -18.18 -14.48 35.47
C GLU F 37 -17.26 -15.25 36.38
N GLY F 38 -16.55 -14.56 37.28
CA GLY F 38 -15.70 -15.19 38.28
C GLY F 38 -16.30 -16.46 38.84
N ASP F 39 -17.62 -16.53 38.76
CA ASP F 39 -18.45 -17.64 39.16
C ASP F 39 -18.69 -18.66 38.04
N LYS F 40 -18.49 -18.26 36.80
CA LYS F 40 -18.60 -19.19 35.67
C LYS F 40 -17.44 -20.19 35.66
N TRP F 41 -16.29 -19.82 36.21
CA TRP F 41 -15.19 -20.77 36.40
C TRP F 41 -15.68 -21.86 37.35
N ARG F 42 -16.38 -21.43 38.39
CA ARG F 42 -17.05 -22.36 39.30
C ARG F 42 -18.01 -23.23 38.51
N ASN F 43 -18.78 -22.61 37.61
CA ASN F 43 -19.63 -23.29 36.62
C ASN F 43 -18.84 -24.17 35.66
N LYS F 44 -17.72 -23.65 35.19
CA LYS F 44 -17.00 -24.22 34.05
C LYS F 44 -15.95 -25.24 34.44
N LYS F 45 -15.79 -25.45 35.75
CA LYS F 45 -14.75 -26.34 36.26
C LYS F 45 -14.94 -27.77 35.75
N PHE F 46 -16.19 -28.22 35.76
CA PHE F 46 -16.50 -29.61 35.43
C PHE F 46 -17.24 -29.76 34.10
N GLU F 47 -17.23 -28.72 33.27
CA GLU F 47 -18.02 -28.72 32.04
C GLU F 47 -17.19 -28.93 30.77
N LEU F 48 -15.88 -28.76 30.87
CA LEU F 48 -15.03 -28.82 29.68
C LEU F 48 -14.45 -30.20 29.39
N GLY F 49 -14.62 -31.15 30.30
CA GLY F 49 -14.02 -32.46 30.14
C GLY F 49 -12.51 -32.31 30.16
N LEU F 50 -12.04 -31.42 31.03
CA LEU F 50 -10.64 -31.12 31.18
C LEU F 50 -10.07 -31.99 32.30
N GLU F 51 -9.00 -32.74 32.01
CA GLU F 51 -8.36 -33.57 33.02
C GLU F 51 -7.88 -32.72 34.19
N PHE F 52 -7.30 -31.57 33.88
CA PHE F 52 -6.74 -30.67 34.90
C PHE F 52 -7.43 -29.31 34.81
N PRO F 53 -8.59 -29.16 35.48
CA PRO F 53 -9.31 -27.87 35.42
C PRO F 53 -8.49 -26.68 35.92
N ASN F 54 -8.26 -25.73 35.02
CA ASN F 54 -7.60 -24.46 35.31
C ASN F 54 -7.53 -23.63 34.03
N LEU F 55 -6.82 -22.52 34.08
CA LEU F 55 -6.69 -21.63 32.93
C LEU F 55 -5.22 -21.28 32.71
N PRO F 56 -4.78 -21.17 31.44
CA PRO F 56 -5.50 -21.26 30.16
C PRO F 56 -5.81 -22.67 29.67
N TYR F 57 -6.79 -22.80 28.78
CA TYR F 57 -7.05 -24.07 28.11
C TYR F 57 -7.15 -23.87 26.59
N TYR F 58 -6.49 -24.73 25.81
CA TYR F 58 -6.52 -24.63 24.34
C TYR F 58 -7.35 -25.75 23.76
N ILE F 59 -8.12 -25.43 22.74
CA ILE F 59 -8.99 -26.44 22.16
C ILE F 59 -8.72 -26.62 20.66
N ASP F 60 -8.44 -27.84 20.22
CA ASP F 60 -8.37 -28.12 18.80
C ASP F 60 -9.02 -29.48 18.59
N GLY F 61 -8.76 -30.10 17.45
CA GLY F 61 -9.38 -31.37 17.10
C GLY F 61 -9.18 -32.48 18.10
N ASP F 62 -7.97 -32.65 18.61
CA ASP F 62 -7.66 -33.83 19.41
C ASP F 62 -7.52 -33.60 20.91
N VAL F 63 -7.05 -32.42 21.32
CA VAL F 63 -6.78 -32.22 22.75
C VAL F 63 -7.30 -30.92 23.35
N LYS F 64 -7.84 -30.99 24.57
CA LYS F 64 -8.12 -29.83 25.40
C LYS F 64 -7.37 -29.91 26.72
N LEU F 65 -6.59 -28.87 27.04
CA LEU F 65 -5.97 -28.68 28.38
C LEU F 65 -5.04 -27.44 28.51
N THR F 66 -4.17 -27.46 29.52
CA THR F 66 -3.48 -26.26 30.03
C THR F 66 -1.94 -26.25 30.04
N GLN F 67 -1.39 -25.16 30.62
CA GLN F 67 0.05 -24.91 30.92
C GLN F 67 0.78 -24.12 29.82
N SER F 68 1.46 -23.04 30.23
CA SER F 68 2.14 -22.10 29.33
C SER F 68 3.12 -22.77 28.40
N MET F 69 4.06 -23.49 28.99
CA MET F 69 5.14 -24.10 28.24
C MET F 69 4.55 -25.12 27.31
N ALA F 70 3.57 -25.86 27.82
CA ALA F 70 2.85 -26.82 27.00
C ALA F 70 2.14 -26.12 25.85
N ILE F 71 1.47 -25.00 26.14
CA ILE F 71 0.71 -24.34 25.09
C ILE F 71 1.63 -23.62 24.09
N ILE F 72 2.66 -22.93 24.56
CA ILE F 72 3.54 -22.22 23.62
C ILE F 72 4.17 -23.21 22.65
N ARG F 73 4.44 -24.42 23.13
CA ARG F 73 5.11 -25.44 22.34
C ARG F 73 4.16 -26.14 21.36
N TYR F 74 2.88 -26.26 21.70
CA TYR F 74 1.94 -26.90 20.77
C TYR F 74 1.82 -26.03 19.51
N ILE F 75 1.79 -24.70 19.66
CA ILE F 75 1.76 -23.83 18.48
C ILE F 75 3.04 -24.02 17.70
N ALA F 76 4.14 -24.08 18.43
CA ALA F 76 5.47 -24.15 17.83
C ALA F 76 5.69 -25.46 17.07
N ASP F 77 5.22 -26.57 17.62
CA ASP F 77 5.46 -27.86 16.99
C ASP F 77 4.60 -28.04 15.76
N LYS F 78 3.40 -27.47 15.79
CA LYS F 78 2.45 -27.63 14.70
C LYS F 78 2.96 -26.89 13.46
N HIS F 79 3.59 -25.75 13.66
CA HIS F 79 4.20 -25.04 12.54
C HIS F 79 5.73 -25.20 12.54
N ASN F 80 6.17 -26.34 13.06
CA ASN F 80 7.56 -26.83 12.99
C ASN F 80 8.71 -25.88 13.36
N MET F 81 8.62 -25.23 14.52
CA MET F 81 9.76 -24.44 14.99
C MET F 81 10.27 -24.82 16.39
N LEU F 82 9.94 -26.02 16.86
CA LEU F 82 10.60 -26.53 18.06
C LEU F 82 12.08 -26.69 17.79
N GLY F 83 12.37 -27.22 16.60
CA GLY F 83 13.71 -27.60 16.21
C GLY F 83 13.63 -28.85 15.36
N GLY F 84 14.61 -29.03 14.48
CA GLY F 84 14.65 -30.19 13.62
C GLY F 84 15.58 -31.28 14.13
N CYS F 85 16.41 -30.92 15.11
CA CYS F 85 17.38 -31.85 15.66
C CYS F 85 17.46 -31.72 17.19
N PRO F 86 18.04 -32.73 17.86
CA PRO F 86 18.16 -32.72 19.33
C PRO F 86 18.85 -31.48 19.91
N LYS F 87 19.96 -31.04 19.32
CA LYS F 87 20.67 -29.89 19.88
C LYS F 87 19.90 -28.59 19.65
N GLU F 88 19.17 -28.49 18.55
CA GLU F 88 18.36 -27.30 18.26
C GLU F 88 17.31 -27.04 19.35
N ARG F 89 16.38 -27.97 19.48
CA ARG F 89 15.25 -27.84 20.41
C ARG F 89 15.71 -27.74 21.85
N ALA F 90 16.94 -28.16 22.11
CA ALA F 90 17.49 -28.17 23.44
C ALA F 90 17.95 -26.77 23.84
N GLU F 91 18.59 -26.07 22.91
CA GLU F 91 18.96 -24.68 23.10
C GLU F 91 17.74 -23.79 23.23
N ILE F 92 16.69 -24.11 22.47
CA ILE F 92 15.49 -23.28 22.47
C ILE F 92 14.76 -23.39 23.81
N SER F 93 14.71 -24.58 24.38
CA SER F 93 14.12 -24.76 25.70
C SER F 93 14.87 -23.91 26.72
N MET F 94 16.18 -23.79 26.50
CA MET F 94 17.06 -22.95 27.29
C MET F 94 16.73 -21.48 27.11
N LEU F 95 16.44 -21.10 25.86
CA LEU F 95 15.95 -19.77 25.54
C LEU F 95 14.68 -19.49 26.32
N GLU F 96 13.76 -20.46 26.29
CA GLU F 96 12.47 -20.33 26.94
C GLU F 96 12.63 -20.07 28.44
N GLY F 97 13.31 -20.98 29.12
CA GLY F 97 13.43 -20.93 30.56
C GLY F 97 14.08 -19.68 31.13
N ALA F 98 15.02 -19.11 30.39
CA ALA F 98 15.64 -17.87 30.80
C ALA F 98 14.60 -16.75 30.75
N VAL F 99 13.74 -16.82 29.73
CA VAL F 99 12.66 -15.85 29.58
C VAL F 99 11.54 -16.10 30.59
N LEU F 100 11.32 -17.36 30.95
CA LEU F 100 10.37 -17.65 32.02
C LEU F 100 10.90 -17.04 33.30
N ASP F 101 12.22 -17.09 33.48
CA ASP F 101 12.86 -16.52 34.66
C ASP F 101 12.55 -15.03 34.78
N ILE F 102 12.62 -14.30 33.66
CA ILE F 102 12.25 -12.89 33.69
C ILE F 102 10.73 -12.73 33.72
N ARG F 103 10.01 -13.63 33.05
CA ARG F 103 8.54 -13.59 33.10
C ARG F 103 8.00 -13.97 34.47
N TYR F 104 8.46 -15.09 35.02
CA TYR F 104 8.02 -15.48 36.36
C TYR F 104 8.70 -14.67 37.45
N GLY F 105 9.90 -14.16 37.16
CA GLY F 105 10.60 -13.30 38.08
C GLY F 105 9.76 -12.08 38.43
N VAL F 106 9.15 -11.50 37.40
CA VAL F 106 8.30 -10.33 37.58
C VAL F 106 6.95 -10.73 38.18
N SER F 107 6.56 -11.99 37.97
CA SER F 107 5.22 -12.46 38.33
C SER F 107 5.01 -12.82 39.81
N ARG F 108 6.00 -13.47 40.42
CA ARG F 108 5.80 -14.09 41.75
C ARG F 108 5.67 -13.12 42.92
N ILE F 109 6.32 -11.97 42.82
CA ILE F 109 6.36 -11.07 43.94
C ILE F 109 5.24 -10.03 43.81
N ALA F 110 4.56 -10.08 42.68
CA ALA F 110 3.55 -9.11 42.32
C ALA F 110 2.29 -9.17 43.20
N TYR F 111 1.91 -10.37 43.62
CA TYR F 111 0.61 -10.57 44.26
C TYR F 111 0.62 -10.49 45.79
N SER F 112 1.77 -10.27 46.40
CA SER F 112 1.85 -10.34 47.86
C SER F 112 2.86 -9.39 48.48
N LYS F 113 2.72 -9.20 49.80
CA LYS F 113 3.61 -8.35 50.61
C LYS F 113 3.58 -6.90 50.19
N ASP F 114 4.42 -6.07 50.80
CA ASP F 114 4.50 -4.67 50.41
C ASP F 114 5.42 -4.54 49.22
N PHE F 115 4.99 -3.74 48.26
CA PHE F 115 5.41 -3.93 46.89
C PHE F 115 6.64 -3.14 46.41
N GLU F 116 6.80 -1.89 46.84
CA GLU F 116 7.74 -0.99 46.17
C GLU F 116 9.22 -1.42 46.30
N THR F 117 9.60 -1.97 47.44
CA THR F 117 10.99 -2.45 47.58
C THR F 117 11.28 -3.57 46.58
N LEU F 118 10.26 -4.37 46.33
CA LEU F 118 10.40 -5.49 45.41
C LEU F 118 10.48 -5.01 43.96
N LYS F 119 9.82 -3.89 43.67
CA LYS F 119 9.85 -3.31 42.32
C LYS F 119 11.28 -2.97 41.93
N VAL F 120 11.99 -2.35 42.87
CA VAL F 120 13.34 -1.91 42.59
C VAL F 120 14.25 -3.14 42.51
N ASP F 121 13.88 -4.22 43.20
CA ASP F 121 14.65 -5.47 43.13
C ASP F 121 14.80 -6.03 41.74
N PHE F 122 13.67 -6.18 41.07
CA PHE F 122 13.68 -6.76 39.76
C PHE F 122 14.42 -5.87 38.77
N LEU F 123 14.38 -4.56 39.01
CA LEU F 123 15.00 -3.61 38.07
C LEU F 123 16.53 -3.67 38.12
N SER F 124 17.10 -3.93 39.28
CA SER F 124 18.56 -4.02 39.37
C SER F 124 19.11 -5.41 39.05
N LYS F 125 18.29 -6.44 39.21
CA LYS F 125 18.74 -7.77 38.84
C LYS F 125 18.66 -7.98 37.33
N LEU F 126 17.72 -7.32 36.67
CA LEU F 126 17.47 -7.55 35.25
C LEU F 126 18.59 -7.18 34.25
N PRO F 127 19.42 -6.16 34.54
CA PRO F 127 20.43 -5.82 33.52
C PRO F 127 21.37 -6.97 33.15
N GLU F 128 21.98 -7.63 34.14
CA GLU F 128 22.89 -8.73 33.85
C GLU F 128 22.17 -9.84 33.08
N MET F 129 20.91 -10.10 33.48
CA MET F 129 20.05 -11.01 32.74
C MET F 129 19.87 -10.53 31.29
N LEU F 130 19.80 -9.21 31.12
CA LEU F 130 19.55 -8.61 29.81
C LEU F 130 20.80 -8.51 28.95
N LYS F 131 21.97 -8.50 29.57
CA LYS F 131 23.21 -8.50 28.81
C LYS F 131 23.33 -9.79 28.02
N MET F 132 22.88 -10.88 28.62
CA MET F 132 22.93 -12.18 27.97
C MET F 132 22.01 -12.23 26.75
N PHE F 133 21.00 -11.36 26.72
CA PHE F 133 20.08 -11.30 25.58
C PHE F 133 20.67 -10.59 24.36
N GLU F 134 21.40 -9.49 24.57
CA GLU F 134 21.98 -8.81 23.42
C GLU F 134 23.36 -9.37 23.09
N ASP F 135 23.97 -10.07 24.05
CA ASP F 135 25.18 -10.83 23.76
C ASP F 135 24.89 -11.90 22.73
N ARG F 136 23.75 -12.57 22.88
CA ARG F 136 23.39 -13.64 21.96
C ARG F 136 22.91 -13.06 20.63
N LEU F 137 22.35 -11.86 20.67
CA LEU F 137 21.91 -11.19 19.44
C LEU F 137 23.08 -10.66 18.61
N CYS F 138 24.28 -10.75 19.14
CA CYS F 138 25.47 -10.37 18.38
C CYS F 138 25.69 -11.36 17.24
N HIS F 139 25.24 -12.60 17.45
CA HIS F 139 25.43 -13.67 16.49
C HIS F 139 24.12 -14.05 15.79
N LYS F 140 23.02 -13.41 16.17
CA LYS F 140 21.74 -13.70 15.52
C LYS F 140 20.78 -12.51 15.52
N THR F 141 19.95 -12.45 14.48
CA THR F 141 19.05 -11.33 14.33
C THR F 141 17.90 -11.41 15.33
N TYR F 142 17.45 -12.65 15.58
CA TYR F 142 16.46 -12.96 16.60
C TYR F 142 17.07 -14.03 17.48
N LEU F 143 16.38 -14.45 18.54
CA LEU F 143 16.97 -15.42 19.48
C LEU F 143 17.42 -16.72 18.83
N ASN F 144 16.86 -17.08 17.68
CA ASN F 144 17.31 -18.28 16.99
C ASN F 144 17.77 -18.04 15.56
N GLY F 145 17.86 -16.78 15.15
CA GLY F 145 18.45 -16.46 13.86
C GLY F 145 17.78 -15.32 13.10
N ASP F 146 17.91 -15.36 11.79
CA ASP F 146 17.26 -14.39 10.91
C ASP F 146 15.74 -14.49 11.05
N HIS F 147 15.26 -15.71 11.27
CA HIS F 147 13.83 -15.98 11.31
C HIS F 147 13.33 -16.20 12.74
N VAL F 148 12.24 -15.54 13.08
CA VAL F 148 11.77 -15.45 14.45
C VAL F 148 11.06 -16.71 14.93
N THR F 149 11.37 -17.12 16.15
CA THR F 149 10.69 -18.22 16.80
C THR F 149 9.93 -17.72 18.04
N HIS F 150 9.24 -18.63 18.70
CA HIS F 150 8.43 -18.30 19.88
C HIS F 150 9.17 -17.75 21.11
N PRO F 151 10.44 -18.17 21.36
CA PRO F 151 11.11 -17.56 22.53
C PRO F 151 11.23 -16.04 22.43
N ASP F 152 11.36 -15.54 21.21
CA ASP F 152 11.35 -14.11 20.96
C ASP F 152 10.07 -13.45 21.46
N PHE F 153 8.93 -14.00 21.04
CA PHE F 153 7.64 -13.41 21.38
C PHE F 153 7.34 -13.44 22.86
N MET F 154 7.80 -14.47 23.56
CA MET F 154 7.51 -14.54 24.98
C MET F 154 8.46 -13.66 25.77
N LEU F 155 9.62 -13.41 25.16
CA LEU F 155 10.59 -12.47 25.69
C LEU F 155 10.05 -11.06 25.53
N TYR F 156 9.45 -10.81 24.37
CA TYR F 156 8.70 -9.58 24.05
C TYR F 156 7.81 -9.16 25.22
N ASP F 157 7.18 -10.14 25.85
CA ASP F 157 6.24 -9.89 26.94
C ASP F 157 6.97 -9.32 28.16
N ALA F 158 8.09 -9.94 28.53
CA ALA F 158 8.82 -9.54 29.73
C ALA F 158 9.36 -8.12 29.60
N LEU F 159 9.89 -7.80 28.43
CA LEU F 159 10.46 -6.49 28.17
C LEU F 159 9.38 -5.42 28.19
N ASP F 160 8.19 -5.79 27.72
CA ASP F 160 7.06 -4.87 27.66
C ASP F 160 6.56 -4.53 29.06
N VAL F 161 6.59 -5.52 29.95
CA VAL F 161 6.14 -5.31 31.32
C VAL F 161 7.11 -4.44 32.12
N VAL F 162 8.40 -4.75 32.02
CA VAL F 162 9.40 -3.98 32.75
C VAL F 162 9.54 -2.54 32.26
N LEU F 163 9.56 -2.35 30.95
CA LEU F 163 9.79 -1.02 30.40
C LEU F 163 8.69 -0.05 30.81
N TYR F 164 7.45 -0.54 30.88
CA TYR F 164 6.33 0.32 31.22
C TYR F 164 6.32 0.70 32.70
N MET F 165 6.75 -0.22 33.57
CA MET F 165 6.89 0.12 34.98
C MET F 165 8.06 1.08 35.18
N ASP F 166 9.23 0.71 34.66
CA ASP F 166 10.39 1.59 34.72
C ASP F 166 11.17 1.58 33.39
N PRO F 167 11.05 2.68 32.63
CA PRO F 167 11.65 2.84 31.30
C PRO F 167 13.19 2.84 31.30
N MET F 168 13.78 3.10 32.45
CA MET F 168 15.20 3.43 32.55
C MET F 168 16.17 2.24 32.46
N CYS F 169 15.70 1.05 32.82
CA CYS F 169 16.57 -0.12 32.91
C CYS F 169 17.21 -0.56 31.59
N LEU F 170 16.58 -0.19 30.48
CA LEU F 170 17.01 -0.69 29.17
C LEU F 170 17.91 0.31 28.44
N ASP F 171 18.18 1.43 29.09
CA ASP F 171 19.03 2.49 28.55
C ASP F 171 20.39 1.95 28.09
N ALA F 172 20.90 0.96 28.80
CA ALA F 172 22.22 0.40 28.53
C ALA F 172 22.18 -0.76 27.54
N PHE F 173 21.01 -1.09 27.02
CA PHE F 173 20.89 -2.18 26.06
C PHE F 173 20.22 -1.75 24.76
N PRO F 174 21.00 -1.15 23.85
CA PRO F 174 20.56 -0.62 22.55
C PRO F 174 20.02 -1.67 21.59
N LYS F 175 20.58 -2.88 21.65
CA LYS F 175 20.22 -3.91 20.68
C LYS F 175 18.87 -4.57 21.00
N LEU F 176 18.53 -4.64 22.28
CA LEU F 176 17.27 -5.24 22.70
C LEU F 176 16.06 -4.47 22.16
N VAL F 177 16.08 -3.14 22.31
CA VAL F 177 14.98 -2.32 21.80
C VAL F 177 14.83 -2.39 20.29
N CYS F 178 15.94 -2.36 19.56
CA CYS F 178 15.88 -2.40 18.11
C CYS F 178 15.33 -3.76 17.68
N PHE F 179 15.65 -4.78 18.47
CA PHE F 179 15.08 -6.11 18.28
C PHE F 179 13.58 -6.08 18.46
N LYS F 180 13.15 -5.38 19.50
CA LYS F 180 11.73 -5.15 19.72
C LYS F 180 11.17 -4.55 18.45
N LYS F 181 11.83 -3.51 17.95
CA LYS F 181 11.39 -2.88 16.71
C LYS F 181 11.37 -3.83 15.52
N ARG F 182 12.47 -4.52 15.28
CA ARG F 182 12.60 -5.33 14.07
C ARG F 182 11.57 -6.46 14.00
N ILE F 183 11.28 -7.10 15.12
CA ILE F 183 10.26 -8.14 15.10
C ILE F 183 8.88 -7.52 14.99
N GLU F 184 8.64 -6.46 15.76
CA GLU F 184 7.40 -5.70 15.67
C GLU F 184 7.13 -5.19 14.26
N ALA F 185 8.18 -5.15 13.43
CA ALA F 185 8.08 -4.69 12.05
C ALA F 185 7.34 -5.70 11.18
N ILE F 186 7.31 -6.96 11.61
CA ILE F 186 6.62 -8.03 10.88
C ILE F 186 5.12 -7.73 10.77
N PRO F 187 4.54 -7.98 9.59
CA PRO F 187 3.14 -7.61 9.30
C PRO F 187 2.10 -8.20 10.25
N GLN F 188 2.13 -9.51 10.46
CA GLN F 188 1.07 -10.19 11.22
C GLN F 188 0.87 -9.63 12.63
N ILE F 189 1.96 -9.43 13.35
CA ILE F 189 1.85 -8.95 14.72
C ILE F 189 1.48 -7.47 14.71
N ASP F 190 1.98 -6.75 13.70
CA ASP F 190 1.64 -5.35 13.50
C ASP F 190 0.14 -5.20 13.31
N LYS F 191 -0.48 -6.22 12.74
CA LYS F 191 -1.91 -6.24 12.50
C LYS F 191 -2.72 -6.39 13.80
N TYR F 192 -2.09 -7.04 14.79
CA TYR F 192 -2.76 -7.36 16.06
C TYR F 192 -3.22 -6.16 16.88
N LEU F 193 -2.39 -5.12 16.95
CA LEU F 193 -2.59 -4.06 17.93
C LEU F 193 -3.83 -3.19 17.74
N LYS F 194 -4.47 -3.22 16.57
CA LYS F 194 -5.66 -2.39 16.39
C LYS F 194 -6.98 -3.10 16.60
N SER F 195 -6.96 -4.43 16.61
CA SER F 195 -8.19 -5.16 16.81
C SER F 195 -8.55 -5.13 18.28
N SER F 196 -9.81 -5.42 18.58
CA SER F 196 -10.32 -5.43 19.95
C SER F 196 -9.42 -6.23 20.90
N LYS F 197 -8.69 -7.19 20.35
CA LYS F 197 -7.83 -8.07 21.13
C LYS F 197 -6.56 -7.41 21.65
N TYR F 198 -6.34 -6.13 21.31
CA TYR F 198 -5.04 -5.51 21.60
C TYR F 198 -4.72 -5.40 23.08
N ILE F 199 -3.43 -5.51 23.40
CA ILE F 199 -2.95 -5.29 24.75
C ILE F 199 -1.68 -4.44 24.72
N ALA F 200 -1.83 -3.17 25.09
CA ALA F 200 -0.68 -2.28 25.25
C ALA F 200 -0.21 -2.38 26.69
N TRP F 201 -1.18 -2.58 27.57
CA TRP F 201 -0.95 -2.68 29.00
C TRP F 201 -2.09 -3.48 29.60
N PRO F 202 -1.81 -4.27 30.65
CA PRO F 202 -0.44 -4.43 31.17
C PRO F 202 0.27 -5.74 30.67
N LEU F 203 0.45 -6.92 31.31
CA LEU F 203 -0.04 -7.35 32.62
C LEU F 203 0.58 -8.59 33.23
N GLN F 204 -0.01 -8.91 34.39
CA GLN F 204 -0.09 -10.25 34.93
C GLN F 204 -1.49 -10.18 35.55
N GLY F 205 -1.81 -11.01 36.53
CA GLY F 205 -3.03 -10.78 37.28
C GLY F 205 -2.92 -9.39 37.86
N TRP F 206 -3.89 -8.50 37.61
CA TRP F 206 -3.76 -7.12 38.09
C TRP F 206 -3.72 -7.01 39.63
N GLN F 207 -3.69 -8.13 40.35
CA GLN F 207 -3.48 -8.10 41.79
C GLN F 207 -2.14 -7.42 42.05
N ALA F 208 -1.24 -7.61 41.10
CA ALA F 208 0.05 -6.93 41.06
C ALA F 208 -0.10 -5.42 41.21
N THR F 209 0.91 -4.79 41.79
CA THR F 209 0.90 -3.34 41.94
C THR F 209 1.19 -2.64 40.62
N PHE F 210 2.07 -3.27 39.85
CA PHE F 210 2.33 -2.84 38.47
C PHE F 210 1.81 -3.95 37.61
N GLY F 211 1.19 -3.60 36.49
CA GLY F 211 0.48 -4.62 35.74
C GLY F 211 -0.87 -4.77 36.41
N GLY F 212 -1.12 -3.89 37.37
CA GLY F 212 -2.29 -3.97 38.22
C GLY F 212 -3.17 -2.74 38.20
N GLY F 213 -4.28 -2.80 38.93
CA GLY F 213 -5.19 -1.68 39.01
C GLY F 213 -6.14 -1.65 37.82
N ASP F 214 -6.71 -0.48 37.55
CA ASP F 214 -7.66 -0.33 36.46
C ASP F 214 -7.02 0.46 35.32
N HIS F 215 -5.87 1.05 35.64
CA HIS F 215 -5.19 1.98 34.76
C HIS F 215 -3.68 1.80 34.87
N PRO F 216 -2.94 2.02 33.77
CA PRO F 216 -1.48 1.95 33.83
C PRO F 216 -0.88 2.91 34.85
N MET G 1 33.03 -38.86 26.25
CA MET G 1 31.81 -38.55 25.52
C MET G 1 30.66 -38.30 26.48
N SER G 2 30.80 -38.81 27.70
CA SER G 2 29.75 -38.70 28.72
C SER G 2 29.63 -37.28 29.29
N PRO G 3 28.41 -36.86 29.61
CA PRO G 3 28.10 -35.53 30.17
C PRO G 3 28.73 -35.22 31.53
N ILE G 4 29.03 -33.95 31.73
CA ILE G 4 29.47 -33.44 33.04
C ILE G 4 28.36 -32.55 33.58
N LEU G 5 28.05 -32.64 34.87
CA LEU G 5 26.91 -31.90 35.42
C LEU G 5 27.29 -30.93 36.54
N GLY G 6 27.12 -29.63 36.29
CA GLY G 6 27.56 -28.63 37.25
C GLY G 6 26.47 -27.93 38.04
N TYR G 7 26.64 -27.89 39.36
CA TYR G 7 25.62 -27.35 40.28
C TYR G 7 26.11 -27.35 41.74
N TRP G 8 25.47 -26.55 42.58
CA TRP G 8 25.81 -26.47 44.01
C TRP G 8 25.49 -27.77 44.74
N LYS G 9 25.99 -27.95 45.95
CA LYS G 9 25.66 -29.17 46.69
C LYS G 9 24.23 -29.13 47.17
N ILE G 10 23.29 -29.33 46.24
CA ILE G 10 21.86 -29.16 46.49
C ILE G 10 21.02 -30.06 45.56
N LYS G 11 19.84 -30.50 46.02
CA LYS G 11 18.88 -31.19 45.17
C LYS G 11 18.52 -30.27 44.02
N GLY G 12 17.78 -29.22 44.35
CA GLY G 12 17.54 -28.12 43.44
C GLY G 12 16.67 -28.43 42.24
N LEU G 13 17.00 -27.78 41.14
CA LEU G 13 16.27 -27.91 39.91
C LEU G 13 16.88 -29.05 39.10
N VAL G 14 17.93 -29.64 39.67
CA VAL G 14 18.65 -30.76 39.07
C VAL G 14 18.12 -32.04 39.68
N GLN G 15 17.32 -31.89 40.72
CA GLN G 15 16.74 -33.02 41.42
C GLN G 15 15.75 -33.80 40.53
N PRO G 16 15.14 -33.15 39.53
CA PRO G 16 14.57 -34.07 38.55
C PRO G 16 15.65 -34.79 37.74
N THR G 17 16.74 -34.08 37.45
CA THR G 17 17.79 -34.55 36.53
C THR G 17 18.61 -35.73 37.05
N ARG G 18 18.73 -35.86 38.37
CA ARG G 18 19.61 -36.86 38.98
C ARG G 18 19.34 -38.26 38.44
N LEU G 19 18.14 -38.76 38.70
CA LEU G 19 17.76 -40.13 38.35
C LEU G 19 17.64 -40.36 36.84
N LEU G 20 17.12 -39.39 36.10
CA LEU G 20 16.90 -39.60 34.66
C LEU G 20 18.22 -39.67 33.88
N LEU G 21 19.20 -38.84 34.24
CA LEU G 21 20.55 -38.99 33.70
C LEU G 21 21.03 -40.40 33.99
N GLU G 22 20.66 -40.85 35.19
CA GLU G 22 21.11 -42.11 35.75
C GLU G 22 20.23 -43.29 35.30
N TYR G 23 18.96 -43.01 35.03
CA TYR G 23 18.02 -44.05 34.61
C TYR G 23 18.35 -44.64 33.25
N LEU G 24 18.83 -43.80 32.35
CA LEU G 24 19.21 -44.24 31.01
C LEU G 24 20.49 -45.08 31.10
N GLU G 25 21.07 -45.10 32.31
CA GLU G 25 22.26 -45.87 32.69
C GLU G 25 23.52 -45.24 32.09
N GLU G 26 23.39 -43.99 31.65
CA GLU G 26 24.50 -43.23 31.09
C GLU G 26 25.54 -42.84 32.14
N LYS G 27 26.79 -43.13 31.84
CA LYS G 27 27.92 -42.68 32.66
C LYS G 27 27.98 -41.16 32.69
N TYR G 28 28.30 -40.57 33.85
CA TYR G 28 28.53 -39.14 33.92
C TYR G 28 29.15 -38.67 35.24
N GLU G 29 29.79 -37.51 35.18
CA GLU G 29 30.41 -36.90 36.35
C GLU G 29 29.73 -35.58 36.66
N GLU G 30 29.84 -35.15 37.91
CA GLU G 30 29.23 -33.90 38.30
C GLU G 30 30.13 -33.12 39.25
N HIS G 31 30.29 -31.84 38.97
CA HIS G 31 31.12 -30.98 39.81
C HIS G 31 30.27 -30.27 40.86
N LEU G 32 30.41 -30.73 42.10
CA LEU G 32 29.55 -30.28 43.19
C LEU G 32 30.19 -29.12 43.94
N TYR G 33 29.43 -28.05 44.13
CA TYR G 33 29.96 -26.87 44.81
C TYR G 33 29.60 -26.89 46.28
N GLU G 34 30.60 -26.81 47.14
CA GLU G 34 30.39 -26.85 48.57
C GLU G 34 30.03 -25.48 49.10
N ARG G 35 29.80 -25.42 50.41
CA ARG G 35 29.36 -24.22 51.10
C ARG G 35 30.28 -23.03 50.85
N ASP G 36 31.57 -23.30 50.78
CA ASP G 36 32.57 -22.27 50.59
C ASP G 36 33.05 -22.17 49.14
N GLU G 37 32.39 -22.90 48.24
CA GLU G 37 32.73 -22.86 46.84
C GLU G 37 31.70 -22.03 46.07
N GLY G 38 30.99 -21.18 46.82
CA GLY G 38 30.05 -20.25 46.23
C GLY G 38 30.79 -19.29 45.32
N ASP G 39 31.95 -18.85 45.77
CA ASP G 39 32.82 -18.01 44.96
C ASP G 39 33.24 -18.76 43.70
N LYS G 40 33.51 -20.06 43.85
CA LYS G 40 33.97 -20.88 42.74
C LYS G 40 33.03 -20.84 41.53
N TRP G 41 31.75 -21.11 41.73
CA TRP G 41 30.81 -21.12 40.60
C TRP G 41 30.76 -19.75 39.96
N ARG G 42 30.92 -18.71 40.77
CA ARG G 42 30.79 -17.34 40.31
C ARG G 42 31.92 -16.93 39.37
N ASN G 43 33.17 -17.13 39.79
CA ASN G 43 34.31 -16.76 38.97
C ASN G 43 34.68 -17.78 37.90
N LYS G 44 34.43 -19.06 38.15
CA LYS G 44 34.87 -20.09 37.21
C LYS G 44 34.10 -20.08 35.89
N LYS G 45 32.85 -19.65 35.93
CA LYS G 45 31.92 -20.01 34.87
C LYS G 45 31.96 -19.25 33.54
N PHE G 46 32.95 -18.41 33.31
CA PHE G 46 33.10 -17.89 31.94
C PHE G 46 33.97 -18.86 31.15
N GLU G 47 34.23 -20.02 31.75
CA GLU G 47 35.02 -21.08 31.14
C GLU G 47 34.17 -22.00 30.27
N LEU G 48 32.86 -21.98 30.48
CA LEU G 48 31.98 -22.95 29.85
C LEU G 48 31.71 -22.62 28.39
N GLY G 49 31.78 -21.34 28.04
CA GLY G 49 31.52 -20.94 26.69
C GLY G 49 30.03 -20.83 26.35
N LEU G 50 29.17 -20.96 27.35
CA LEU G 50 27.74 -20.82 27.15
C LEU G 50 27.40 -19.33 27.08
N GLU G 51 26.25 -19.02 26.47
CA GLU G 51 25.84 -17.66 26.19
C GLU G 51 24.75 -17.26 27.17
N PHE G 52 24.57 -18.10 28.18
CA PHE G 52 23.46 -18.03 29.11
C PHE G 52 23.90 -18.48 30.51
N PRO G 53 24.82 -17.72 31.14
CA PRO G 53 25.32 -18.16 32.44
C PRO G 53 24.21 -18.39 33.44
N ASN G 54 24.19 -19.60 33.99
CA ASN G 54 23.11 -20.03 34.86
C ASN G 54 23.41 -21.43 35.39
N LEU G 55 22.65 -21.87 36.39
CA LEU G 55 22.85 -23.19 36.99
C LEU G 55 21.53 -23.93 37.10
N PRO G 56 21.54 -25.26 36.90
CA PRO G 56 22.71 -26.12 36.68
C PRO G 56 23.19 -26.19 35.24
N TYR G 57 24.47 -26.49 35.03
CA TYR G 57 24.99 -26.62 33.69
C TYR G 57 25.39 -28.07 33.40
N TYR G 58 25.37 -28.44 32.12
CA TYR G 58 25.80 -29.77 31.71
C TYR G 58 26.68 -29.69 30.48
N ILE G 59 27.74 -30.50 30.45
CA ILE G 59 28.73 -30.42 29.38
C ILE G 59 28.79 -31.71 28.58
N ASP G 60 28.71 -31.60 27.25
CA ASP G 60 28.74 -32.76 26.37
C ASP G 60 29.86 -32.57 25.34
N GLY G 61 29.96 -33.51 24.39
CA GLY G 61 30.91 -33.40 23.31
C GLY G 61 30.74 -32.11 22.53
N ASP G 62 29.48 -31.70 22.37
CA ASP G 62 29.15 -30.43 21.75
C ASP G 62 27.76 -29.99 22.19
N VAL G 63 27.73 -28.83 22.85
CA VAL G 63 26.56 -28.13 23.43
C VAL G 63 26.51 -28.33 24.94
N LYS G 64 26.44 -27.21 25.64
CA LYS G 64 26.29 -27.18 27.09
C LYS G 64 25.09 -26.29 27.40
N LEU G 65 24.13 -26.79 28.17
CA LEU G 65 22.94 -26.02 28.48
C LEU G 65 22.59 -25.91 29.96
N THR G 66 21.66 -25.00 30.23
CA THR G 66 21.17 -24.72 31.56
C THR G 66 19.66 -24.49 31.40
N GLN G 67 18.94 -24.44 32.52
CA GLN G 67 17.47 -24.36 32.65
C GLN G 67 16.91 -25.75 32.80
N SER G 68 16.32 -26.04 33.95
CA SER G 68 15.75 -27.35 34.22
C SER G 68 14.75 -27.79 33.14
N MET G 69 13.96 -26.86 32.62
CA MET G 69 13.07 -27.19 31.50
C MET G 69 13.88 -27.61 30.28
N ALA G 70 14.88 -26.79 29.96
CA ALA G 70 15.84 -27.10 28.92
C ALA G 70 16.60 -28.35 29.26
N ILE G 71 16.89 -28.50 30.54
CA ILE G 71 17.62 -29.65 31.01
C ILE G 71 16.88 -30.95 30.83
N ILE G 72 15.66 -31.00 31.31
CA ILE G 72 14.88 -32.23 31.20
C ILE G 72 14.59 -32.53 29.72
N ARG G 73 14.47 -31.48 28.92
CA ARG G 73 14.15 -31.66 27.51
C ARG G 73 15.28 -32.22 26.65
N TYR G 74 16.52 -31.76 26.83
CA TYR G 74 17.59 -32.29 25.97
C TYR G 74 17.82 -33.77 26.29
N ILE G 75 17.77 -34.13 27.56
CA ILE G 75 17.89 -35.52 27.98
C ILE G 75 16.73 -36.33 27.42
N ALA G 76 15.54 -35.75 27.50
CA ALA G 76 14.33 -36.37 26.98
C ALA G 76 14.44 -36.72 25.51
N ASP G 77 14.79 -35.72 24.73
CA ASP G 77 14.80 -35.82 23.28
C ASP G 77 15.96 -36.68 22.76
N LYS G 78 16.95 -36.94 23.60
CA LYS G 78 18.06 -37.80 23.21
C LYS G 78 17.61 -39.22 22.91
N HIS G 79 16.75 -39.78 23.75
CA HIS G 79 16.23 -41.13 23.50
C HIS G 79 14.77 -41.09 23.04
N ASN G 80 14.37 -39.93 22.52
CA ASN G 80 13.09 -39.70 21.84
C ASN G 80 11.85 -40.46 22.34
N MET G 81 11.53 -40.31 23.62
CA MET G 81 10.31 -40.92 24.16
C MET G 81 9.27 -39.83 24.44
N LEU G 82 9.69 -38.58 24.37
CA LEU G 82 8.80 -37.44 24.59
C LEU G 82 7.59 -37.45 23.65
N GLY G 83 7.79 -37.93 22.43
CA GLY G 83 6.70 -38.04 21.48
C GLY G 83 7.10 -37.79 20.04
N GLY G 84 6.62 -38.65 19.14
CA GLY G 84 6.92 -38.53 17.73
C GLY G 84 6.18 -37.39 17.07
N CYS G 85 5.06 -36.99 17.68
CA CYS G 85 4.18 -36.00 17.07
C CYS G 85 3.63 -35.00 18.09
N PRO G 86 3.00 -33.91 17.62
CA PRO G 86 2.51 -32.85 18.52
C PRO G 86 1.60 -33.30 19.67
N LYS G 87 0.66 -34.21 19.42
CA LYS G 87 -0.30 -34.60 20.46
C LYS G 87 0.39 -35.12 21.72
N GLU G 88 1.31 -36.06 21.54
CA GLU G 88 1.98 -36.70 22.67
C GLU G 88 2.84 -35.70 23.46
N ARG G 89 3.78 -35.08 22.76
CA ARG G 89 4.67 -34.09 23.37
C ARG G 89 3.88 -33.00 24.11
N ALA G 90 2.72 -32.64 23.56
CA ALA G 90 1.86 -31.65 24.19
C ALA G 90 1.37 -32.14 25.54
N GLU G 91 0.97 -33.40 25.61
CA GLU G 91 0.51 -33.99 26.87
C GLU G 91 1.64 -34.03 27.89
N ILE G 92 2.84 -34.34 27.44
CA ILE G 92 3.98 -34.49 28.35
C ILE G 92 4.45 -33.13 28.85
N SER G 93 4.52 -32.16 27.94
CA SER G 93 4.92 -30.79 28.30
C SER G 93 3.92 -30.21 29.27
N MET G 94 2.70 -30.75 29.19
CA MET G 94 1.60 -30.38 30.06
C MET G 94 1.79 -30.84 31.48
N LEU G 95 2.28 -32.06 31.61
CA LEU G 95 2.49 -32.70 32.89
C LEU G 95 3.60 -32.00 33.63
N GLU G 96 4.66 -31.64 32.92
CA GLU G 96 5.76 -30.87 33.49
C GLU G 96 5.20 -29.59 34.10
N GLY G 97 4.51 -28.80 33.28
CA GLY G 97 3.92 -27.55 33.71
C GLY G 97 3.07 -27.63 34.97
N ALA G 98 2.29 -28.69 35.09
CA ALA G 98 1.42 -28.85 36.25
C ALA G 98 2.23 -29.29 37.46
N VAL G 99 3.24 -30.12 37.23
CA VAL G 99 4.22 -30.44 38.28
C VAL G 99 5.05 -29.21 38.63
N LEU G 100 5.27 -28.36 37.63
CA LEU G 100 5.89 -27.07 37.89
C LEU G 100 5.10 -26.30 38.93
N ASP G 101 3.78 -26.29 38.79
CA ASP G 101 2.90 -25.56 39.71
C ASP G 101 3.14 -25.91 41.18
N ILE G 102 3.34 -27.20 41.47
CA ILE G 102 3.58 -27.63 42.84
C ILE G 102 5.03 -27.37 43.27
N ARG G 103 6.00 -27.58 42.38
CA ARG G 103 7.41 -27.44 42.78
C ARG G 103 7.89 -25.99 42.88
N TYR G 104 7.64 -25.15 41.87
CA TYR G 104 8.05 -23.76 42.00
C TYR G 104 7.10 -23.07 42.97
N GLY G 105 5.89 -23.62 43.10
CA GLY G 105 4.89 -23.08 44.00
C GLY G 105 5.43 -22.93 45.40
N VAL G 106 5.97 -24.03 45.95
CA VAL G 106 6.57 -23.99 47.28
C VAL G 106 7.90 -23.23 47.25
N SER G 107 8.58 -23.27 46.11
CA SER G 107 9.94 -22.73 46.00
C SER G 107 9.95 -21.21 45.83
N ARG G 108 9.07 -20.70 44.96
CA ARG G 108 9.00 -19.26 44.71
C ARG G 108 8.56 -18.46 45.95
N ILE G 109 7.97 -19.14 46.92
CA ILE G 109 7.53 -18.47 48.14
C ILE G 109 8.44 -18.79 49.32
N ALA G 110 9.50 -19.55 49.03
CA ALA G 110 10.48 -19.92 50.05
C ALA G 110 11.15 -18.70 50.68
N TYR G 111 11.27 -17.63 49.88
CA TYR G 111 11.90 -16.41 50.33
C TYR G 111 10.88 -15.36 50.77
N SER G 112 9.61 -15.75 50.77
CA SER G 112 8.54 -14.79 51.03
C SER G 112 8.36 -14.47 52.51
N LYS G 113 7.73 -13.32 52.75
CA LYS G 113 7.51 -12.73 54.08
C LYS G 113 7.35 -13.71 55.22
N ASP G 114 6.13 -14.18 55.45
CA ASP G 114 5.91 -15.14 56.51
C ASP G 114 5.96 -16.52 55.91
N PHE G 115 6.39 -16.58 54.65
CA PHE G 115 6.47 -17.78 53.81
C PHE G 115 5.38 -18.84 53.99
N GLU G 116 4.85 -18.99 55.19
CA GLU G 116 3.86 -20.01 55.44
C GLU G 116 2.46 -19.45 55.65
N THR G 117 2.34 -18.26 56.23
CA THR G 117 1.02 -17.67 56.37
C THR G 117 0.45 -17.52 54.96
N LEU G 118 1.33 -17.28 54.01
CA LEU G 118 1.00 -17.33 52.60
C LEU G 118 0.76 -18.76 52.15
N LYS G 119 1.45 -19.71 52.78
CA LYS G 119 1.35 -21.10 52.36
C LYS G 119 -0.01 -21.70 52.71
N VAL G 120 -0.62 -21.26 53.81
CA VAL G 120 -1.86 -21.88 54.28
C VAL G 120 -2.99 -21.79 53.24
N ASP G 121 -3.03 -20.72 52.47
CA ASP G 121 -4.02 -20.61 51.40
C ASP G 121 -3.60 -21.55 50.27
N PHE G 122 -2.29 -21.60 50.04
CA PHE G 122 -1.67 -22.52 49.10
C PHE G 122 -1.88 -23.96 49.58
N LEU G 123 -1.99 -24.12 50.90
CA LEU G 123 -2.29 -25.42 51.48
C LEU G 123 -3.69 -25.85 51.10
N SER G 124 -4.63 -24.92 51.16
CA SER G 124 -5.99 -25.14 50.68
C SER G 124 -5.97 -25.48 49.19
N LYS G 125 -4.92 -25.05 48.50
CA LYS G 125 -4.78 -25.26 47.06
C LYS G 125 -4.21 -26.64 46.73
N LEU G 126 -3.54 -27.28 47.68
CA LEU G 126 -2.80 -28.51 47.38
C LEU G 126 -3.67 -29.75 47.11
N PRO G 127 -4.78 -29.94 47.84
CA PRO G 127 -5.63 -31.09 47.49
C PRO G 127 -6.05 -31.13 46.03
N GLU G 128 -6.34 -29.96 45.45
CA GLU G 128 -6.67 -29.88 44.02
C GLU G 128 -5.47 -30.19 43.15
N MET G 129 -4.31 -29.73 43.61
CA MET G 129 -3.08 -29.89 42.85
C MET G 129 -2.73 -31.37 42.74
N LEU G 130 -2.84 -32.08 43.86
CA LEU G 130 -2.64 -33.52 43.86
C LEU G 130 -3.74 -34.21 43.05
N LYS G 131 -4.88 -33.56 42.96
CA LYS G 131 -6.10 -34.18 42.44
C LYS G 131 -6.12 -34.40 40.94
N MET G 132 -5.56 -33.47 40.18
CA MET G 132 -5.57 -33.59 38.73
C MET G 132 -4.70 -34.74 38.25
N PHE G 133 -3.50 -34.85 38.82
CA PHE G 133 -2.54 -35.90 38.45
C PHE G 133 -3.06 -37.30 38.72
N GLU G 134 -3.72 -37.48 39.85
CA GLU G 134 -4.27 -38.79 40.18
C GLU G 134 -5.44 -39.11 39.24
N ASP G 135 -6.28 -38.10 38.96
CA ASP G 135 -7.36 -38.29 38.00
C ASP G 135 -6.74 -38.63 36.65
N ARG G 136 -5.58 -38.03 36.37
CA ARG G 136 -4.80 -38.34 35.18
C ARG G 136 -4.39 -39.80 35.17
N LEU G 137 -4.14 -40.34 36.36
CA LEU G 137 -3.55 -41.67 36.51
C LEU G 137 -4.60 -42.77 36.60
N CYS G 138 -5.88 -42.42 36.49
CA CYS G 138 -6.94 -43.42 36.60
C CYS G 138 -6.90 -44.49 35.51
N HIS G 139 -6.51 -44.12 34.30
CA HIS G 139 -6.41 -45.08 33.21
C HIS G 139 -4.97 -45.20 32.74
N LYS G 140 -4.06 -44.65 33.53
CA LYS G 140 -2.63 -44.73 33.21
C LYS G 140 -1.80 -45.17 34.40
N THR G 141 -1.02 -46.23 34.22
CA THR G 141 -0.06 -46.64 35.24
C THR G 141 0.88 -45.48 35.53
N TYR G 142 1.52 -44.99 34.46
CA TYR G 142 2.36 -43.79 34.54
C TYR G 142 1.88 -42.76 33.54
N LEU G 143 2.57 -41.61 33.54
CA LEU G 143 2.18 -40.46 32.75
C LEU G 143 2.15 -40.68 31.23
N ASN G 144 3.01 -41.57 30.74
CA ASN G 144 2.99 -41.93 29.32
C ASN G 144 2.39 -43.32 29.14
N GLY G 145 1.46 -43.66 30.01
CA GLY G 145 0.86 -44.98 30.01
C GLY G 145 1.88 -46.03 30.44
N ASP G 146 2.04 -47.06 29.62
CA ASP G 146 2.93 -48.17 29.93
C ASP G 146 4.38 -47.72 30.09
N HIS G 147 4.80 -46.79 29.24
CA HIS G 147 6.20 -46.37 29.19
C HIS G 147 6.51 -45.25 30.17
N VAL G 148 7.68 -45.34 30.77
CA VAL G 148 8.14 -44.32 31.73
C VAL G 148 8.45 -43.00 31.02
N THR G 149 8.30 -41.90 31.75
CA THR G 149 8.66 -40.59 31.23
C THR G 149 9.49 -39.77 32.21
N HIS G 150 10.24 -38.83 31.67
CA HIS G 150 11.05 -37.91 32.47
C HIS G 150 10.23 -36.99 33.38
N PRO G 151 8.98 -36.62 33.00
CA PRO G 151 8.15 -35.91 33.98
C PRO G 151 8.04 -36.60 35.33
N ASP G 152 8.10 -37.94 35.38
CA ASP G 152 7.90 -38.66 36.63
C ASP G 152 8.95 -38.24 37.67
N PHE G 153 10.22 -38.23 37.26
CA PHE G 153 11.31 -37.88 38.16
C PHE G 153 11.15 -36.43 38.55
N MET G 154 10.56 -35.65 37.66
CA MET G 154 10.24 -34.26 37.96
C MET G 154 9.08 -34.23 38.93
N LEU G 155 8.14 -35.14 38.76
CA LEU G 155 6.98 -35.20 39.64
C LEU G 155 7.43 -35.67 41.02
N TYR G 156 8.43 -36.53 41.06
CA TYR G 156 8.85 -37.11 42.33
C TYR G 156 9.58 -36.12 43.21
N ASP G 157 10.49 -35.33 42.63
CA ASP G 157 11.12 -34.23 43.35
C ASP G 157 10.07 -33.44 44.11
N ALA G 158 9.11 -32.91 43.35
CA ALA G 158 8.06 -32.10 43.92
C ALA G 158 7.28 -32.89 44.96
N LEU G 159 6.95 -34.14 44.65
CA LEU G 159 6.31 -35.01 45.63
C LEU G 159 7.24 -35.38 46.77
N ASP G 160 8.54 -35.53 46.48
CA ASP G 160 9.51 -35.84 47.52
C ASP G 160 9.70 -34.67 48.47
N VAL G 161 9.87 -33.47 47.92
CA VAL G 161 9.82 -32.24 48.72
C VAL G 161 8.57 -32.29 49.56
N VAL G 162 7.48 -32.69 48.91
CA VAL G 162 6.18 -32.78 49.56
C VAL G 162 6.11 -34.01 50.48
N LEU G 163 6.85 -35.07 50.17
CA LEU G 163 6.92 -36.22 51.08
C LEU G 163 7.61 -35.82 52.38
N TYR G 164 8.65 -35.01 52.28
CA TYR G 164 9.27 -34.42 53.45
C TYR G 164 8.30 -33.43 54.07
N MET G 165 7.47 -32.84 53.21
CA MET G 165 6.47 -31.86 53.62
C MET G 165 5.25 -32.52 54.27
N ASP G 166 4.67 -33.53 53.61
CA ASP G 166 3.54 -34.27 54.20
C ASP G 166 3.42 -35.72 53.73
N PRO G 167 3.88 -36.66 54.57
CA PRO G 167 3.57 -38.05 54.20
C PRO G 167 2.08 -38.38 54.35
N MET G 168 1.36 -37.64 55.19
CA MET G 168 -0.06 -37.94 55.42
C MET G 168 -1.03 -37.45 54.36
N CYS G 169 -0.63 -36.42 53.62
CA CYS G 169 -1.53 -35.81 52.66
C CYS G 169 -1.81 -36.72 51.46
N LEU G 170 -0.92 -37.70 51.25
CA LEU G 170 -1.02 -38.57 50.09
C LEU G 170 -1.88 -39.81 50.36
N ASP G 171 -2.26 -40.03 51.63
CA ASP G 171 -2.99 -41.22 52.01
C ASP G 171 -4.37 -41.31 51.35
N ALA G 172 -4.98 -40.16 51.12
CA ALA G 172 -6.31 -40.12 50.49
C ALA G 172 -6.18 -40.34 49.00
N PHE G 173 -4.94 -40.37 48.51
CA PHE G 173 -4.68 -40.56 47.10
C PHE G 173 -3.82 -41.80 46.88
N PRO G 174 -4.49 -42.95 46.67
CA PRO G 174 -3.93 -44.30 46.61
C PRO G 174 -3.04 -44.57 45.41
N LYS G 175 -3.47 -44.14 44.23
CA LYS G 175 -2.82 -44.50 43.01
C LYS G 175 -1.39 -44.01 42.91
N LEU G 176 -1.15 -42.83 43.47
CA LEU G 176 0.19 -42.28 43.42
C LEU G 176 1.14 -43.05 44.32
N VAL G 177 0.64 -43.47 45.50
CA VAL G 177 1.42 -44.28 46.42
C VAL G 177 1.79 -45.61 45.75
N CYS G 178 0.85 -46.19 45.01
CA CYS G 178 1.12 -47.40 44.25
C CYS G 178 2.08 -47.05 43.13
N PHE G 179 1.88 -45.87 42.55
CA PHE G 179 2.77 -45.31 41.54
C PHE G 179 4.11 -44.98 42.20
N LYS G 180 4.06 -44.48 43.43
CA LYS G 180 5.28 -44.17 44.20
C LYS G 180 6.06 -45.43 44.57
N LYS G 181 5.36 -46.50 44.91
CA LYS G 181 6.04 -47.69 45.38
C LYS G 181 6.70 -48.46 44.24
N ARG G 182 6.16 -48.31 43.03
CA ARG G 182 6.72 -49.00 41.87
C ARG G 182 8.00 -48.32 41.36
N ILE G 183 8.05 -46.99 41.40
CA ILE G 183 9.27 -46.29 41.01
C ILE G 183 10.37 -46.58 42.03
N GLU G 184 9.98 -46.69 43.29
CA GLU G 184 10.92 -47.05 44.35
C GLU G 184 11.38 -48.47 44.09
N ALA G 185 10.54 -49.22 43.37
CA ALA G 185 10.77 -50.63 43.12
C ALA G 185 11.74 -50.91 41.97
N ILE G 186 11.95 -49.94 41.09
CA ILE G 186 12.77 -50.19 39.91
C ILE G 186 14.26 -50.19 40.29
N PRO G 187 15.02 -51.16 39.75
CA PRO G 187 16.44 -51.35 40.01
C PRO G 187 17.31 -50.10 39.87
N GLN G 188 17.16 -49.34 38.79
CA GLN G 188 17.98 -48.14 38.59
C GLN G 188 17.84 -47.18 39.75
N ILE G 189 16.66 -46.58 39.87
CA ILE G 189 16.35 -45.60 40.90
C ILE G 189 16.70 -46.13 42.30
N ASP G 190 16.48 -47.43 42.50
CA ASP G 190 16.81 -48.08 43.76
C ASP G 190 18.29 -47.89 44.09
N LYS G 191 19.14 -48.22 43.12
CA LYS G 191 20.59 -48.09 43.29
C LYS G 191 21.01 -46.66 43.59
N TYR G 192 20.45 -45.71 42.84
CA TYR G 192 20.90 -44.33 42.96
C TYR G 192 20.48 -43.74 44.30
N LEU G 193 19.22 -43.89 44.68
CA LEU G 193 18.72 -43.32 45.94
C LEU G 193 19.46 -43.92 47.14
N LYS G 194 19.94 -45.15 46.98
CA LYS G 194 20.61 -45.88 48.04
C LYS G 194 22.10 -45.49 48.16
N SER G 195 22.66 -44.94 47.08
CA SER G 195 24.11 -44.81 47.00
C SER G 195 24.67 -43.55 47.68
N SER G 196 25.99 -43.50 47.81
CA SER G 196 26.68 -42.33 48.33
C SER G 196 26.51 -41.14 47.40
N LYS G 197 26.49 -41.42 46.11
CA LYS G 197 26.38 -40.39 45.08
C LYS G 197 25.07 -39.64 45.19
N TYR G 198 24.04 -40.35 45.67
CA TYR G 198 22.72 -39.76 45.87
C TYR G 198 22.76 -38.53 46.77
N ILE G 199 22.12 -37.48 46.30
CA ILE G 199 21.94 -36.28 47.10
C ILE G 199 20.50 -36.21 47.57
N ALA G 200 20.29 -36.48 48.85
CA ALA G 200 18.97 -36.32 49.44
C ALA G 200 18.89 -34.97 50.12
N TRP G 201 19.95 -34.19 50.00
CA TRP G 201 19.99 -32.90 50.68
C TRP G 201 21.03 -31.92 50.13
N PRO G 202 20.69 -30.62 50.07
CA PRO G 202 19.43 -29.91 50.33
C PRO G 202 18.52 -29.75 49.14
N LEU G 203 17.27 -29.35 49.35
CA LEU G 203 16.35 -29.08 48.24
C LEU G 203 16.76 -27.83 47.48
N GLN G 204 16.98 -26.73 48.19
CA GLN G 204 17.30 -25.46 47.53
C GLN G 204 18.51 -24.81 48.18
N GLY G 205 18.78 -23.56 47.81
CA GLY G 205 19.93 -22.84 48.32
C GLY G 205 20.03 -22.96 49.83
N TRP G 206 21.23 -23.19 50.34
CA TRP G 206 21.42 -23.36 51.78
C TRP G 206 20.90 -22.14 52.53
N GLN G 207 21.00 -20.98 51.90
CA GLN G 207 20.54 -19.74 52.50
C GLN G 207 19.01 -19.66 52.57
N ALA G 208 18.31 -20.47 51.79
CA ALA G 208 16.85 -20.41 51.79
C ALA G 208 16.23 -20.87 53.11
N THR G 209 15.16 -20.20 53.54
CA THR G 209 14.36 -20.66 54.68
C THR G 209 13.91 -22.09 54.43
N PHE G 210 13.65 -22.37 53.16
CA PHE G 210 13.08 -23.62 52.70
C PHE G 210 14.13 -24.42 51.92
N GLY G 211 14.46 -25.62 52.39
CA GLY G 211 15.31 -26.54 51.64
C GLY G 211 16.79 -26.25 51.54
N GLY G 212 17.38 -25.67 52.59
CA GLY G 212 18.80 -25.38 52.56
C GLY G 212 19.60 -25.89 53.74
N GLY G 213 20.92 -25.94 53.59
CA GLY G 213 21.80 -26.41 54.65
C GLY G 213 22.37 -27.78 54.36
N ASP G 214 23.09 -28.35 55.33
CA ASP G 214 23.72 -29.66 55.13
C ASP G 214 22.90 -30.83 55.69
N HIS G 215 21.75 -30.54 56.30
CA HIS G 215 20.87 -31.58 56.85
C HIS G 215 19.40 -31.11 56.81
N PRO G 216 18.48 -32.00 56.39
CA PRO G 216 17.05 -31.67 56.41
C PRO G 216 16.54 -31.27 57.79
O01 JAA H . 15.26 4.46 -5.70
O02 JAA H . 15.60 6.89 -11.52
O03 JAA H . 15.87 8.60 -10.13
C04 JAA H . 16.70 6.03 -8.26
C05 JAA H . 15.32 5.51 -7.94
C06 JAA H . 16.73 7.16 -7.30
C07 JAA H . 16.42 6.50 -6.02
C08 JAA H . 15.59 5.34 -6.44
C09 JAA H . 14.82 4.31 -8.77
C10 JAA H . 17.04 6.45 -9.69
C11 JAA H . 14.79 2.87 -8.21
C12 JAA H . 16.07 7.40 -10.50
C13 JAA H . 15.79 1.94 -8.20
C14 JAA H . 17.22 2.12 -8.70
C15 JAA H . 18.23 1.17 -8.08
N1 GSH I . -36.05 39.18 10.79
CA1 GSH I . -37.29 38.79 10.21
C1 GSH I . -38.12 40.04 9.95
O11 GSH I . -38.83 40.12 8.92
O12 GSH I . -38.10 41.00 10.77
CB1 GSH I . -38.02 37.85 11.14
CG1 GSH I . -39.49 38.22 11.05
CD1 GSH I . -40.46 37.30 11.73
OE1 GSH I . -40.13 36.37 12.43
N2 GSH I . -41.82 37.61 11.45
CA2 GSH I . -42.92 36.93 12.00
C2 GSH I . -43.48 35.86 11.07
O2 GSH I . -43.54 36.06 9.89
CB2 GSH I . -43.95 38.01 12.16
SG2 GSH I . -43.58 38.96 13.61
N3 GSH I . -43.96 34.65 11.63
CA3 GSH I . -44.51 33.63 10.80
C3 GSH I . -45.84 33.24 11.39
O31 GSH I . -46.06 33.38 12.62
O32 GSH I . -46.75 32.76 10.65
N1 GSH J . -27.74 45.36 18.44
CA1 GSH J . -26.55 46.09 18.73
C1 GSH J . -25.61 46.01 17.55
O11 GSH J . -25.91 45.32 16.54
O12 GSH J . -24.50 46.62 17.58
CB1 GSH J . -25.91 45.53 19.98
CG1 GSH J . -24.95 44.44 19.59
CD1 GSH J . -24.04 44.05 20.75
OE1 GSH J . -24.47 43.39 21.66
N2 GSH J . -22.69 44.46 20.73
CA2 GSH J . -21.79 44.11 21.75
C2 GSH J . -21.39 45.30 22.62
O2 GSH J . -21.16 46.37 22.13
CB2 GSH J . -20.56 43.58 21.03
SG2 GSH J . -20.77 41.86 20.64
N3 GSH J . -21.27 45.20 24.03
CA3 GSH J . -20.89 46.38 24.73
C3 GSH J . -20.66 46.09 26.19
O31 GSH J . -19.74 45.30 26.54
O32 GSH J . -21.37 46.66 27.07
N1 GSH K . 3.84 -37.24 -34.94
CA1 GSH K . 2.44 -37.35 -35.19
C1 GSH K . 1.78 -36.02 -34.96
O11 GSH K . 2.11 -35.30 -33.99
O12 GSH K . 0.88 -35.61 -35.76
CB1 GSH K . 1.88 -38.37 -34.23
CG1 GSH K . 0.42 -38.08 -34.04
CD1 GSH K . -0.25 -39.35 -33.58
OE1 GSH K . 0.41 -40.32 -33.28
N2 GSH K . -1.67 -39.39 -33.52
CA2 GSH K . -2.30 -40.58 -33.09
C2 GSH K . -2.79 -41.29 -34.34
O2 GSH K . -2.78 -40.71 -35.40
CB2 GSH K . -3.44 -40.23 -32.18
SG2 GSH K . -2.73 -39.57 -30.68
N3 GSH K . -3.26 -42.63 -34.24
CA3 GSH K . -3.73 -43.31 -35.40
C3 GSH K . -4.78 -44.30 -34.94
O31 GSH K . -4.62 -44.87 -33.83
O32 GSH K . -5.79 -44.54 -35.63
N1 GSH L . 14.07 -30.78 -27.43
CA1 GSH L . 15.34 -30.41 -26.91
C1 GSH L . 16.43 -31.03 -27.76
O11 GSH L . 16.13 -31.86 -28.65
O12 GSH L . 17.63 -30.71 -27.58
CB1 GSH L . 15.45 -30.85 -25.46
CG1 GSH L . 16.14 -32.19 -25.38
CD1 GSH L . 16.49 -32.58 -23.96
OE1 GSH L . 15.65 -32.53 -23.09
N2 GSH L . 17.82 -33.01 -23.68
CA2 GSH L . 18.25 -33.40 -22.39
C2 GSH L . 18.85 -32.23 -21.66
O2 GSH L . 19.56 -31.46 -22.27
CB2 GSH L . 19.35 -34.43 -22.58
SG2 GSH L . 18.91 -35.97 -21.84
N3 GSH L . 18.63 -32.02 -20.28
CA3 GSH L . 19.22 -30.90 -19.63
C3 GSH L . 18.91 -30.93 -18.15
O31 GSH L . 19.38 -31.85 -17.43
O32 GSH L . 18.19 -30.04 -17.63
N1 GSH M . 2.20 -22.96 35.34
CA1 GSH M . 0.89 -22.66 34.85
C1 GSH M . 1.00 -22.26 33.41
O11 GSH M . 0.04 -22.40 32.62
O12 GSH M . 2.09 -21.78 33.00
CB1 GSH M . 0.30 -21.52 35.62
CG1 GSH M . -1.11 -21.40 35.11
CD1 GSH M . -1.94 -20.72 36.17
OE1 GSH M . -1.41 -20.32 37.18
N2 GSH M . -3.33 -20.56 35.98
CA2 GSH M . -4.09 -19.91 36.97
C2 GSH M . -5.51 -20.42 36.88
O2 GSH M . -6.17 -20.09 35.91
CB2 GSH M . -4.06 -18.46 36.55
SG2 GSH M . -3.99 -17.31 37.89
N3 GSH M . -6.09 -21.25 37.88
CA3 GSH M . -7.43 -21.69 37.72
C3 GSH M . -8.33 -21.00 38.72
O31 GSH M . -7.87 -20.64 39.83
O32 GSH M . -9.53 -20.79 38.43
N1 GSH N . 15.15 -20.94 36.01
CA1 GSH N . 16.37 -21.62 35.72
C1 GSH N . 16.19 -23.11 35.92
O11 GSH N . 17.18 -23.84 36.18
O12 GSH N . 15.04 -23.61 35.84
CB1 GSH N . 17.50 -21.08 36.58
CG1 GSH N . 17.21 -21.24 38.06
CD1 GSH N . 18.31 -20.51 38.82
OE1 GSH N . 18.77 -19.48 38.36
N2 GSH N . 18.77 -21.05 40.04
CA2 GSH N . 19.79 -20.46 40.84
C2 GSH N . 21.01 -20.10 40.02
O2 GSH N . 21.73 -20.98 39.62
CB2 GSH N . 20.20 -21.45 41.90
SG2 GSH N . 18.90 -21.65 43.08
N3 GSH N . 21.32 -18.75 39.73
CA3 GSH N . 22.48 -18.46 38.95
C3 GSH N . 23.38 -17.48 39.68
O31 GSH N . 23.25 -17.30 40.91
O32 GSH N . 24.26 -16.84 39.03
#